data_3HX1
# 
_entry.id   3HX1 
# 
_audit_conform.dict_name       mmcif_pdbx.dic 
_audit_conform.dict_version    5.398 
_audit_conform.dict_location   http://mmcif.pdb.org/dictionaries/ascii/mmcif_pdbx.dic 
# 
loop_
_database_2.database_id 
_database_2.database_code 
_database_2.pdbx_database_accession 
_database_2.pdbx_DOI 
PDB   3HX1         pdb_00003hx1 10.2210/pdb3hx1/pdb 
RCSB  RCSB053686   ?            ?                   
WWPDB D_1000053686 ?            ?                   
# 
loop_
_pdbx_audit_revision_history.ordinal 
_pdbx_audit_revision_history.data_content_type 
_pdbx_audit_revision_history.major_revision 
_pdbx_audit_revision_history.minor_revision 
_pdbx_audit_revision_history.revision_date 
1 'Structure model' 1 0 2009-06-30 
2 'Structure model' 1 1 2011-07-13 
3 'Structure model' 1 2 2017-10-25 
4 'Structure model' 1 3 2019-07-24 
5 'Structure model' 1 4 2024-11-06 
# 
_pdbx_audit_revision_details.ordinal             1 
_pdbx_audit_revision_details.revision_ordinal    1 
_pdbx_audit_revision_details.data_content_type   'Structure model' 
_pdbx_audit_revision_details.provider            repository 
_pdbx_audit_revision_details.type                'Initial release' 
_pdbx_audit_revision_details.description         ? 
_pdbx_audit_revision_details.details             ? 
# 
loop_
_pdbx_audit_revision_group.ordinal 
_pdbx_audit_revision_group.revision_ordinal 
_pdbx_audit_revision_group.data_content_type 
_pdbx_audit_revision_group.group 
1 2 'Structure model' 'Source and taxonomy'        
2 2 'Structure model' 'Version format compliance'  
3 3 'Structure model' 'Author supporting evidence' 
4 4 'Structure model' 'Data collection'            
5 4 'Structure model' 'Derived calculations'       
6 4 'Structure model' 'Refinement description'     
7 5 'Structure model' 'Data collection'            
8 5 'Structure model' 'Database references'        
9 5 'Structure model' 'Structure summary'          
# 
loop_
_pdbx_audit_revision_category.ordinal 
_pdbx_audit_revision_category.revision_ordinal 
_pdbx_audit_revision_category.data_content_type 
_pdbx_audit_revision_category.category 
1 3 'Structure model' pdbx_struct_assembly_auth_evidence 
2 4 'Structure model' software                           
3 4 'Structure model' struct_conn                        
4 5 'Structure model' chem_comp_atom                     
5 5 'Structure model' chem_comp_bond                     
6 5 'Structure model' database_2                         
7 5 'Structure model' pdbx_entry_details                 
8 5 'Structure model' pdbx_modification_feature          
9 5 'Structure model' struct_ref_seq_dif                 
# 
loop_
_pdbx_audit_revision_item.ordinal 
_pdbx_audit_revision_item.revision_ordinal 
_pdbx_audit_revision_item.data_content_type 
_pdbx_audit_revision_item.item 
1  4 'Structure model' '_software.contact_author'            
2  4 'Structure model' '_software.contact_author_email'      
3  4 'Structure model' '_software.language'                  
4  4 'Structure model' '_software.location'                  
5  4 'Structure model' '_software.name'                      
6  4 'Structure model' '_software.type'                      
7  4 'Structure model' '_software.version'                   
8  4 'Structure model' '_struct_conn.pdbx_leaving_atom_flag' 
9  5 'Structure model' '_database_2.pdbx_DOI'                
10 5 'Structure model' '_database_2.pdbx_database_accession' 
11 5 'Structure model' '_struct_ref_seq_dif.details'         
# 
_pdbx_database_status.entry_id                        3HX1 
_pdbx_database_status.deposit_site                    RCSB 
_pdbx_database_status.process_site                    RCSB 
_pdbx_database_status.recvd_initial_deposition_date   2009-06-19 
_pdbx_database_status.status_code                     REL 
_pdbx_database_status.status_code_sf                  REL 
_pdbx_database_status.status_code_mr                  ? 
_pdbx_database_status.SG_entry                        Y 
_pdbx_database_status.pdb_format_compatible           Y 
_pdbx_database_status.status_code_cs                  ? 
_pdbx_database_status.methods_development_category    ? 
_pdbx_database_status.status_code_nmr_data            ? 
# 
_pdbx_database_related.db_name        TargetDB 
_pdbx_database_related.db_id          SgR167B 
_pdbx_database_related.details        . 
_pdbx_database_related.content_type   unspecified 
# 
loop_
_audit_author.name 
_audit_author.pdbx_ordinal 
'Vorobiev, S.'                                    1  
'Chen, Y.'                                        2  
'Seetharaman, J.'                                 3  
'Janjua, J.'                                      4  
'Xiao, R.'                                        5  
'Ciccosanti, C.'                                  6  
'Belote, R.L.'                                    7  
'Everett, J.K.'                                   8  
'Nair, R.'                                        9  
'Acton, T.B.'                                     10 
'Rost, B.'                                        11 
'Montelione, G.T.'                                12 
'Hunt, J.F.'                                      13 
'Tong, L.'                                        14 
'Northeast Structural Genomics Consortium (NESG)' 15 
# 
_citation.id                        primary 
_citation.title                     'Crystal structure of the Slr1951 protein from Synechocystis sp.' 
_citation.journal_abbrev            'To be Published' 
_citation.journal_volume            ? 
_citation.page_first                ? 
_citation.page_last                 ? 
_citation.year                      ? 
_citation.journal_id_ASTM           ? 
_citation.country                   ? 
_citation.journal_id_ISSN           ? 
_citation.journal_id_CSD            0353 
_citation.book_publisher            ? 
_citation.pdbx_database_id_PubMed   ? 
_citation.pdbx_database_id_DOI      ? 
# 
loop_
_citation_author.citation_id 
_citation_author.name 
_citation_author.ordinal 
_citation_author.identifier_ORCID 
primary 'Vorobiev, S.'     1  ? 
primary 'Chen, Y.'         2  ? 
primary 'Seetharaman, J.'  3  ? 
primary 'Janjua, J.'       4  ? 
primary 'Xiao, R.'         5  ? 
primary 'Ciccosanti, C.'   6  ? 
primary 'Belote, R.L.'     7  ? 
primary 'Everett, J.K.'    8  ? 
primary 'Nair, R.'         9  ? 
primary 'Acton, T.B.'      10 ? 
primary 'Rost, B.'         11 ? 
primary 'Montelione, G.T.' 12 ? 
primary 'Hunt, J.F.'       13 ? 
primary 'Tong, L.'         14 ? 
# 
loop_
_entity.id 
_entity.type 
_entity.src_method 
_entity.pdbx_description 
_entity.formula_weight 
_entity.pdbx_number_of_molecules 
_entity.pdbx_ec 
_entity.pdbx_mutation 
_entity.pdbx_fragment 
_entity.details 
1 polymer man 'Slr1951 protein' 15224.563 2  ? ? 'residues 1-123' ? 
2 water   nat water             18.015    46 ? ? ?                ? 
# 
_entity_poly.entity_id                      1 
_entity_poly.type                           'polypeptide(L)' 
_entity_poly.nstd_linkage                   no 
_entity_poly.nstd_monomer                   yes 
_entity_poly.pdbx_seq_one_letter_code       
;(MSE)SDPSAKPLQEHILIILDDAGRREVLLTETFYTIGRSPRADIRIKSQFVSRIHAVLVRKSSDDVQAAYRIIDGDED
GQSSVNGL(MSE)INGKKVQEHIIQTGDEIV(MSE)GPQVSVRYEYRRRDQFGT(MSE)LEHHHHHH
;
_entity_poly.pdbx_seq_one_letter_code_can   
;MSDPSAKPLQEHILIILDDAGRREVLLTETFYTIGRSPRADIRIKSQFVSRIHAVLVRKSSDDVQAAYRIIDGDEDGQSS
VNGLMINGKKVQEHIIQTGDEIVMGPQVSVRYEYRRRDQFGTMLEHHHHHH
;
_entity_poly.pdbx_strand_id                 A,B 
_entity_poly.pdbx_target_identifier         SgR167B 
# 
_pdbx_entity_nonpoly.entity_id   2 
_pdbx_entity_nonpoly.name        water 
_pdbx_entity_nonpoly.comp_id     HOH 
# 
loop_
_entity_poly_seq.entity_id 
_entity_poly_seq.num 
_entity_poly_seq.mon_id 
_entity_poly_seq.hetero 
1 1   MSE n 
1 2   SER n 
1 3   ASP n 
1 4   PRO n 
1 5   SER n 
1 6   ALA n 
1 7   LYS n 
1 8   PRO n 
1 9   LEU n 
1 10  GLN n 
1 11  GLU n 
1 12  HIS n 
1 13  ILE n 
1 14  LEU n 
1 15  ILE n 
1 16  ILE n 
1 17  LEU n 
1 18  ASP n 
1 19  ASP n 
1 20  ALA n 
1 21  GLY n 
1 22  ARG n 
1 23  ARG n 
1 24  GLU n 
1 25  VAL n 
1 26  LEU n 
1 27  LEU n 
1 28  THR n 
1 29  GLU n 
1 30  THR n 
1 31  PHE n 
1 32  TYR n 
1 33  THR n 
1 34  ILE n 
1 35  GLY n 
1 36  ARG n 
1 37  SER n 
1 38  PRO n 
1 39  ARG n 
1 40  ALA n 
1 41  ASP n 
1 42  ILE n 
1 43  ARG n 
1 44  ILE n 
1 45  LYS n 
1 46  SER n 
1 47  GLN n 
1 48  PHE n 
1 49  VAL n 
1 50  SER n 
1 51  ARG n 
1 52  ILE n 
1 53  HIS n 
1 54  ALA n 
1 55  VAL n 
1 56  LEU n 
1 57  VAL n 
1 58  ARG n 
1 59  LYS n 
1 60  SER n 
1 61  SER n 
1 62  ASP n 
1 63  ASP n 
1 64  VAL n 
1 65  GLN n 
1 66  ALA n 
1 67  ALA n 
1 68  TYR n 
1 69  ARG n 
1 70  ILE n 
1 71  ILE n 
1 72  ASP n 
1 73  GLY n 
1 74  ASP n 
1 75  GLU n 
1 76  ASP n 
1 77  GLY n 
1 78  GLN n 
1 79  SER n 
1 80  SER n 
1 81  VAL n 
1 82  ASN n 
1 83  GLY n 
1 84  LEU n 
1 85  MSE n 
1 86  ILE n 
1 87  ASN n 
1 88  GLY n 
1 89  LYS n 
1 90  LYS n 
1 91  VAL n 
1 92  GLN n 
1 93  GLU n 
1 94  HIS n 
1 95  ILE n 
1 96  ILE n 
1 97  GLN n 
1 98  THR n 
1 99  GLY n 
1 100 ASP n 
1 101 GLU n 
1 102 ILE n 
1 103 VAL n 
1 104 MSE n 
1 105 GLY n 
1 106 PRO n 
1 107 GLN n 
1 108 VAL n 
1 109 SER n 
1 110 VAL n 
1 111 ARG n 
1 112 TYR n 
1 113 GLU n 
1 114 TYR n 
1 115 ARG n 
1 116 ARG n 
1 117 ARG n 
1 118 ASP n 
1 119 GLN n 
1 120 PHE n 
1 121 GLY n 
1 122 THR n 
1 123 MSE n 
1 124 LEU n 
1 125 GLU n 
1 126 HIS n 
1 127 HIS n 
1 128 HIS n 
1 129 HIS n 
1 130 HIS n 
1 131 HIS n 
# 
_entity_src_gen.entity_id                          1 
_entity_src_gen.pdbx_src_id                        1 
_entity_src_gen.pdbx_alt_source_flag               sample 
_entity_src_gen.pdbx_seq_type                      ? 
_entity_src_gen.pdbx_beg_seq_num                   ? 
_entity_src_gen.pdbx_end_seq_num                   ? 
_entity_src_gen.gene_src_common_name               ? 
_entity_src_gen.gene_src_genus                     ? 
_entity_src_gen.pdbx_gene_src_gene                 slr1951 
_entity_src_gen.gene_src_species                   ? 
_entity_src_gen.gene_src_strain                    'PCC 6803' 
_entity_src_gen.gene_src_tissue                    ? 
_entity_src_gen.gene_src_tissue_fraction           ? 
_entity_src_gen.gene_src_details                   ? 
_entity_src_gen.pdbx_gene_src_fragment             ? 
_entity_src_gen.pdbx_gene_src_scientific_name      'Synechocystis sp.' 
_entity_src_gen.pdbx_gene_src_ncbi_taxonomy_id     1148 
_entity_src_gen.pdbx_gene_src_variant              ? 
_entity_src_gen.pdbx_gene_src_cell_line            ? 
_entity_src_gen.pdbx_gene_src_atcc                 ? 
_entity_src_gen.pdbx_gene_src_organ                ? 
_entity_src_gen.pdbx_gene_src_organelle            ? 
_entity_src_gen.pdbx_gene_src_cell                 ? 
_entity_src_gen.pdbx_gene_src_cellular_location    ? 
_entity_src_gen.host_org_common_name               ? 
_entity_src_gen.pdbx_host_org_scientific_name      'Escherichia coli' 
_entity_src_gen.pdbx_host_org_ncbi_taxonomy_id     562 
_entity_src_gen.host_org_genus                     ? 
_entity_src_gen.pdbx_host_org_gene                 ? 
_entity_src_gen.pdbx_host_org_organ                ? 
_entity_src_gen.host_org_species                   ? 
_entity_src_gen.pdbx_host_org_tissue               ? 
_entity_src_gen.pdbx_host_org_tissue_fraction      ? 
_entity_src_gen.pdbx_host_org_strain               'BL21(DE3)+ Magic' 
_entity_src_gen.pdbx_host_org_variant              ? 
_entity_src_gen.pdbx_host_org_cell_line            ? 
_entity_src_gen.pdbx_host_org_atcc                 ? 
_entity_src_gen.pdbx_host_org_culture_collection   ? 
_entity_src_gen.pdbx_host_org_cell                 ? 
_entity_src_gen.pdbx_host_org_organelle            ? 
_entity_src_gen.pdbx_host_org_cellular_location    ? 
_entity_src_gen.pdbx_host_org_vector_type          ? 
_entity_src_gen.pdbx_host_org_vector               'pET 21-23C' 
_entity_src_gen.host_org_details                   ? 
_entity_src_gen.expression_system_id               ? 
_entity_src_gen.plasmid_name                       ? 
_entity_src_gen.plasmid_details                    ? 
_entity_src_gen.pdbx_description                   ? 
# 
loop_
_chem_comp.id 
_chem_comp.type 
_chem_comp.mon_nstd_flag 
_chem_comp.name 
_chem_comp.pdbx_synonyms 
_chem_comp.formula 
_chem_comp.formula_weight 
ALA 'L-peptide linking' y ALANINE          ? 'C3 H7 N O2'     89.093  
ARG 'L-peptide linking' y ARGININE         ? 'C6 H15 N4 O2 1' 175.209 
ASN 'L-peptide linking' y ASPARAGINE       ? 'C4 H8 N2 O3'    132.118 
ASP 'L-peptide linking' y 'ASPARTIC ACID'  ? 'C4 H7 N O4'     133.103 
GLN 'L-peptide linking' y GLUTAMINE        ? 'C5 H10 N2 O3'   146.144 
GLU 'L-peptide linking' y 'GLUTAMIC ACID'  ? 'C5 H9 N O4'     147.129 
GLY 'peptide linking'   y GLYCINE          ? 'C2 H5 N O2'     75.067  
HIS 'L-peptide linking' y HISTIDINE        ? 'C6 H10 N3 O2 1' 156.162 
HOH non-polymer         . WATER            ? 'H2 O'           18.015  
ILE 'L-peptide linking' y ISOLEUCINE       ? 'C6 H13 N O2'    131.173 
LEU 'L-peptide linking' y LEUCINE          ? 'C6 H13 N O2'    131.173 
LYS 'L-peptide linking' y LYSINE           ? 'C6 H15 N2 O2 1' 147.195 
MSE 'L-peptide linking' n SELENOMETHIONINE ? 'C5 H11 N O2 Se' 196.106 
PHE 'L-peptide linking' y PHENYLALANINE    ? 'C9 H11 N O2'    165.189 
PRO 'L-peptide linking' y PROLINE          ? 'C5 H9 N O2'     115.130 
SER 'L-peptide linking' y SERINE           ? 'C3 H7 N O3'     105.093 
THR 'L-peptide linking' y THREONINE        ? 'C4 H9 N O3'     119.119 
TYR 'L-peptide linking' y TYROSINE         ? 'C9 H11 N O3'    181.189 
VAL 'L-peptide linking' y VALINE           ? 'C5 H11 N O2'    117.146 
# 
loop_
_pdbx_poly_seq_scheme.asym_id 
_pdbx_poly_seq_scheme.entity_id 
_pdbx_poly_seq_scheme.seq_id 
_pdbx_poly_seq_scheme.mon_id 
_pdbx_poly_seq_scheme.ndb_seq_num 
_pdbx_poly_seq_scheme.pdb_seq_num 
_pdbx_poly_seq_scheme.auth_seq_num 
_pdbx_poly_seq_scheme.pdb_mon_id 
_pdbx_poly_seq_scheme.auth_mon_id 
_pdbx_poly_seq_scheme.pdb_strand_id 
_pdbx_poly_seq_scheme.pdb_ins_code 
_pdbx_poly_seq_scheme.hetero 
A 1 1   MSE 1   1   ?   ?   ?   A . n 
A 1 2   SER 2   2   ?   ?   ?   A . n 
A 1 3   ASP 3   3   ?   ?   ?   A . n 
A 1 4   PRO 4   4   ?   ?   ?   A . n 
A 1 5   SER 5   5   ?   ?   ?   A . n 
A 1 6   ALA 6   6   ?   ?   ?   A . n 
A 1 7   LYS 7   7   ?   ?   ?   A . n 
A 1 8   PRO 8   8   ?   ?   ?   A . n 
A 1 9   LEU 9   9   9   LEU LEU A . n 
A 1 10  GLN 10  10  10  GLN GLN A . n 
A 1 11  GLU 11  11  11  GLU GLU A . n 
A 1 12  HIS 12  12  12  HIS HIS A . n 
A 1 13  ILE 13  13  13  ILE ILE A . n 
A 1 14  LEU 14  14  14  LEU LEU A . n 
A 1 15  ILE 15  15  15  ILE ILE A . n 
A 1 16  ILE 16  16  16  ILE ILE A . n 
A 1 17  LEU 17  17  17  LEU LEU A . n 
A 1 18  ASP 18  18  18  ASP ASP A . n 
A 1 19  ASP 19  19  19  ASP ASP A . n 
A 1 20  ALA 20  20  20  ALA ALA A . n 
A 1 21  GLY 21  21  21  GLY GLY A . n 
A 1 22  ARG 22  22  22  ARG ARG A . n 
A 1 23  ARG 23  23  23  ARG ARG A . n 
A 1 24  GLU 24  24  24  GLU GLU A . n 
A 1 25  VAL 25  25  25  VAL VAL A . n 
A 1 26  LEU 26  26  26  LEU LEU A . n 
A 1 27  LEU 27  27  27  LEU LEU A . n 
A 1 28  THR 28  28  28  THR THR A . n 
A 1 29  GLU 29  29  29  GLU GLU A . n 
A 1 30  THR 30  30  30  THR THR A . n 
A 1 31  PHE 31  31  31  PHE PHE A . n 
A 1 32  TYR 32  32  32  TYR TYR A . n 
A 1 33  THR 33  33  33  THR THR A . n 
A 1 34  ILE 34  34  34  ILE ILE A . n 
A 1 35  GLY 35  35  35  GLY GLY A . n 
A 1 36  ARG 36  36  36  ARG ARG A . n 
A 1 37  SER 37  37  37  SER SER A . n 
A 1 38  PRO 38  38  38  PRO PRO A . n 
A 1 39  ARG 39  39  39  ARG ARG A . n 
A 1 40  ALA 40  40  40  ALA ALA A . n 
A 1 41  ASP 41  41  41  ASP ASP A . n 
A 1 42  ILE 42  42  42  ILE ILE A . n 
A 1 43  ARG 43  43  43  ARG ARG A . n 
A 1 44  ILE 44  44  44  ILE ILE A . n 
A 1 45  LYS 45  45  45  LYS LYS A . n 
A 1 46  SER 46  46  46  SER SER A . n 
A 1 47  GLN 47  47  47  GLN GLN A . n 
A 1 48  PHE 48  48  48  PHE PHE A . n 
A 1 49  VAL 49  49  49  VAL VAL A . n 
A 1 50  SER 50  50  50  SER SER A . n 
A 1 51  ARG 51  51  51  ARG ARG A . n 
A 1 52  ILE 52  52  52  ILE ILE A . n 
A 1 53  HIS 53  53  53  HIS HIS A . n 
A 1 54  ALA 54  54  54  ALA ALA A . n 
A 1 55  VAL 55  55  55  VAL VAL A . n 
A 1 56  LEU 56  56  56  LEU LEU A . n 
A 1 57  VAL 57  57  57  VAL VAL A . n 
A 1 58  ARG 58  58  58  ARG ARG A . n 
A 1 59  LYS 59  59  59  LYS LYS A . n 
A 1 60  SER 60  60  ?   ?   ?   A . n 
A 1 61  SER 61  61  ?   ?   ?   A . n 
A 1 62  ASP 62  62  ?   ?   ?   A . n 
A 1 63  ASP 63  63  ?   ?   ?   A . n 
A 1 64  VAL 64  64  ?   ?   ?   A . n 
A 1 65  GLN 65  65  ?   ?   ?   A . n 
A 1 66  ALA 66  66  66  ALA ALA A . n 
A 1 67  ALA 67  67  67  ALA ALA A . n 
A 1 68  TYR 68  68  68  TYR TYR A . n 
A 1 69  ARG 69  69  69  ARG ARG A . n 
A 1 70  ILE 70  70  70  ILE ILE A . n 
A 1 71  ILE 71  71  71  ILE ILE A . n 
A 1 72  ASP 72  72  72  ASP ASP A . n 
A 1 73  GLY 73  73  73  GLY GLY A . n 
A 1 74  ASP 74  74  74  ASP ASP A . n 
A 1 75  GLU 75  75  75  GLU GLU A . n 
A 1 76  ASP 76  76  76  ASP ASP A . n 
A 1 77  GLY 77  77  77  GLY GLY A . n 
A 1 78  GLN 78  78  78  GLN GLN A . n 
A 1 79  SER 79  79  79  SER SER A . n 
A 1 80  SER 80  80  80  SER SER A . n 
A 1 81  VAL 81  81  81  VAL VAL A . n 
A 1 82  ASN 82  82  82  ASN ALA A . n 
A 1 83  GLY 83  83  83  GLY GLY A . n 
A 1 84  LEU 84  84  84  LEU LEU A . n 
A 1 85  MSE 85  85  85  MSE MSE A . n 
A 1 86  ILE 86  86  86  ILE ILE A . n 
A 1 87  ASN 87  87  87  ASN ASN A . n 
A 1 88  GLY 88  88  88  GLY GLY A . n 
A 1 89  LYS 89  89  89  LYS LYS A . n 
A 1 90  LYS 90  90  90  LYS LYS A . n 
A 1 91  VAL 91  91  91  VAL VAL A . n 
A 1 92  GLN 92  92  92  GLN GLN A . n 
A 1 93  GLU 93  93  93  GLU GLU A . n 
A 1 94  HIS 94  94  94  HIS HIS A . n 
A 1 95  ILE 95  95  95  ILE ILE A . n 
A 1 96  ILE 96  96  96  ILE ILE A . n 
A 1 97  GLN 97  97  97  GLN GLN A . n 
A 1 98  THR 98  98  98  THR THR A . n 
A 1 99  GLY 99  99  99  GLY GLY A . n 
A 1 100 ASP 100 100 100 ASP ASP A . n 
A 1 101 GLU 101 101 101 GLU GLU A . n 
A 1 102 ILE 102 102 102 ILE ILE A . n 
A 1 103 VAL 103 103 103 VAL VAL A . n 
A 1 104 MSE 104 104 104 MSE MSE A . n 
A 1 105 GLY 105 105 105 GLY GLY A . n 
A 1 106 PRO 106 106 106 PRO PRO A . n 
A 1 107 GLN 107 107 107 GLN GLN A . n 
A 1 108 VAL 108 108 108 VAL VAL A . n 
A 1 109 SER 109 109 109 SER SER A . n 
A 1 110 VAL 110 110 110 VAL VAL A . n 
A 1 111 ARG 111 111 111 ARG ARG A . n 
A 1 112 TYR 112 112 112 TYR TYR A . n 
A 1 113 GLU 113 113 113 GLU GLU A . n 
A 1 114 TYR 114 114 114 TYR TYR A . n 
A 1 115 ARG 115 115 115 ARG ARG A . n 
A 1 116 ARG 116 116 116 ARG ARG A . n 
A 1 117 ARG 117 117 117 ARG ARG A . n 
A 1 118 ASP 118 118 ?   ?   ?   A . n 
A 1 119 GLN 119 119 ?   ?   ?   A . n 
A 1 120 PHE 120 120 ?   ?   ?   A . n 
A 1 121 GLY 121 121 ?   ?   ?   A . n 
A 1 122 THR 122 122 ?   ?   ?   A . n 
A 1 123 MSE 123 123 ?   ?   ?   A . n 
A 1 124 LEU 124 124 ?   ?   ?   A . n 
A 1 125 GLU 125 125 ?   ?   ?   A . n 
A 1 126 HIS 126 126 ?   ?   ?   A . n 
A 1 127 HIS 127 127 ?   ?   ?   A . n 
A 1 128 HIS 128 128 ?   ?   ?   A . n 
A 1 129 HIS 129 129 ?   ?   ?   A . n 
A 1 130 HIS 130 130 ?   ?   ?   A . n 
A 1 131 HIS 131 131 ?   ?   ?   A . n 
B 1 1   MSE 1   1   ?   ?   ?   B . n 
B 1 2   SER 2   2   ?   ?   ?   B . n 
B 1 3   ASP 3   3   ?   ?   ?   B . n 
B 1 4   PRO 4   4   ?   ?   ?   B . n 
B 1 5   SER 5   5   ?   ?   ?   B . n 
B 1 6   ALA 6   6   ?   ?   ?   B . n 
B 1 7   LYS 7   7   ?   ?   ?   B . n 
B 1 8   PRO 8   8   ?   ?   ?   B . n 
B 1 9   LEU 9   9   ?   ?   ?   B . n 
B 1 10  GLN 10  10  ?   ?   ?   B . n 
B 1 11  GLU 11  11  11  GLU GLU B . n 
B 1 12  HIS 12  12  12  HIS HIS B . n 
B 1 13  ILE 13  13  13  ILE ILE B . n 
B 1 14  LEU 14  14  14  LEU LEU B . n 
B 1 15  ILE 15  15  15  ILE ILE B . n 
B 1 16  ILE 16  16  16  ILE ILE B . n 
B 1 17  LEU 17  17  17  LEU LEU B . n 
B 1 18  ASP 18  18  18  ASP ASP B . n 
B 1 19  ASP 19  19  19  ASP ASP B . n 
B 1 20  ALA 20  20  20  ALA ALA B . n 
B 1 21  GLY 21  21  21  GLY GLY B . n 
B 1 22  ARG 22  22  22  ARG ARG B . n 
B 1 23  ARG 23  23  23  ARG ARG B . n 
B 1 24  GLU 24  24  24  GLU GLU B . n 
B 1 25  VAL 25  25  25  VAL VAL B . n 
B 1 26  LEU 26  26  26  LEU LEU B . n 
B 1 27  LEU 27  27  27  LEU LEU B . n 
B 1 28  THR 28  28  28  THR THR B . n 
B 1 29  GLU 29  29  29  GLU GLU B . n 
B 1 30  THR 30  30  30  THR THR B . n 
B 1 31  PHE 31  31  31  PHE PHE B . n 
B 1 32  TYR 32  32  32  TYR TYR B . n 
B 1 33  THR 33  33  33  THR THR B . n 
B 1 34  ILE 34  34  34  ILE ILE B . n 
B 1 35  GLY 35  35  35  GLY GLY B . n 
B 1 36  ARG 36  36  36  ARG ARG B . n 
B 1 37  SER 37  37  37  SER SER B . n 
B 1 38  PRO 38  38  38  PRO PRO B . n 
B 1 39  ARG 39  39  39  ARG ARG B . n 
B 1 40  ALA 40  40  40  ALA ALA B . n 
B 1 41  ASP 41  41  41  ASP ASP B . n 
B 1 42  ILE 42  42  42  ILE ILE B . n 
B 1 43  ARG 43  43  43  ARG ARG B . n 
B 1 44  ILE 44  44  44  ILE ILE B . n 
B 1 45  LYS 45  45  45  LYS LYS B . n 
B 1 46  SER 46  46  46  SER SER B . n 
B 1 47  GLN 47  47  47  GLN GLN B . n 
B 1 48  PHE 48  48  48  PHE PHE B . n 
B 1 49  VAL 49  49  49  VAL VAL B . n 
B 1 50  SER 50  50  50  SER SER B . n 
B 1 51  ARG 51  51  51  ARG ARG B . n 
B 1 52  ILE 52  52  52  ILE ILE B . n 
B 1 53  HIS 53  53  53  HIS HIS B . n 
B 1 54  ALA 54  54  54  ALA ALA B . n 
B 1 55  VAL 55  55  55  VAL VAL B . n 
B 1 56  LEU 56  56  56  LEU LEU B . n 
B 1 57  VAL 57  57  57  VAL VAL B . n 
B 1 58  ARG 58  58  58  ARG ARG B . n 
B 1 59  LYS 59  59  59  LYS ALA B . n 
B 1 60  SER 60  60  60  SER SER B . n 
B 1 61  SER 61  61  61  SER SER B . n 
B 1 62  ASP 62  62  62  ASP ALA B . n 
B 1 63  ASP 63  63  63  ASP ALA B . n 
B 1 64  VAL 64  64  64  VAL ALA B . n 
B 1 65  GLN 65  65  65  GLN GLN B . n 
B 1 66  ALA 66  66  66  ALA ALA B . n 
B 1 67  ALA 67  67  67  ALA ALA B . n 
B 1 68  TYR 68  68  68  TYR TYR B . n 
B 1 69  ARG 69  69  69  ARG ARG B . n 
B 1 70  ILE 70  70  70  ILE ILE B . n 
B 1 71  ILE 71  71  71  ILE ILE B . n 
B 1 72  ASP 72  72  72  ASP ASP B . n 
B 1 73  GLY 73  73  73  GLY GLY B . n 
B 1 74  ASP 74  74  74  ASP ASP B . n 
B 1 75  GLU 75  75  75  GLU GLU B . n 
B 1 76  ASP 76  76  76  ASP ASP B . n 
B 1 77  GLY 77  77  77  GLY GLY B . n 
B 1 78  GLN 78  78  78  GLN GLN B . n 
B 1 79  SER 79  79  79  SER SER B . n 
B 1 80  SER 80  80  80  SER SER B . n 
B 1 81  VAL 81  81  81  VAL VAL B . n 
B 1 82  ASN 82  82  82  ASN ASN B . n 
B 1 83  GLY 83  83  83  GLY GLY B . n 
B 1 84  LEU 84  84  84  LEU LEU B . n 
B 1 85  MSE 85  85  85  MSE MSE B . n 
B 1 86  ILE 86  86  86  ILE ILE B . n 
B 1 87  ASN 87  87  87  ASN ASN B . n 
B 1 88  GLY 88  88  88  GLY GLY B . n 
B 1 89  LYS 89  89  89  LYS LYS B . n 
B 1 90  LYS 90  90  90  LYS LYS B . n 
B 1 91  VAL 91  91  91  VAL VAL B . n 
B 1 92  GLN 92  92  92  GLN GLN B . n 
B 1 93  GLU 93  93  93  GLU GLU B . n 
B 1 94  HIS 94  94  94  HIS HIS B . n 
B 1 95  ILE 95  95  95  ILE ILE B . n 
B 1 96  ILE 96  96  96  ILE ILE B . n 
B 1 97  GLN 97  97  97  GLN GLN B . n 
B 1 98  THR 98  98  98  THR THR B . n 
B 1 99  GLY 99  99  99  GLY GLY B . n 
B 1 100 ASP 100 100 100 ASP ASP B . n 
B 1 101 GLU 101 101 101 GLU GLU B . n 
B 1 102 ILE 102 102 102 ILE ILE B . n 
B 1 103 VAL 103 103 103 VAL VAL B . n 
B 1 104 MSE 104 104 104 MSE MSE B . n 
B 1 105 GLY 105 105 105 GLY GLY B . n 
B 1 106 PRO 106 106 106 PRO PRO B . n 
B 1 107 GLN 107 107 107 GLN GLN B . n 
B 1 108 VAL 108 108 108 VAL VAL B . n 
B 1 109 SER 109 109 109 SER SER B . n 
B 1 110 VAL 110 110 110 VAL VAL B . n 
B 1 111 ARG 111 111 111 ARG ALA B . n 
B 1 112 TYR 112 112 112 TYR TYR B . n 
B 1 113 GLU 113 113 113 GLU GLU B . n 
B 1 114 TYR 114 114 114 TYR TYR B . n 
B 1 115 ARG 115 115 115 ARG ARG B . n 
B 1 116 ARG 116 116 116 ARG ARG B . n 
B 1 117 ARG 117 117 ?   ?   ?   B . n 
B 1 118 ASP 118 118 ?   ?   ?   B . n 
B 1 119 GLN 119 119 ?   ?   ?   B . n 
B 1 120 PHE 120 120 ?   ?   ?   B . n 
B 1 121 GLY 121 121 ?   ?   ?   B . n 
B 1 122 THR 122 122 ?   ?   ?   B . n 
B 1 123 MSE 123 123 ?   ?   ?   B . n 
B 1 124 LEU 124 124 ?   ?   ?   B . n 
B 1 125 GLU 125 125 ?   ?   ?   B . n 
B 1 126 HIS 126 126 ?   ?   ?   B . n 
B 1 127 HIS 127 127 ?   ?   ?   B . n 
B 1 128 HIS 128 128 ?   ?   ?   B . n 
B 1 129 HIS 129 129 ?   ?   ?   B . n 
B 1 130 HIS 130 130 ?   ?   ?   B . n 
B 1 131 HIS 131 131 ?   ?   ?   B . n 
# 
loop_
_pdbx_nonpoly_scheme.asym_id 
_pdbx_nonpoly_scheme.entity_id 
_pdbx_nonpoly_scheme.mon_id 
_pdbx_nonpoly_scheme.ndb_seq_num 
_pdbx_nonpoly_scheme.pdb_seq_num 
_pdbx_nonpoly_scheme.auth_seq_num 
_pdbx_nonpoly_scheme.pdb_mon_id 
_pdbx_nonpoly_scheme.auth_mon_id 
_pdbx_nonpoly_scheme.pdb_strand_id 
_pdbx_nonpoly_scheme.pdb_ins_code 
C 2 HOH 1  203 203 HOH WAT A . 
C 2 HOH 2  206 206 HOH WAT A . 
C 2 HOH 3  207 207 HOH WAT A . 
C 2 HOH 4  208 208 HOH WAT A . 
C 2 HOH 5  209 209 HOH WAT A . 
C 2 HOH 6  210 210 HOH WAT A . 
C 2 HOH 7  211 211 HOH WAT A . 
C 2 HOH 8  214 214 HOH WAT A . 
C 2 HOH 9  215 215 HOH WAT A . 
C 2 HOH 10 216 216 HOH WAT A . 
C 2 HOH 11 217 217 HOH WAT A . 
C 2 HOH 12 218 218 HOH WAT A . 
C 2 HOH 13 219 219 HOH WAT A . 
C 2 HOH 14 222 222 HOH WAT A . 
C 2 HOH 15 223 223 HOH WAT A . 
C 2 HOH 16 224 224 HOH WAT A . 
C 2 HOH 17 225 225 HOH WAT A . 
C 2 HOH 18 226 226 HOH WAT A . 
C 2 HOH 19 228 228 HOH WAT A . 
C 2 HOH 20 229 229 HOH WAT A . 
C 2 HOH 21 230 230 HOH WAT A . 
C 2 HOH 22 231 231 HOH WAT A . 
C 2 HOH 23 232 232 HOH WAT A . 
C 2 HOH 24 233 233 HOH WAT A . 
C 2 HOH 25 237 237 HOH WAT A . 
C 2 HOH 26 240 240 HOH WAT A . 
C 2 HOH 27 243 243 HOH WAT A . 
C 2 HOH 28 246 246 HOH WAT A . 
C 2 HOH 29 247 247 HOH WAT A . 
D 2 HOH 1  201 201 HOH WAT B . 
D 2 HOH 2  213 213 HOH WAT B . 
D 2 HOH 3  220 220 HOH WAT B . 
D 2 HOH 4  221 221 HOH WAT B . 
D 2 HOH 5  227 227 HOH WAT B . 
D 2 HOH 6  234 234 HOH WAT B . 
D 2 HOH 7  235 235 HOH WAT B . 
D 2 HOH 8  236 236 HOH WAT B . 
D 2 HOH 9  238 238 HOH WAT B . 
D 2 HOH 10 239 239 HOH WAT B . 
D 2 HOH 11 241 241 HOH WAT B . 
D 2 HOH 12 245 245 HOH WAT B . 
D 2 HOH 13 249 249 HOH WAT B . 
D 2 HOH 14 251 251 HOH WAT B . 
D 2 HOH 15 252 252 HOH WAT B . 
D 2 HOH 16 253 253 HOH WAT B . 
D 2 HOH 17 254 254 HOH WAT B . 
# 
loop_
_pdbx_unobs_or_zero_occ_atoms.id 
_pdbx_unobs_or_zero_occ_atoms.PDB_model_num 
_pdbx_unobs_or_zero_occ_atoms.polymer_flag 
_pdbx_unobs_or_zero_occ_atoms.occupancy_flag 
_pdbx_unobs_or_zero_occ_atoms.auth_asym_id 
_pdbx_unobs_or_zero_occ_atoms.auth_comp_id 
_pdbx_unobs_or_zero_occ_atoms.auth_seq_id 
_pdbx_unobs_or_zero_occ_atoms.PDB_ins_code 
_pdbx_unobs_or_zero_occ_atoms.auth_atom_id 
_pdbx_unobs_or_zero_occ_atoms.label_alt_id 
_pdbx_unobs_or_zero_occ_atoms.label_asym_id 
_pdbx_unobs_or_zero_occ_atoms.label_comp_id 
_pdbx_unobs_or_zero_occ_atoms.label_seq_id 
_pdbx_unobs_or_zero_occ_atoms.label_atom_id 
1  1 Y 1 A LYS 59  ? CG  ? A LYS 59  CG  
2  1 Y 1 A LYS 59  ? CD  ? A LYS 59  CD  
3  1 Y 1 A LYS 59  ? CE  ? A LYS 59  CE  
4  1 Y 1 A LYS 59  ? NZ  ? A LYS 59  NZ  
5  1 Y 1 A ASN 82  ? CG  ? A ASN 82  CG  
6  1 Y 1 A ASN 82  ? OD1 ? A ASN 82  OD1 
7  1 Y 1 A ASN 82  ? ND2 ? A ASN 82  ND2 
8  1 Y 1 B LYS 59  ? CG  ? B LYS 59  CG  
9  1 Y 1 B LYS 59  ? CD  ? B LYS 59  CD  
10 1 Y 1 B LYS 59  ? CE  ? B LYS 59  CE  
11 1 Y 1 B LYS 59  ? NZ  ? B LYS 59  NZ  
12 1 Y 1 B ASP 62  ? CG  ? B ASP 62  CG  
13 1 Y 1 B ASP 62  ? OD1 ? B ASP 62  OD1 
14 1 Y 1 B ASP 62  ? OD2 ? B ASP 62  OD2 
15 1 Y 1 B ASP 63  ? CG  ? B ASP 63  CG  
16 1 Y 1 B ASP 63  ? OD1 ? B ASP 63  OD1 
17 1 Y 1 B ASP 63  ? OD2 ? B ASP 63  OD2 
18 1 Y 1 B VAL 64  ? CG1 ? B VAL 64  CG1 
19 1 Y 1 B VAL 64  ? CG2 ? B VAL 64  CG2 
20 1 Y 1 B ARG 111 ? CG  ? B ARG 111 CG  
21 1 Y 1 B ARG 111 ? CD  ? B ARG 111 CD  
22 1 Y 1 B ARG 111 ? NE  ? B ARG 111 NE  
23 1 Y 1 B ARG 111 ? CZ  ? B ARG 111 CZ  
24 1 Y 1 B ARG 111 ? NH1 ? B ARG 111 NH1 
25 1 Y 1 B ARG 111 ? NH2 ? B ARG 111 NH2 
26 1 Y 1 B ARG 116 ? CG  ? B ARG 116 CG  
27 1 Y 1 B ARG 116 ? CD  ? B ARG 116 CD  
28 1 Y 1 B ARG 116 ? NE  ? B ARG 116 NE  
29 1 Y 1 B ARG 116 ? CZ  ? B ARG 116 CZ  
30 1 Y 1 B ARG 116 ? NH1 ? B ARG 116 NH1 
31 1 Y 1 B ARG 116 ? NH2 ? B ARG 116 NH2 
# 
loop_
_software.name 
_software.version 
_software.date 
_software.type 
_software.contact_author 
_software.contact_author_email 
_software.classification 
_software.location 
_software.language 
_software.citation_id 
_software.pdbx_ordinal 
CNS         1.2  ?                 ?       ?                 ?                        refinement        ? ?          ? 1 
PDB_EXTRACT 3.00 'March. 27, 2007' package PDB               sw-help@rcsb.rutgers.edu 'data extraction' 
http://pdb.rutgers.edu/software/ C++        ? 2 
HKL-2000    .    ?                 ?       ?                 ?                        'data collection' ? ?          ? 3 
HKL-2000    .    ?                 ?       ?                 ?                        'data reduction'  ? ?          ? 4 
SCALEPACK   .    ?                 ?       ?                 ?                        'data scaling'    ? ?          ? 5 
SHELXDE     .    ?                 ?       ?                 ?                        phasing           ? ?          ? 6 
REFMAC      .    ?                 program 'Murshudov, G.N.' ccp4@dl.ac.uk            refinement        
http://www.ccp4.ac.uk/main.html  Fortran_77 ? 7 
# 
_cell.entry_id           3HX1 
_cell.length_a           56.130 
_cell.length_b           56.130 
_cell.length_c           290.868 
_cell.angle_alpha        90.000 
_cell.angle_beta         90.000 
_cell.angle_gamma        120.000 
_cell.pdbx_unique_axis   ? 
_cell.Z_PDB              24 
_cell.length_a_esd       ? 
_cell.length_b_esd       ? 
_cell.length_c_esd       ? 
_cell.angle_alpha_esd    ? 
_cell.angle_beta_esd     ? 
_cell.angle_gamma_esd    ? 
# 
_symmetry.entry_id                         3HX1 
_symmetry.space_group_name_H-M             'P 61 2 2' 
_symmetry.Int_Tables_number                178 
_symmetry.pdbx_full_space_group_name_H-M   ? 
_symmetry.cell_setting                     ? 
_symmetry.space_group_name_Hall            ? 
# 
_exptl.crystals_number   1 
_exptl.entry_id          3HX1 
_exptl.method            'X-RAY DIFFRACTION' 
# 
_exptl_crystal.id                    1 
_exptl_crystal.density_Matthews      2.17 
_exptl_crystal.density_meas          ? 
_exptl_crystal.density_percent_sol   43.37 
_exptl_crystal.description           ? 
_exptl_crystal.F_000                 ? 
_exptl_crystal.preparation           ? 
# 
_exptl_crystal_grow.crystal_id      1 
_exptl_crystal_grow.method          'Microbatch under oil' 
_exptl_crystal_grow.pH              8.0 
_exptl_crystal_grow.temp            291 
_exptl_crystal_grow.pdbx_details    
'40 % PEG 1000, 0.1M potassium phosphate monobasic, 0.1M TrisHCl, pH 8.0, Microbatch under oil, temperature 291K' 
_exptl_crystal_grow.temp_details    ? 
_exptl_crystal_grow.pdbx_pH_range   ? 
# 
_diffrn.id                     1 
_diffrn.ambient_temp           100 
_diffrn.ambient_temp_details   ? 
_diffrn.crystal_id             1 
# 
_diffrn_detector.diffrn_id              1 
_diffrn_detector.detector               CCD 
_diffrn_detector.type                   'MARMOSAIC 325 mm CCD' 
_diffrn_detector.pdbx_collection_date   2009-06-14 
_diffrn_detector.details                ? 
# 
_diffrn_radiation.diffrn_id                        1 
_diffrn_radiation.pdbx_diffrn_protocol             MAD 
_diffrn_radiation.monochromator                    ? 
_diffrn_radiation.wavelength_id                    1 
_diffrn_radiation.pdbx_monochromatic_or_laue_m_l   M 
_diffrn_radiation.pdbx_scattering_type             x-ray 
# 
loop_
_diffrn_radiation_wavelength.id 
_diffrn_radiation_wavelength.wavelength 
_diffrn_radiation_wavelength.wt 
1 0.97931 1.0 
2 0.97907 1.0 
3 0.91162 1.0 
# 
_diffrn_source.diffrn_id                   1 
_diffrn_source.source                      SYNCHROTRON 
_diffrn_source.type                        'SSRL BEAMLINE BL9-2' 
_diffrn_source.pdbx_wavelength_list        '0.97931, 0.97907, 0.91162' 
_diffrn_source.pdbx_wavelength             ? 
_diffrn_source.pdbx_synchrotron_site       SSRL 
_diffrn_source.pdbx_synchrotron_beamline   BL9-2 
# 
_reflns.entry_id                     3HX1 
_reflns.B_iso_Wilson_estimate        32.000 
_reflns.observed_criterion_sigma_F   0.0 
_reflns.observed_criterion_sigma_I   0.0 
_reflns.d_resolution_high            2.50 
_reflns.d_resolution_low             50 
_reflns.number_all                   17900 
_reflns.number_obs                   17793 
_reflns.percent_possible_obs         99.4 
_reflns.pdbx_Rmerge_I_obs            0.141 
_reflns.pdbx_Rsym_value              ? 
_reflns.pdbx_netI_over_sigmaI        21.8 
_reflns.pdbx_redundancy              9.4 
_reflns.R_free_details               ? 
_reflns.limit_h_max                  ? 
_reflns.limit_h_min                  ? 
_reflns.limit_k_max                  ? 
_reflns.limit_k_min                  ? 
_reflns.limit_l_max                  ? 
_reflns.limit_l_min                  ? 
_reflns.observed_criterion_F_max     ? 
_reflns.observed_criterion_F_min     ? 
_reflns.pdbx_chi_squared             ? 
_reflns.pdbx_scaling_rejects         ? 
_reflns.pdbx_ordinal                 1 
_reflns.pdbx_diffrn_id               1 
# 
_reflns_shell.d_res_high             2.50 
_reflns_shell.d_res_low              2.59 
_reflns_shell.percent_possible_obs   ? 
_reflns_shell.percent_possible_all   99.6 
_reflns_shell.Rmerge_I_obs           0.629 
_reflns_shell.meanI_over_sigI_obs    2.3 
_reflns_shell.pdbx_Rsym_value        ? 
_reflns_shell.pdbx_redundancy        5.4 
_reflns_shell.number_unique_all      1753 
_reflns_shell.number_measured_all    ? 
_reflns_shell.number_measured_obs    ? 
_reflns_shell.number_unique_obs      ? 
_reflns_shell.pdbx_chi_squared       ? 
_reflns_shell.pdbx_ordinal           1 
_reflns_shell.pdbx_diffrn_id         1 
# 
_refine.entry_id                                 3HX1 
_refine.ls_d_res_high                            2.500 
_refine.ls_d_res_low                             37.300 
_refine.pdbx_ls_sigma_F                          1.00 
_refine.pdbx_data_cutoff_high_absF               234852.875 
_refine.pdbx_data_cutoff_low_absF                0.000 
_refine.ls_percent_reflns_obs                    89.400 
_refine.ls_number_reflns_obs                     15877 
_refine.pdbx_ls_cross_valid_method               THROUGHOUT 
_refine.pdbx_R_Free_selection_details            RANDOM 
_refine.ls_R_factor_R_work                       0.232 
_refine.ls_R_factor_R_free                       0.244 
_refine.ls_percent_reflns_R_free                 5.100 
_refine.ls_number_reflns_R_free                  802 
_refine.ls_R_factor_R_free_error                 0.009 
_refine.B_iso_mean                               54.500 
_refine.solvent_model_param_bsol                 51.346 
_refine.solvent_model_param_ksol                 0.350 
_refine.pdbx_isotropic_thermal_model             RESTRAINED 
_refine.aniso_B[1][1]                            -11.660 
_refine.aniso_B[2][2]                            -11.660 
_refine.aniso_B[3][3]                            23.320 
_refine.aniso_B[1][2]                            0.000 
_refine.aniso_B[1][3]                            0.000 
_refine.aniso_B[2][3]                            0.000 
_refine.solvent_model_details                    'FLAT MODEL' 
_refine.pdbx_ls_sigma_I                          ? 
_refine.ls_number_reflns_all                     ? 
_refine.ls_R_factor_all                          ? 
_refine.ls_R_factor_obs                          ? 
_refine.ls_redundancy_reflns_obs                 ? 
_refine.ls_number_parameters                     ? 
_refine.ls_number_restraints                     ? 
_refine.ls_R_factor_R_free_error_details         ? 
_refine.pdbx_method_to_determine_struct          MAD 
_refine.pdbx_starting_model                      ? 
_refine.pdbx_stereochem_target_val_spec_case     ? 
_refine.pdbx_stereochemistry_target_values       'Engh & Huber' 
_refine.occupancy_max                            ? 
_refine.occupancy_min                            ? 
_refine.details                                  ? 
_refine.B_iso_min                                ? 
_refine.B_iso_max                                ? 
_refine.correlation_coeff_Fo_to_Fc               ? 
_refine.correlation_coeff_Fo_to_Fc_free          ? 
_refine.pdbx_solvent_vdw_probe_radii             ? 
_refine.pdbx_solvent_ion_probe_radii             ? 
_refine.pdbx_solvent_shrinkage_radii             ? 
_refine.overall_SU_R_Cruickshank_DPI             ? 
_refine.overall_SU_R_free                        ? 
_refine.overall_SU_ML                            ? 
_refine.overall_SU_B                             ? 
_refine.pdbx_overall_ESU_R_Free                  ? 
_refine.pdbx_data_cutoff_high_rms_absF           ? 
_refine.pdbx_overall_ESU_R                       ? 
_refine.ls_wR_factor_R_free                      ? 
_refine.ls_wR_factor_R_work                      ? 
_refine.overall_FOM_free_R_set                   ? 
_refine.overall_FOM_work_R_set                   ? 
_refine.pdbx_overall_phase_error                 ? 
_refine.pdbx_refine_id                           'X-RAY DIFFRACTION' 
_refine.pdbx_diffrn_id                           1 
_refine.pdbx_TLS_residual_ADP_flag               ? 
_refine.pdbx_overall_SU_R_free_Cruickshank_DPI   ? 
_refine.pdbx_overall_SU_R_Blow_DPI               ? 
_refine.pdbx_overall_SU_R_free_Blow_DPI          ? 
# 
_refine_analyze.entry_id                        3HX1 
_refine_analyze.Luzzati_coordinate_error_obs    0.340 
_refine_analyze.Luzzati_sigma_a_obs             0.450 
_refine_analyze.Luzzati_d_res_low_obs           5.000 
_refine_analyze.Luzzati_coordinate_error_free   0.360 
_refine_analyze.Luzzati_sigma_a_free            0.340 
_refine_analyze.Luzzati_d_res_low_free          ? 
_refine_analyze.number_disordered_residues      ? 
_refine_analyze.occupancy_sum_non_hydrogen      ? 
_refine_analyze.occupancy_sum_hydrogen          ? 
_refine_analyze.pdbx_Luzzati_d_res_high_obs     ? 
_refine_analyze.pdbx_refine_id                  'X-RAY DIFFRACTION' 
# 
_refine_hist.pdbx_refine_id                   'X-RAY DIFFRACTION' 
_refine_hist.cycle_id                         LAST 
_refine_hist.pdbx_number_atoms_protein        1647 
_refine_hist.pdbx_number_atoms_nucleic_acid   0 
_refine_hist.pdbx_number_atoms_ligand         0 
_refine_hist.number_atoms_solvent             46 
_refine_hist.number_atoms_total               1693 
_refine_hist.d_res_high                       2.500 
_refine_hist.d_res_low                        37.300 
# 
loop_
_refine_ls_restr.type 
_refine_ls_restr.number 
_refine_ls_restr.dev_ideal 
_refine_ls_restr.dev_ideal_target 
_refine_ls_restr.weight 
_refine_ls_restr.pdbx_refine_id 
_refine_ls_restr.pdbx_restraint_function 
c_bond_d           ? 0.007  ? ? 'X-RAY DIFFRACTION' ? 
c_angle_deg        ? 1.500  ? ? 'X-RAY DIFFRACTION' ? 
c_dihedral_angle_d ? 27.400 ? ? 'X-RAY DIFFRACTION' ? 
c_improper_angle_d ? 0.710  ? ? 'X-RAY DIFFRACTION' ? 
# 
_refine_ls_shell.d_res_high                       2.500 
_refine_ls_shell.d_res_low                        2.660 
_refine_ls_shell.pdbx_total_number_of_bins_used   6 
_refine_ls_shell.percent_reflns_obs               70.000 
_refine_ls_shell.number_reflns_R_work             1977 
_refine_ls_shell.R_factor_all                     ? 
_refine_ls_shell.R_factor_R_work                  0.308 
_refine_ls_shell.R_factor_R_free                  0.269 
_refine_ls_shell.percent_reflns_R_free            4.900 
_refine_ls_shell.number_reflns_R_free             102 
_refine_ls_shell.R_factor_R_free_error            0.027 
_refine_ls_shell.number_reflns_all                ? 
_refine_ls_shell.number_reflns_obs                2079 
_refine_ls_shell.redundancy_reflns_obs            ? 
_refine_ls_shell.pdbx_refine_id                   'X-RAY DIFFRACTION' 
# 
loop_
_pdbx_xplor_file.serial_no 
_pdbx_xplor_file.param_file 
_pdbx_xplor_file.topol_file 
_pdbx_xplor_file.pdbx_refine_id 
1 protein_rep.param protein.top 'X-RAY DIFFRACTION' 
2 dna-rna_rep.param dna-rna.top 'X-RAY DIFFRACTION' 
3 water_rep.param   water.top   'X-RAY DIFFRACTION' 
4 ion.param         ion.top     'X-RAY DIFFRACTION' 
# 
_struct.entry_id                  3HX1 
_struct.title                     
'Crystal structure of the Slr1951 protein from Synechocystis sp. Northeast Structural Genomics Consortium Target SgR167A' 
_struct.pdbx_model_details        ? 
_struct.pdbx_CASP_flag            ? 
_struct.pdbx_model_type_details   ? 
# 
_struct_keywords.entry_id        3HX1 
_struct_keywords.text            
;P74513_SYNY3; Slr1951; Adenylate cyclase-like protein; NESG; SgR167A, Structural Genomics, PSI-2, Protein Structure Initiative, Northeast Structural Genomics Consortium, Unknown function
;
_struct_keywords.pdbx_keywords   'Structural Genomics, Unknown function' 
# 
loop_
_struct_asym.id 
_struct_asym.pdbx_blank_PDB_chainid_flag 
_struct_asym.pdbx_modified 
_struct_asym.entity_id 
_struct_asym.details 
A N N 1 ? 
B N N 1 ? 
C N N 2 ? 
D N N 2 ? 
# 
_struct_ref.id                         1 
_struct_ref.db_name                    UNP 
_struct_ref.db_code                    P74513_SYNY3 
_struct_ref.pdbx_db_accession          P74513 
_struct_ref.entity_id                  1 
_struct_ref.pdbx_seq_one_letter_code   
;MSDPSAKPLQEHILIILDDAGRREVLLTETFYTIGRSPRADIRIKSQFVSRIHAVLVRKSSDDVQAAYRIIDGDEDGQSS
VNGLMINGKKVQEHIIQTGDEIVMGPQVSVRYEYRRRDQFGTM
;
_struct_ref.pdbx_align_begin           1 
_struct_ref.pdbx_db_isoform            ? 
# 
loop_
_struct_ref_seq.align_id 
_struct_ref_seq.ref_id 
_struct_ref_seq.pdbx_PDB_id_code 
_struct_ref_seq.pdbx_strand_id 
_struct_ref_seq.seq_align_beg 
_struct_ref_seq.pdbx_seq_align_beg_ins_code 
_struct_ref_seq.seq_align_end 
_struct_ref_seq.pdbx_seq_align_end_ins_code 
_struct_ref_seq.pdbx_db_accession 
_struct_ref_seq.db_align_beg 
_struct_ref_seq.pdbx_db_align_beg_ins_code 
_struct_ref_seq.db_align_end 
_struct_ref_seq.pdbx_db_align_end_ins_code 
_struct_ref_seq.pdbx_auth_seq_align_beg 
_struct_ref_seq.pdbx_auth_seq_align_end 
1 1 3HX1 A 1 ? 123 ? P74513 1 ? 123 ? 1 123 
2 1 3HX1 B 1 ? 123 ? P74513 1 ? 123 ? 1 123 
# 
loop_
_struct_ref_seq_dif.align_id 
_struct_ref_seq_dif.pdbx_pdb_id_code 
_struct_ref_seq_dif.mon_id 
_struct_ref_seq_dif.pdbx_pdb_strand_id 
_struct_ref_seq_dif.seq_num 
_struct_ref_seq_dif.pdbx_pdb_ins_code 
_struct_ref_seq_dif.pdbx_seq_db_name 
_struct_ref_seq_dif.pdbx_seq_db_accession_code 
_struct_ref_seq_dif.db_mon_id 
_struct_ref_seq_dif.pdbx_seq_db_seq_num 
_struct_ref_seq_dif.details 
_struct_ref_seq_dif.pdbx_auth_seq_num 
_struct_ref_seq_dif.pdbx_ordinal 
1 3HX1 LEU A 124 ? UNP P74513 ? ? 'expression tag' 124 1  
1 3HX1 GLU A 125 ? UNP P74513 ? ? 'expression tag' 125 2  
1 3HX1 HIS A 126 ? UNP P74513 ? ? 'expression tag' 126 3  
1 3HX1 HIS A 127 ? UNP P74513 ? ? 'expression tag' 127 4  
1 3HX1 HIS A 128 ? UNP P74513 ? ? 'expression tag' 128 5  
1 3HX1 HIS A 129 ? UNP P74513 ? ? 'expression tag' 129 6  
1 3HX1 HIS A 130 ? UNP P74513 ? ? 'expression tag' 130 7  
1 3HX1 HIS A 131 ? UNP P74513 ? ? 'expression tag' 131 8  
2 3HX1 LEU B 124 ? UNP P74513 ? ? 'expression tag' 124 9  
2 3HX1 GLU B 125 ? UNP P74513 ? ? 'expression tag' 125 10 
2 3HX1 HIS B 126 ? UNP P74513 ? ? 'expression tag' 126 11 
2 3HX1 HIS B 127 ? UNP P74513 ? ? 'expression tag' 127 12 
2 3HX1 HIS B 128 ? UNP P74513 ? ? 'expression tag' 128 13 
2 3HX1 HIS B 129 ? UNP P74513 ? ? 'expression tag' 129 14 
2 3HX1 HIS B 130 ? UNP P74513 ? ? 'expression tag' 130 15 
2 3HX1 HIS B 131 ? UNP P74513 ? ? 'expression tag' 131 16 
# 
loop_
_pdbx_struct_assembly.id 
_pdbx_struct_assembly.details 
_pdbx_struct_assembly.method_details 
_pdbx_struct_assembly.oligomeric_details 
_pdbx_struct_assembly.oligomeric_count 
1 author_and_software_defined_assembly PISA monomeric 1 
2 author_and_software_defined_assembly PISA monomeric 1 
# 
loop_
_pdbx_struct_assembly_gen.assembly_id 
_pdbx_struct_assembly_gen.oper_expression 
_pdbx_struct_assembly_gen.asym_id_list 
1 1 A,C 
2 1 B,D 
# 
loop_
_pdbx_struct_assembly_auth_evidence.id 
_pdbx_struct_assembly_auth_evidence.assembly_id 
_pdbx_struct_assembly_auth_evidence.experimental_support 
_pdbx_struct_assembly_auth_evidence.details 
1 1 'assay for oligomerization' ? 
2 2 'assay for oligomerization' ? 
# 
_pdbx_struct_oper_list.id                   1 
_pdbx_struct_oper_list.type                 'identity operation' 
_pdbx_struct_oper_list.name                 1_555 
_pdbx_struct_oper_list.symmetry_operation   x,y,z 
_pdbx_struct_oper_list.matrix[1][1]         1.0000000000 
_pdbx_struct_oper_list.matrix[1][2]         0.0000000000 
_pdbx_struct_oper_list.matrix[1][3]         0.0000000000 
_pdbx_struct_oper_list.vector[1]            0.0000000000 
_pdbx_struct_oper_list.matrix[2][1]         0.0000000000 
_pdbx_struct_oper_list.matrix[2][2]         1.0000000000 
_pdbx_struct_oper_list.matrix[2][3]         0.0000000000 
_pdbx_struct_oper_list.vector[2]            0.0000000000 
_pdbx_struct_oper_list.matrix[3][1]         0.0000000000 
_pdbx_struct_oper_list.matrix[3][2]         0.0000000000 
_pdbx_struct_oper_list.matrix[3][3]         1.0000000000 
_pdbx_struct_oper_list.vector[3]            0.0000000000 
# 
_struct_biol.id        1 
_struct_biol.details   'Monomer according to aggregation screening.' 
# 
loop_
_struct_conn.id 
_struct_conn.conn_type_id 
_struct_conn.pdbx_leaving_atom_flag 
_struct_conn.pdbx_PDB_id 
_struct_conn.ptnr1_label_asym_id 
_struct_conn.ptnr1_label_comp_id 
_struct_conn.ptnr1_label_seq_id 
_struct_conn.ptnr1_label_atom_id 
_struct_conn.pdbx_ptnr1_label_alt_id 
_struct_conn.pdbx_ptnr1_PDB_ins_code 
_struct_conn.pdbx_ptnr1_standard_comp_id 
_struct_conn.ptnr1_symmetry 
_struct_conn.ptnr2_label_asym_id 
_struct_conn.ptnr2_label_comp_id 
_struct_conn.ptnr2_label_seq_id 
_struct_conn.ptnr2_label_atom_id 
_struct_conn.pdbx_ptnr2_label_alt_id 
_struct_conn.pdbx_ptnr2_PDB_ins_code 
_struct_conn.ptnr1_auth_asym_id 
_struct_conn.ptnr1_auth_comp_id 
_struct_conn.ptnr1_auth_seq_id 
_struct_conn.ptnr2_auth_asym_id 
_struct_conn.ptnr2_auth_comp_id 
_struct_conn.ptnr2_auth_seq_id 
_struct_conn.ptnr2_symmetry 
_struct_conn.pdbx_ptnr3_label_atom_id 
_struct_conn.pdbx_ptnr3_label_seq_id 
_struct_conn.pdbx_ptnr3_label_comp_id 
_struct_conn.pdbx_ptnr3_label_asym_id 
_struct_conn.pdbx_ptnr3_label_alt_id 
_struct_conn.pdbx_ptnr3_PDB_ins_code 
_struct_conn.details 
_struct_conn.pdbx_dist_value 
_struct_conn.pdbx_value_order 
_struct_conn.pdbx_role 
covale1 covale both ? A LEU 84  C ? ? ? 1_555 A MSE 85  N ? ? A LEU 84  A MSE 85  1_555 ? ? ? ? ? ? ? 1.326 ? ? 
covale2 covale both ? A MSE 85  C ? ? ? 1_555 A ILE 86  N ? ? A MSE 85  A ILE 86  1_555 ? ? ? ? ? ? ? 1.323 ? ? 
covale3 covale both ? A VAL 103 C ? ? ? 1_555 A MSE 104 N ? ? A VAL 103 A MSE 104 1_555 ? ? ? ? ? ? ? 1.322 ? ? 
covale4 covale both ? A MSE 104 C ? ? ? 1_555 A GLY 105 N ? ? A MSE 104 A GLY 105 1_555 ? ? ? ? ? ? ? 1.347 ? ? 
covale5 covale both ? B LEU 84  C ? ? ? 1_555 B MSE 85  N ? ? B LEU 84  B MSE 85  1_555 ? ? ? ? ? ? ? 1.324 ? ? 
covale6 covale both ? B MSE 85  C ? ? ? 1_555 B ILE 86  N ? ? B MSE 85  B ILE 86  1_555 ? ? ? ? ? ? ? 1.328 ? ? 
covale7 covale both ? B VAL 103 C ? ? ? 1_555 B MSE 104 N ? ? B VAL 103 B MSE 104 1_555 ? ? ? ? ? ? ? 1.329 ? ? 
covale8 covale both ? B MSE 104 C ? ? ? 1_555 B GLY 105 N ? ? B MSE 104 B GLY 105 1_555 ? ? ? ? ? ? ? 1.325 ? ? 
# 
_struct_conn_type.id          covale 
_struct_conn_type.criteria    ? 
_struct_conn_type.reference   ? 
# 
loop_
_pdbx_modification_feature.ordinal 
_pdbx_modification_feature.label_comp_id 
_pdbx_modification_feature.label_asym_id 
_pdbx_modification_feature.label_seq_id 
_pdbx_modification_feature.label_alt_id 
_pdbx_modification_feature.modified_residue_label_comp_id 
_pdbx_modification_feature.modified_residue_label_asym_id 
_pdbx_modification_feature.modified_residue_label_seq_id 
_pdbx_modification_feature.modified_residue_label_alt_id 
_pdbx_modification_feature.auth_comp_id 
_pdbx_modification_feature.auth_asym_id 
_pdbx_modification_feature.auth_seq_id 
_pdbx_modification_feature.PDB_ins_code 
_pdbx_modification_feature.symmetry 
_pdbx_modification_feature.modified_residue_auth_comp_id 
_pdbx_modification_feature.modified_residue_auth_asym_id 
_pdbx_modification_feature.modified_residue_auth_seq_id 
_pdbx_modification_feature.modified_residue_PDB_ins_code 
_pdbx_modification_feature.modified_residue_symmetry 
_pdbx_modification_feature.comp_id_linking_atom 
_pdbx_modification_feature.modified_residue_id_linking_atom 
_pdbx_modification_feature.modified_residue_id 
_pdbx_modification_feature.ref_pcm_id 
_pdbx_modification_feature.ref_comp_id 
_pdbx_modification_feature.type 
_pdbx_modification_feature.category 
1 MSE A 85  ? . . . . MSE A 85  ? 1_555 . . . . . . . MET 1 MSE Selenomethionine 'Named protein modification' 
2 MSE A 104 ? . . . . MSE A 104 ? 1_555 . . . . . . . MET 1 MSE Selenomethionine 'Named protein modification' 
3 MSE B 85  ? . . . . MSE B 85  ? 1_555 . . . . . . . MET 1 MSE Selenomethionine 'Named protein modification' 
4 MSE B 104 ? . . . . MSE B 104 ? 1_555 . . . . . . . MET 1 MSE Selenomethionine 'Named protein modification' 
# 
loop_
_struct_sheet.id 
_struct_sheet.type 
_struct_sheet.number_strands 
_struct_sheet.details 
A ? 6 ? 
B ? 5 ? 
C ? 4 ? 
D ? 5 ? 
E ? 2 ? 
# 
loop_
_struct_sheet_order.sheet_id 
_struct_sheet_order.range_id_1 
_struct_sheet_order.range_id_2 
_struct_sheet_order.offset 
_struct_sheet_order.sense 
A 1 2 ? anti-parallel 
A 2 3 ? anti-parallel 
A 3 4 ? anti-parallel 
A 4 5 ? anti-parallel 
A 5 6 ? anti-parallel 
B 1 2 ? parallel      
B 2 3 ? anti-parallel 
B 3 4 ? anti-parallel 
B 4 5 ? anti-parallel 
C 1 2 ? anti-parallel 
C 2 3 ? anti-parallel 
C 3 4 ? anti-parallel 
D 1 2 ? parallel      
D 2 3 ? anti-parallel 
D 3 4 ? anti-parallel 
D 4 5 ? anti-parallel 
E 1 2 ? anti-parallel 
# 
loop_
_struct_sheet_range.sheet_id 
_struct_sheet_range.id 
_struct_sheet_range.beg_label_comp_id 
_struct_sheet_range.beg_label_asym_id 
_struct_sheet_range.beg_label_seq_id 
_struct_sheet_range.pdbx_beg_PDB_ins_code 
_struct_sheet_range.end_label_comp_id 
_struct_sheet_range.end_label_asym_id 
_struct_sheet_range.end_label_seq_id 
_struct_sheet_range.pdbx_end_PDB_ins_code 
_struct_sheet_range.beg_auth_comp_id 
_struct_sheet_range.beg_auth_asym_id 
_struct_sheet_range.beg_auth_seq_id 
_struct_sheet_range.end_auth_comp_id 
_struct_sheet_range.end_auth_asym_id 
_struct_sheet_range.end_auth_seq_id 
A 1 GLY A 21  ? LEU A 27  ? GLY A 21  LEU A 27  
A 2 GLU A 11  ? ASP A 18  ? GLU A 11  ASP A 18  
A 3 SER A 109 ? ARG A 115 ? SER A 109 ARG A 115 
A 4 GLU A 101 ? VAL A 103 ? GLU A 101 VAL A 103 
A 5 LEU A 84  ? ILE A 86  ? LEU A 84  ILE A 86  
A 6 LYS A 89  ? VAL A 91  ? LYS A 89  VAL A 91  
B 1 ILE A 42  ? ARG A 43  ? ILE A 42  ARG A 43  
B 2 PHE A 31  ? GLY A 35  ? PHE A 31  GLY A 35  
B 3 ALA A 54  ? ARG A 58  ? ALA A 54  ARG A 58  
B 4 TYR A 68  ? ASP A 72  ? TYR A 68  ASP A 72  
B 5 GLU A 93  ? ILE A 95  ? GLU A 93  ILE A 95  
C 1 GLY B 21  ? LEU B 26  ? GLY B 21  LEU B 26  
C 2 HIS B 12  ? ASP B 18  ? HIS B 12  ASP B 18  
C 3 VAL B 108 ? TYR B 114 ? VAL B 108 TYR B 114 
C 4 GLU B 101 ? GLY B 105 ? GLU B 101 GLY B 105 
D 1 ILE B 42  ? ARG B 43  ? ILE B 42  ARG B 43  
D 2 PHE B 31  ? GLY B 35  ? PHE B 31  GLY B 35  
D 3 ALA B 54  ? SER B 60  ? ALA B 54  SER B 60  
D 4 ALA B 66  ? ASP B 72  ? ALA B 66  ASP B 72  
D 5 GLU B 93  ? ILE B 95  ? GLU B 93  ILE B 95  
E 1 MSE B 85  ? ILE B 86  ? MSE B 85  ILE B 86  
E 2 LYS B 89  ? LYS B 90  ? LYS B 89  LYS B 90  
# 
loop_
_pdbx_struct_sheet_hbond.sheet_id 
_pdbx_struct_sheet_hbond.range_id_1 
_pdbx_struct_sheet_hbond.range_id_2 
_pdbx_struct_sheet_hbond.range_1_label_atom_id 
_pdbx_struct_sheet_hbond.range_1_label_comp_id 
_pdbx_struct_sheet_hbond.range_1_label_asym_id 
_pdbx_struct_sheet_hbond.range_1_label_seq_id 
_pdbx_struct_sheet_hbond.range_1_PDB_ins_code 
_pdbx_struct_sheet_hbond.range_1_auth_atom_id 
_pdbx_struct_sheet_hbond.range_1_auth_comp_id 
_pdbx_struct_sheet_hbond.range_1_auth_asym_id 
_pdbx_struct_sheet_hbond.range_1_auth_seq_id 
_pdbx_struct_sheet_hbond.range_2_label_atom_id 
_pdbx_struct_sheet_hbond.range_2_label_comp_id 
_pdbx_struct_sheet_hbond.range_2_label_asym_id 
_pdbx_struct_sheet_hbond.range_2_label_seq_id 
_pdbx_struct_sheet_hbond.range_2_PDB_ins_code 
_pdbx_struct_sheet_hbond.range_2_auth_atom_id 
_pdbx_struct_sheet_hbond.range_2_auth_comp_id 
_pdbx_struct_sheet_hbond.range_2_auth_asym_id 
_pdbx_struct_sheet_hbond.range_2_auth_seq_id 
A 1 2 O GLY A 21  ? O GLY A 21  N ASP A 18  ? N ASP A 18  
A 2 3 N GLU A 11  ? N GLU A 11  O ARG A 115 ? O ARG A 115 
A 3 4 O VAL A 110 ? O VAL A 110 N ILE A 102 ? N ILE A 102 
A 4 5 O VAL A 103 ? O VAL A 103 N MSE A 85  ? N MSE A 85  
A 5 6 N LEU A 84  ? N LEU A 84  O VAL A 91  ? O VAL A 91  
B 1 2 O ILE A 42  ? O ILE A 42  N THR A 33  ? N THR A 33  
B 2 3 N ILE A 34  ? N ILE A 34  O ALA A 54  ? O ALA A 54  
B 3 4 N VAL A 57  ? N VAL A 57  O ARG A 69  ? O ARG A 69  
B 4 5 N ILE A 70  ? N ILE A 70  O HIS A 94  ? O HIS A 94  
C 1 2 O ARG B 23  ? O ARG B 23  N ILE B 16  ? N ILE B 16  
C 2 3 N ILE B 15  ? N ILE B 15  O ARG B 111 ? O ARG B 111 
C 3 4 O VAL B 110 ? O VAL B 110 N ILE B 102 ? N ILE B 102 
D 1 2 O ILE B 42  ? O ILE B 42  N THR B 33  ? N THR B 33  
D 2 3 N ILE B 34  ? N ILE B 34  O ALA B 54  ? O ALA B 54  
D 3 4 N VAL B 55  ? N VAL B 55  O ILE B 71  ? O ILE B 71  
D 4 5 N ILE B 70  ? N ILE B 70  O HIS B 94  ? O HIS B 94  
E 1 2 N ILE B 86  ? N ILE B 86  O LYS B 89  ? O LYS B 89  
# 
_pdbx_entry_details.entry_id                   3HX1 
_pdbx_entry_details.compound_details           ? 
_pdbx_entry_details.source_details             ? 
_pdbx_entry_details.nonpolymer_details         ? 
_pdbx_entry_details.sequence_details           ? 
_pdbx_entry_details.has_ligand_of_interest     ? 
_pdbx_entry_details.has_protein_modification   Y 
# 
_pdbx_validate_rmsd_angle.id                         1 
_pdbx_validate_rmsd_angle.PDB_model_num              1 
_pdbx_validate_rmsd_angle.auth_atom_id_1             CG 
_pdbx_validate_rmsd_angle.auth_asym_id_1             A 
_pdbx_validate_rmsd_angle.auth_comp_id_1             MSE 
_pdbx_validate_rmsd_angle.auth_seq_id_1              104 
_pdbx_validate_rmsd_angle.PDB_ins_code_1             ? 
_pdbx_validate_rmsd_angle.label_alt_id_1             ? 
_pdbx_validate_rmsd_angle.auth_atom_id_2             SE 
_pdbx_validate_rmsd_angle.auth_asym_id_2             A 
_pdbx_validate_rmsd_angle.auth_comp_id_2             MSE 
_pdbx_validate_rmsd_angle.auth_seq_id_2              104 
_pdbx_validate_rmsd_angle.PDB_ins_code_2             ? 
_pdbx_validate_rmsd_angle.label_alt_id_2             ? 
_pdbx_validate_rmsd_angle.auth_atom_id_3             CE 
_pdbx_validate_rmsd_angle.auth_asym_id_3             A 
_pdbx_validate_rmsd_angle.auth_comp_id_3             MSE 
_pdbx_validate_rmsd_angle.auth_seq_id_3              104 
_pdbx_validate_rmsd_angle.PDB_ins_code_3             ? 
_pdbx_validate_rmsd_angle.label_alt_id_3             ? 
_pdbx_validate_rmsd_angle.angle_value                80.00 
_pdbx_validate_rmsd_angle.angle_target_value         98.90 
_pdbx_validate_rmsd_angle.angle_deviation            -18.90 
_pdbx_validate_rmsd_angle.angle_standard_deviation   2.20 
_pdbx_validate_rmsd_angle.linker_flag                N 
# 
loop_
_pdbx_validate_torsion.id 
_pdbx_validate_torsion.PDB_model_num 
_pdbx_validate_torsion.auth_comp_id 
_pdbx_validate_torsion.auth_asym_id 
_pdbx_validate_torsion.auth_seq_id 
_pdbx_validate_torsion.PDB_ins_code 
_pdbx_validate_torsion.label_alt_id 
_pdbx_validate_torsion.phi 
_pdbx_validate_torsion.psi 
1 1 ALA A 67 ? ? -108.88 -156.87 
2 1 ASP B 18 ? ? -130.20 -158.16 
3 1 SER B 46 ? ? -172.85 132.16  
4 1 ASN B 82 ? ? 89.36   -5.91   
# 
_pdbx_SG_project.id                    1 
_pdbx_SG_project.project_name          'PSI, Protein Structure Initiative' 
_pdbx_SG_project.full_name_of_center   'Northeast Structural Genomics Consortium' 
_pdbx_SG_project.initial_of_center     NESG 
# 
loop_
_pdbx_struct_mod_residue.id 
_pdbx_struct_mod_residue.label_asym_id 
_pdbx_struct_mod_residue.label_comp_id 
_pdbx_struct_mod_residue.label_seq_id 
_pdbx_struct_mod_residue.auth_asym_id 
_pdbx_struct_mod_residue.auth_comp_id 
_pdbx_struct_mod_residue.auth_seq_id 
_pdbx_struct_mod_residue.PDB_ins_code 
_pdbx_struct_mod_residue.parent_comp_id 
_pdbx_struct_mod_residue.details 
1 A MSE 85  A MSE 85  ? MET SELENOMETHIONINE 
2 A MSE 104 A MSE 104 ? MET SELENOMETHIONINE 
3 B MSE 85  B MSE 85  ? MET SELENOMETHIONINE 
4 B MSE 104 B MSE 104 ? MET SELENOMETHIONINE 
# 
loop_
_pdbx_unobs_or_zero_occ_residues.id 
_pdbx_unobs_or_zero_occ_residues.PDB_model_num 
_pdbx_unobs_or_zero_occ_residues.polymer_flag 
_pdbx_unobs_or_zero_occ_residues.occupancy_flag 
_pdbx_unobs_or_zero_occ_residues.auth_asym_id 
_pdbx_unobs_or_zero_occ_residues.auth_comp_id 
_pdbx_unobs_or_zero_occ_residues.auth_seq_id 
_pdbx_unobs_or_zero_occ_residues.PDB_ins_code 
_pdbx_unobs_or_zero_occ_residues.label_asym_id 
_pdbx_unobs_or_zero_occ_residues.label_comp_id 
_pdbx_unobs_or_zero_occ_residues.label_seq_id 
1  1 Y 1 A MSE 1   ? A MSE 1   
2  1 Y 1 A SER 2   ? A SER 2   
3  1 Y 1 A ASP 3   ? A ASP 3   
4  1 Y 1 A PRO 4   ? A PRO 4   
5  1 Y 1 A SER 5   ? A SER 5   
6  1 Y 1 A ALA 6   ? A ALA 6   
7  1 Y 1 A LYS 7   ? A LYS 7   
8  1 Y 1 A PRO 8   ? A PRO 8   
9  1 Y 1 A SER 60  ? A SER 60  
10 1 Y 1 A SER 61  ? A SER 61  
11 1 Y 1 A ASP 62  ? A ASP 62  
12 1 Y 1 A ASP 63  ? A ASP 63  
13 1 Y 1 A VAL 64  ? A VAL 64  
14 1 Y 1 A GLN 65  ? A GLN 65  
15 1 Y 1 A ASP 118 ? A ASP 118 
16 1 Y 1 A GLN 119 ? A GLN 119 
17 1 Y 1 A PHE 120 ? A PHE 120 
18 1 Y 1 A GLY 121 ? A GLY 121 
19 1 Y 1 A THR 122 ? A THR 122 
20 1 Y 1 A MSE 123 ? A MSE 123 
21 1 Y 1 A LEU 124 ? A LEU 124 
22 1 Y 1 A GLU 125 ? A GLU 125 
23 1 Y 1 A HIS 126 ? A HIS 126 
24 1 Y 1 A HIS 127 ? A HIS 127 
25 1 Y 1 A HIS 128 ? A HIS 128 
26 1 Y 1 A HIS 129 ? A HIS 129 
27 1 Y 1 A HIS 130 ? A HIS 130 
28 1 Y 1 A HIS 131 ? A HIS 131 
29 1 Y 1 B MSE 1   ? B MSE 1   
30 1 Y 1 B SER 2   ? B SER 2   
31 1 Y 1 B ASP 3   ? B ASP 3   
32 1 Y 1 B PRO 4   ? B PRO 4   
33 1 Y 1 B SER 5   ? B SER 5   
34 1 Y 1 B ALA 6   ? B ALA 6   
35 1 Y 1 B LYS 7   ? B LYS 7   
36 1 Y 1 B PRO 8   ? B PRO 8   
37 1 Y 1 B LEU 9   ? B LEU 9   
38 1 Y 1 B GLN 10  ? B GLN 10  
39 1 Y 1 B ARG 117 ? B ARG 117 
40 1 Y 1 B ASP 118 ? B ASP 118 
41 1 Y 1 B GLN 119 ? B GLN 119 
42 1 Y 1 B PHE 120 ? B PHE 120 
43 1 Y 1 B GLY 121 ? B GLY 121 
44 1 Y 1 B THR 122 ? B THR 122 
45 1 Y 1 B MSE 123 ? B MSE 123 
46 1 Y 1 B LEU 124 ? B LEU 124 
47 1 Y 1 B GLU 125 ? B GLU 125 
48 1 Y 1 B HIS 126 ? B HIS 126 
49 1 Y 1 B HIS 127 ? B HIS 127 
50 1 Y 1 B HIS 128 ? B HIS 128 
51 1 Y 1 B HIS 129 ? B HIS 129 
52 1 Y 1 B HIS 130 ? B HIS 130 
53 1 Y 1 B HIS 131 ? B HIS 131 
# 
loop_
_chem_comp_atom.comp_id 
_chem_comp_atom.atom_id 
_chem_comp_atom.type_symbol 
_chem_comp_atom.pdbx_aromatic_flag 
_chem_comp_atom.pdbx_stereo_config 
_chem_comp_atom.pdbx_ordinal 
ALA N    N  N N 1   
ALA CA   C  N S 2   
ALA C    C  N N 3   
ALA O    O  N N 4   
ALA CB   C  N N 5   
ALA OXT  O  N N 6   
ALA H    H  N N 7   
ALA H2   H  N N 8   
ALA HA   H  N N 9   
ALA HB1  H  N N 10  
ALA HB2  H  N N 11  
ALA HB3  H  N N 12  
ALA HXT  H  N N 13  
ARG N    N  N N 14  
ARG CA   C  N S 15  
ARG C    C  N N 16  
ARG O    O  N N 17  
ARG CB   C  N N 18  
ARG CG   C  N N 19  
ARG CD   C  N N 20  
ARG NE   N  N N 21  
ARG CZ   C  N N 22  
ARG NH1  N  N N 23  
ARG NH2  N  N N 24  
ARG OXT  O  N N 25  
ARG H    H  N N 26  
ARG H2   H  N N 27  
ARG HA   H  N N 28  
ARG HB2  H  N N 29  
ARG HB3  H  N N 30  
ARG HG2  H  N N 31  
ARG HG3  H  N N 32  
ARG HD2  H  N N 33  
ARG HD3  H  N N 34  
ARG HE   H  N N 35  
ARG HH11 H  N N 36  
ARG HH12 H  N N 37  
ARG HH21 H  N N 38  
ARG HH22 H  N N 39  
ARG HXT  H  N N 40  
ASN N    N  N N 41  
ASN CA   C  N S 42  
ASN C    C  N N 43  
ASN O    O  N N 44  
ASN CB   C  N N 45  
ASN CG   C  N N 46  
ASN OD1  O  N N 47  
ASN ND2  N  N N 48  
ASN OXT  O  N N 49  
ASN H    H  N N 50  
ASN H2   H  N N 51  
ASN HA   H  N N 52  
ASN HB2  H  N N 53  
ASN HB3  H  N N 54  
ASN HD21 H  N N 55  
ASN HD22 H  N N 56  
ASN HXT  H  N N 57  
ASP N    N  N N 58  
ASP CA   C  N S 59  
ASP C    C  N N 60  
ASP O    O  N N 61  
ASP CB   C  N N 62  
ASP CG   C  N N 63  
ASP OD1  O  N N 64  
ASP OD2  O  N N 65  
ASP OXT  O  N N 66  
ASP H    H  N N 67  
ASP H2   H  N N 68  
ASP HA   H  N N 69  
ASP HB2  H  N N 70  
ASP HB3  H  N N 71  
ASP HD2  H  N N 72  
ASP HXT  H  N N 73  
GLN N    N  N N 74  
GLN CA   C  N S 75  
GLN C    C  N N 76  
GLN O    O  N N 77  
GLN CB   C  N N 78  
GLN CG   C  N N 79  
GLN CD   C  N N 80  
GLN OE1  O  N N 81  
GLN NE2  N  N N 82  
GLN OXT  O  N N 83  
GLN H    H  N N 84  
GLN H2   H  N N 85  
GLN HA   H  N N 86  
GLN HB2  H  N N 87  
GLN HB3  H  N N 88  
GLN HG2  H  N N 89  
GLN HG3  H  N N 90  
GLN HE21 H  N N 91  
GLN HE22 H  N N 92  
GLN HXT  H  N N 93  
GLU N    N  N N 94  
GLU CA   C  N S 95  
GLU C    C  N N 96  
GLU O    O  N N 97  
GLU CB   C  N N 98  
GLU CG   C  N N 99  
GLU CD   C  N N 100 
GLU OE1  O  N N 101 
GLU OE2  O  N N 102 
GLU OXT  O  N N 103 
GLU H    H  N N 104 
GLU H2   H  N N 105 
GLU HA   H  N N 106 
GLU HB2  H  N N 107 
GLU HB3  H  N N 108 
GLU HG2  H  N N 109 
GLU HG3  H  N N 110 
GLU HE2  H  N N 111 
GLU HXT  H  N N 112 
GLY N    N  N N 113 
GLY CA   C  N N 114 
GLY C    C  N N 115 
GLY O    O  N N 116 
GLY OXT  O  N N 117 
GLY H    H  N N 118 
GLY H2   H  N N 119 
GLY HA2  H  N N 120 
GLY HA3  H  N N 121 
GLY HXT  H  N N 122 
HIS N    N  N N 123 
HIS CA   C  N S 124 
HIS C    C  N N 125 
HIS O    O  N N 126 
HIS CB   C  N N 127 
HIS CG   C  Y N 128 
HIS ND1  N  Y N 129 
HIS CD2  C  Y N 130 
HIS CE1  C  Y N 131 
HIS NE2  N  Y N 132 
HIS OXT  O  N N 133 
HIS H    H  N N 134 
HIS H2   H  N N 135 
HIS HA   H  N N 136 
HIS HB2  H  N N 137 
HIS HB3  H  N N 138 
HIS HD1  H  N N 139 
HIS HD2  H  N N 140 
HIS HE1  H  N N 141 
HIS HE2  H  N N 142 
HIS HXT  H  N N 143 
HOH O    O  N N 144 
HOH H1   H  N N 145 
HOH H2   H  N N 146 
ILE N    N  N N 147 
ILE CA   C  N S 148 
ILE C    C  N N 149 
ILE O    O  N N 150 
ILE CB   C  N S 151 
ILE CG1  C  N N 152 
ILE CG2  C  N N 153 
ILE CD1  C  N N 154 
ILE OXT  O  N N 155 
ILE H    H  N N 156 
ILE H2   H  N N 157 
ILE HA   H  N N 158 
ILE HB   H  N N 159 
ILE HG12 H  N N 160 
ILE HG13 H  N N 161 
ILE HG21 H  N N 162 
ILE HG22 H  N N 163 
ILE HG23 H  N N 164 
ILE HD11 H  N N 165 
ILE HD12 H  N N 166 
ILE HD13 H  N N 167 
ILE HXT  H  N N 168 
LEU N    N  N N 169 
LEU CA   C  N S 170 
LEU C    C  N N 171 
LEU O    O  N N 172 
LEU CB   C  N N 173 
LEU CG   C  N N 174 
LEU CD1  C  N N 175 
LEU CD2  C  N N 176 
LEU OXT  O  N N 177 
LEU H    H  N N 178 
LEU H2   H  N N 179 
LEU HA   H  N N 180 
LEU HB2  H  N N 181 
LEU HB3  H  N N 182 
LEU HG   H  N N 183 
LEU HD11 H  N N 184 
LEU HD12 H  N N 185 
LEU HD13 H  N N 186 
LEU HD21 H  N N 187 
LEU HD22 H  N N 188 
LEU HD23 H  N N 189 
LEU HXT  H  N N 190 
LYS N    N  N N 191 
LYS CA   C  N S 192 
LYS C    C  N N 193 
LYS O    O  N N 194 
LYS CB   C  N N 195 
LYS CG   C  N N 196 
LYS CD   C  N N 197 
LYS CE   C  N N 198 
LYS NZ   N  N N 199 
LYS OXT  O  N N 200 
LYS H    H  N N 201 
LYS H2   H  N N 202 
LYS HA   H  N N 203 
LYS HB2  H  N N 204 
LYS HB3  H  N N 205 
LYS HG2  H  N N 206 
LYS HG3  H  N N 207 
LYS HD2  H  N N 208 
LYS HD3  H  N N 209 
LYS HE2  H  N N 210 
LYS HE3  H  N N 211 
LYS HZ1  H  N N 212 
LYS HZ2  H  N N 213 
LYS HZ3  H  N N 214 
LYS HXT  H  N N 215 
MSE N    N  N N 216 
MSE CA   C  N S 217 
MSE C    C  N N 218 
MSE O    O  N N 219 
MSE OXT  O  N N 220 
MSE CB   C  N N 221 
MSE CG   C  N N 222 
MSE SE   SE N N 223 
MSE CE   C  N N 224 
MSE H    H  N N 225 
MSE H2   H  N N 226 
MSE HA   H  N N 227 
MSE HXT  H  N N 228 
MSE HB2  H  N N 229 
MSE HB3  H  N N 230 
MSE HG2  H  N N 231 
MSE HG3  H  N N 232 
MSE HE1  H  N N 233 
MSE HE2  H  N N 234 
MSE HE3  H  N N 235 
PHE N    N  N N 236 
PHE CA   C  N S 237 
PHE C    C  N N 238 
PHE O    O  N N 239 
PHE CB   C  N N 240 
PHE CG   C  Y N 241 
PHE CD1  C  Y N 242 
PHE CD2  C  Y N 243 
PHE CE1  C  Y N 244 
PHE CE2  C  Y N 245 
PHE CZ   C  Y N 246 
PHE OXT  O  N N 247 
PHE H    H  N N 248 
PHE H2   H  N N 249 
PHE HA   H  N N 250 
PHE HB2  H  N N 251 
PHE HB3  H  N N 252 
PHE HD1  H  N N 253 
PHE HD2  H  N N 254 
PHE HE1  H  N N 255 
PHE HE2  H  N N 256 
PHE HZ   H  N N 257 
PHE HXT  H  N N 258 
PRO N    N  N N 259 
PRO CA   C  N S 260 
PRO C    C  N N 261 
PRO O    O  N N 262 
PRO CB   C  N N 263 
PRO CG   C  N N 264 
PRO CD   C  N N 265 
PRO OXT  O  N N 266 
PRO H    H  N N 267 
PRO HA   H  N N 268 
PRO HB2  H  N N 269 
PRO HB3  H  N N 270 
PRO HG2  H  N N 271 
PRO HG3  H  N N 272 
PRO HD2  H  N N 273 
PRO HD3  H  N N 274 
PRO HXT  H  N N 275 
SER N    N  N N 276 
SER CA   C  N S 277 
SER C    C  N N 278 
SER O    O  N N 279 
SER CB   C  N N 280 
SER OG   O  N N 281 
SER OXT  O  N N 282 
SER H    H  N N 283 
SER H2   H  N N 284 
SER HA   H  N N 285 
SER HB2  H  N N 286 
SER HB3  H  N N 287 
SER HG   H  N N 288 
SER HXT  H  N N 289 
THR N    N  N N 290 
THR CA   C  N S 291 
THR C    C  N N 292 
THR O    O  N N 293 
THR CB   C  N R 294 
THR OG1  O  N N 295 
THR CG2  C  N N 296 
THR OXT  O  N N 297 
THR H    H  N N 298 
THR H2   H  N N 299 
THR HA   H  N N 300 
THR HB   H  N N 301 
THR HG1  H  N N 302 
THR HG21 H  N N 303 
THR HG22 H  N N 304 
THR HG23 H  N N 305 
THR HXT  H  N N 306 
TYR N    N  N N 307 
TYR CA   C  N S 308 
TYR C    C  N N 309 
TYR O    O  N N 310 
TYR CB   C  N N 311 
TYR CG   C  Y N 312 
TYR CD1  C  Y N 313 
TYR CD2  C  Y N 314 
TYR CE1  C  Y N 315 
TYR CE2  C  Y N 316 
TYR CZ   C  Y N 317 
TYR OH   O  N N 318 
TYR OXT  O  N N 319 
TYR H    H  N N 320 
TYR H2   H  N N 321 
TYR HA   H  N N 322 
TYR HB2  H  N N 323 
TYR HB3  H  N N 324 
TYR HD1  H  N N 325 
TYR HD2  H  N N 326 
TYR HE1  H  N N 327 
TYR HE2  H  N N 328 
TYR HH   H  N N 329 
TYR HXT  H  N N 330 
VAL N    N  N N 331 
VAL CA   C  N S 332 
VAL C    C  N N 333 
VAL O    O  N N 334 
VAL CB   C  N N 335 
VAL CG1  C  N N 336 
VAL CG2  C  N N 337 
VAL OXT  O  N N 338 
VAL H    H  N N 339 
VAL H2   H  N N 340 
VAL HA   H  N N 341 
VAL HB   H  N N 342 
VAL HG11 H  N N 343 
VAL HG12 H  N N 344 
VAL HG13 H  N N 345 
VAL HG21 H  N N 346 
VAL HG22 H  N N 347 
VAL HG23 H  N N 348 
VAL HXT  H  N N 349 
# 
loop_
_chem_comp_bond.comp_id 
_chem_comp_bond.atom_id_1 
_chem_comp_bond.atom_id_2 
_chem_comp_bond.value_order 
_chem_comp_bond.pdbx_aromatic_flag 
_chem_comp_bond.pdbx_stereo_config 
_chem_comp_bond.pdbx_ordinal 
ALA N   CA   sing N N 1   
ALA N   H    sing N N 2   
ALA N   H2   sing N N 3   
ALA CA  C    sing N N 4   
ALA CA  CB   sing N N 5   
ALA CA  HA   sing N N 6   
ALA C   O    doub N N 7   
ALA C   OXT  sing N N 8   
ALA CB  HB1  sing N N 9   
ALA CB  HB2  sing N N 10  
ALA CB  HB3  sing N N 11  
ALA OXT HXT  sing N N 12  
ARG N   CA   sing N N 13  
ARG N   H    sing N N 14  
ARG N   H2   sing N N 15  
ARG CA  C    sing N N 16  
ARG CA  CB   sing N N 17  
ARG CA  HA   sing N N 18  
ARG C   O    doub N N 19  
ARG C   OXT  sing N N 20  
ARG CB  CG   sing N N 21  
ARG CB  HB2  sing N N 22  
ARG CB  HB3  sing N N 23  
ARG CG  CD   sing N N 24  
ARG CG  HG2  sing N N 25  
ARG CG  HG3  sing N N 26  
ARG CD  NE   sing N N 27  
ARG CD  HD2  sing N N 28  
ARG CD  HD3  sing N N 29  
ARG NE  CZ   sing N N 30  
ARG NE  HE   sing N N 31  
ARG CZ  NH1  sing N N 32  
ARG CZ  NH2  doub N N 33  
ARG NH1 HH11 sing N N 34  
ARG NH1 HH12 sing N N 35  
ARG NH2 HH21 sing N N 36  
ARG NH2 HH22 sing N N 37  
ARG OXT HXT  sing N N 38  
ASN N   CA   sing N N 39  
ASN N   H    sing N N 40  
ASN N   H2   sing N N 41  
ASN CA  C    sing N N 42  
ASN CA  CB   sing N N 43  
ASN CA  HA   sing N N 44  
ASN C   O    doub N N 45  
ASN C   OXT  sing N N 46  
ASN CB  CG   sing N N 47  
ASN CB  HB2  sing N N 48  
ASN CB  HB3  sing N N 49  
ASN CG  OD1  doub N N 50  
ASN CG  ND2  sing N N 51  
ASN ND2 HD21 sing N N 52  
ASN ND2 HD22 sing N N 53  
ASN OXT HXT  sing N N 54  
ASP N   CA   sing N N 55  
ASP N   H    sing N N 56  
ASP N   H2   sing N N 57  
ASP CA  C    sing N N 58  
ASP CA  CB   sing N N 59  
ASP CA  HA   sing N N 60  
ASP C   O    doub N N 61  
ASP C   OXT  sing N N 62  
ASP CB  CG   sing N N 63  
ASP CB  HB2  sing N N 64  
ASP CB  HB3  sing N N 65  
ASP CG  OD1  doub N N 66  
ASP CG  OD2  sing N N 67  
ASP OD2 HD2  sing N N 68  
ASP OXT HXT  sing N N 69  
GLN N   CA   sing N N 70  
GLN N   H    sing N N 71  
GLN N   H2   sing N N 72  
GLN CA  C    sing N N 73  
GLN CA  CB   sing N N 74  
GLN CA  HA   sing N N 75  
GLN C   O    doub N N 76  
GLN C   OXT  sing N N 77  
GLN CB  CG   sing N N 78  
GLN CB  HB2  sing N N 79  
GLN CB  HB3  sing N N 80  
GLN CG  CD   sing N N 81  
GLN CG  HG2  sing N N 82  
GLN CG  HG3  sing N N 83  
GLN CD  OE1  doub N N 84  
GLN CD  NE2  sing N N 85  
GLN NE2 HE21 sing N N 86  
GLN NE2 HE22 sing N N 87  
GLN OXT HXT  sing N N 88  
GLU N   CA   sing N N 89  
GLU N   H    sing N N 90  
GLU N   H2   sing N N 91  
GLU CA  C    sing N N 92  
GLU CA  CB   sing N N 93  
GLU CA  HA   sing N N 94  
GLU C   O    doub N N 95  
GLU C   OXT  sing N N 96  
GLU CB  CG   sing N N 97  
GLU CB  HB2  sing N N 98  
GLU CB  HB3  sing N N 99  
GLU CG  CD   sing N N 100 
GLU CG  HG2  sing N N 101 
GLU CG  HG3  sing N N 102 
GLU CD  OE1  doub N N 103 
GLU CD  OE2  sing N N 104 
GLU OE2 HE2  sing N N 105 
GLU OXT HXT  sing N N 106 
GLY N   CA   sing N N 107 
GLY N   H    sing N N 108 
GLY N   H2   sing N N 109 
GLY CA  C    sing N N 110 
GLY CA  HA2  sing N N 111 
GLY CA  HA3  sing N N 112 
GLY C   O    doub N N 113 
GLY C   OXT  sing N N 114 
GLY OXT HXT  sing N N 115 
HIS N   CA   sing N N 116 
HIS N   H    sing N N 117 
HIS N   H2   sing N N 118 
HIS CA  C    sing N N 119 
HIS CA  CB   sing N N 120 
HIS CA  HA   sing N N 121 
HIS C   O    doub N N 122 
HIS C   OXT  sing N N 123 
HIS CB  CG   sing N N 124 
HIS CB  HB2  sing N N 125 
HIS CB  HB3  sing N N 126 
HIS CG  ND1  sing Y N 127 
HIS CG  CD2  doub Y N 128 
HIS ND1 CE1  doub Y N 129 
HIS ND1 HD1  sing N N 130 
HIS CD2 NE2  sing Y N 131 
HIS CD2 HD2  sing N N 132 
HIS CE1 NE2  sing Y N 133 
HIS CE1 HE1  sing N N 134 
HIS NE2 HE2  sing N N 135 
HIS OXT HXT  sing N N 136 
HOH O   H1   sing N N 137 
HOH O   H2   sing N N 138 
ILE N   CA   sing N N 139 
ILE N   H    sing N N 140 
ILE N   H2   sing N N 141 
ILE CA  C    sing N N 142 
ILE CA  CB   sing N N 143 
ILE CA  HA   sing N N 144 
ILE C   O    doub N N 145 
ILE C   OXT  sing N N 146 
ILE CB  CG1  sing N N 147 
ILE CB  CG2  sing N N 148 
ILE CB  HB   sing N N 149 
ILE CG1 CD1  sing N N 150 
ILE CG1 HG12 sing N N 151 
ILE CG1 HG13 sing N N 152 
ILE CG2 HG21 sing N N 153 
ILE CG2 HG22 sing N N 154 
ILE CG2 HG23 sing N N 155 
ILE CD1 HD11 sing N N 156 
ILE CD1 HD12 sing N N 157 
ILE CD1 HD13 sing N N 158 
ILE OXT HXT  sing N N 159 
LEU N   CA   sing N N 160 
LEU N   H    sing N N 161 
LEU N   H2   sing N N 162 
LEU CA  C    sing N N 163 
LEU CA  CB   sing N N 164 
LEU CA  HA   sing N N 165 
LEU C   O    doub N N 166 
LEU C   OXT  sing N N 167 
LEU CB  CG   sing N N 168 
LEU CB  HB2  sing N N 169 
LEU CB  HB3  sing N N 170 
LEU CG  CD1  sing N N 171 
LEU CG  CD2  sing N N 172 
LEU CG  HG   sing N N 173 
LEU CD1 HD11 sing N N 174 
LEU CD1 HD12 sing N N 175 
LEU CD1 HD13 sing N N 176 
LEU CD2 HD21 sing N N 177 
LEU CD2 HD22 sing N N 178 
LEU CD2 HD23 sing N N 179 
LEU OXT HXT  sing N N 180 
LYS N   CA   sing N N 181 
LYS N   H    sing N N 182 
LYS N   H2   sing N N 183 
LYS CA  C    sing N N 184 
LYS CA  CB   sing N N 185 
LYS CA  HA   sing N N 186 
LYS C   O    doub N N 187 
LYS C   OXT  sing N N 188 
LYS CB  CG   sing N N 189 
LYS CB  HB2  sing N N 190 
LYS CB  HB3  sing N N 191 
LYS CG  CD   sing N N 192 
LYS CG  HG2  sing N N 193 
LYS CG  HG3  sing N N 194 
LYS CD  CE   sing N N 195 
LYS CD  HD2  sing N N 196 
LYS CD  HD3  sing N N 197 
LYS CE  NZ   sing N N 198 
LYS CE  HE2  sing N N 199 
LYS CE  HE3  sing N N 200 
LYS NZ  HZ1  sing N N 201 
LYS NZ  HZ2  sing N N 202 
LYS NZ  HZ3  sing N N 203 
LYS OXT HXT  sing N N 204 
MSE N   CA   sing N N 205 
MSE N   H    sing N N 206 
MSE N   H2   sing N N 207 
MSE CA  C    sing N N 208 
MSE CA  CB   sing N N 209 
MSE CA  HA   sing N N 210 
MSE C   O    doub N N 211 
MSE C   OXT  sing N N 212 
MSE OXT HXT  sing N N 213 
MSE CB  CG   sing N N 214 
MSE CB  HB2  sing N N 215 
MSE CB  HB3  sing N N 216 
MSE CG  SE   sing N N 217 
MSE CG  HG2  sing N N 218 
MSE CG  HG3  sing N N 219 
MSE SE  CE   sing N N 220 
MSE CE  HE1  sing N N 221 
MSE CE  HE2  sing N N 222 
MSE CE  HE3  sing N N 223 
PHE N   CA   sing N N 224 
PHE N   H    sing N N 225 
PHE N   H2   sing N N 226 
PHE CA  C    sing N N 227 
PHE CA  CB   sing N N 228 
PHE CA  HA   sing N N 229 
PHE C   O    doub N N 230 
PHE C   OXT  sing N N 231 
PHE CB  CG   sing N N 232 
PHE CB  HB2  sing N N 233 
PHE CB  HB3  sing N N 234 
PHE CG  CD1  doub Y N 235 
PHE CG  CD2  sing Y N 236 
PHE CD1 CE1  sing Y N 237 
PHE CD1 HD1  sing N N 238 
PHE CD2 CE2  doub Y N 239 
PHE CD2 HD2  sing N N 240 
PHE CE1 CZ   doub Y N 241 
PHE CE1 HE1  sing N N 242 
PHE CE2 CZ   sing Y N 243 
PHE CE2 HE2  sing N N 244 
PHE CZ  HZ   sing N N 245 
PHE OXT HXT  sing N N 246 
PRO N   CA   sing N N 247 
PRO N   CD   sing N N 248 
PRO N   H    sing N N 249 
PRO CA  C    sing N N 250 
PRO CA  CB   sing N N 251 
PRO CA  HA   sing N N 252 
PRO C   O    doub N N 253 
PRO C   OXT  sing N N 254 
PRO CB  CG   sing N N 255 
PRO CB  HB2  sing N N 256 
PRO CB  HB3  sing N N 257 
PRO CG  CD   sing N N 258 
PRO CG  HG2  sing N N 259 
PRO CG  HG3  sing N N 260 
PRO CD  HD2  sing N N 261 
PRO CD  HD3  sing N N 262 
PRO OXT HXT  sing N N 263 
SER N   CA   sing N N 264 
SER N   H    sing N N 265 
SER N   H2   sing N N 266 
SER CA  C    sing N N 267 
SER CA  CB   sing N N 268 
SER CA  HA   sing N N 269 
SER C   O    doub N N 270 
SER C   OXT  sing N N 271 
SER CB  OG   sing N N 272 
SER CB  HB2  sing N N 273 
SER CB  HB3  sing N N 274 
SER OG  HG   sing N N 275 
SER OXT HXT  sing N N 276 
THR N   CA   sing N N 277 
THR N   H    sing N N 278 
THR N   H2   sing N N 279 
THR CA  C    sing N N 280 
THR CA  CB   sing N N 281 
THR CA  HA   sing N N 282 
THR C   O    doub N N 283 
THR C   OXT  sing N N 284 
THR CB  OG1  sing N N 285 
THR CB  CG2  sing N N 286 
THR CB  HB   sing N N 287 
THR OG1 HG1  sing N N 288 
THR CG2 HG21 sing N N 289 
THR CG2 HG22 sing N N 290 
THR CG2 HG23 sing N N 291 
THR OXT HXT  sing N N 292 
TYR N   CA   sing N N 293 
TYR N   H    sing N N 294 
TYR N   H2   sing N N 295 
TYR CA  C    sing N N 296 
TYR CA  CB   sing N N 297 
TYR CA  HA   sing N N 298 
TYR C   O    doub N N 299 
TYR C   OXT  sing N N 300 
TYR CB  CG   sing N N 301 
TYR CB  HB2  sing N N 302 
TYR CB  HB3  sing N N 303 
TYR CG  CD1  doub Y N 304 
TYR CG  CD2  sing Y N 305 
TYR CD1 CE1  sing Y N 306 
TYR CD1 HD1  sing N N 307 
TYR CD2 CE2  doub Y N 308 
TYR CD2 HD2  sing N N 309 
TYR CE1 CZ   doub Y N 310 
TYR CE1 HE1  sing N N 311 
TYR CE2 CZ   sing Y N 312 
TYR CE2 HE2  sing N N 313 
TYR CZ  OH   sing N N 314 
TYR OH  HH   sing N N 315 
TYR OXT HXT  sing N N 316 
VAL N   CA   sing N N 317 
VAL N   H    sing N N 318 
VAL N   H2   sing N N 319 
VAL CA  C    sing N N 320 
VAL CA  CB   sing N N 321 
VAL CA  HA   sing N N 322 
VAL C   O    doub N N 323 
VAL C   OXT  sing N N 324 
VAL CB  CG1  sing N N 325 
VAL CB  CG2  sing N N 326 
VAL CB  HB   sing N N 327 
VAL CG1 HG11 sing N N 328 
VAL CG1 HG12 sing N N 329 
VAL CG1 HG13 sing N N 330 
VAL CG2 HG21 sing N N 331 
VAL CG2 HG22 sing N N 332 
VAL CG2 HG23 sing N N 333 
VAL OXT HXT  sing N N 334 
# 
_atom_sites.entry_id                    3HX1 
_atom_sites.fract_transf_matrix[1][1]   0.00702253 
_atom_sites.fract_transf_matrix[1][2]   -0.00799322 
_atom_sites.fract_transf_matrix[1][3]   -0.01760694 
_atom_sites.fract_transf_matrix[2][1]   -0.00164256 
_atom_sites.fract_transf_matrix[2][2]   0.01066474 
_atom_sites.fract_transf_matrix[2][3]   -0.01751492 
_atom_sites.fract_transf_matrix[3][1]   0.00307464 
_atom_sites.fract_transf_matrix[3][2]   0.00142506 
_atom_sites.fract_transf_matrix[3][3]   0.00057937 
_atom_sites.fract_transf_vector[1]      0.082373 
_atom_sites.fract_transf_vector[2]      0.025572 
_atom_sites.fract_transf_vector[3]      0.541608 
# 
loop_
_atom_type.symbol 
C  
N  
O  
SE 
# 
loop_
_atom_site.group_PDB 
_atom_site.id 
_atom_site.type_symbol 
_atom_site.label_atom_id 
_atom_site.label_alt_id 
_atom_site.label_comp_id 
_atom_site.label_asym_id 
_atom_site.label_entity_id 
_atom_site.label_seq_id 
_atom_site.pdbx_PDB_ins_code 
_atom_site.Cartn_x 
_atom_site.Cartn_y 
_atom_site.Cartn_z 
_atom_site.occupancy 
_atom_site.B_iso_or_equiv 
_atom_site.pdbx_formal_charge 
_atom_site.auth_seq_id 
_atom_site.auth_comp_id 
_atom_site.auth_asym_id 
_atom_site.auth_atom_id 
_atom_site.pdbx_PDB_model_num 
ATOM   1    N  N   . LEU A 1 9   ? -15.211 17.920  7.885   1.00 71.05 ? 9   LEU A N   1 
ATOM   2    C  CA  . LEU A 1 9   ? -15.439 16.832  8.882   1.00 82.05 ? 9   LEU A CA  1 
ATOM   3    C  C   . LEU A 1 9   ? -14.317 15.811  8.809   1.00 83.84 ? 9   LEU A C   1 
ATOM   4    O  O   . LEU A 1 9   ? -14.460 14.772  8.172   1.00 90.50 ? 9   LEU A O   1 
ATOM   5    C  CB  . LEU A 1 9   ? -16.774 16.138  8.607   1.00 90.65 ? 9   LEU A CB  1 
ATOM   6    C  CG  . LEU A 1 9   ? -18.002 17.052  8.597   1.00 99.00 ? 9   LEU A CG  1 
ATOM   7    C  CD1 . LEU A 1 9   ? -19.247 16.230  8.270   1.00 99.00 ? 9   LEU A CD1 1 
ATOM   8    C  CD2 . LEU A 1 9   ? -18.140 17.745  9.954   1.00 99.00 ? 9   LEU A CD2 1 
ATOM   9    N  N   . GLN A 1 10  ? -13.201 16.115  9.463   1.00 78.81 ? 10  GLN A N   1 
ATOM   10   C  CA  . GLN A 1 10  ? -12.043 15.230  9.468   1.00 76.46 ? 10  GLN A CA  1 
ATOM   11   C  C   . GLN A 1 10  ? -12.415 13.775  9.775   1.00 78.50 ? 10  GLN A C   1 
ATOM   12   O  O   . GLN A 1 10  ? -13.233 13.510  10.660  1.00 82.18 ? 10  GLN A O   1 
ATOM   13   C  CB  . GLN A 1 10  ? -11.024 15.722  10.493  1.00 76.13 ? 10  GLN A CB  1 
ATOM   14   C  CG  . GLN A 1 10  ? -10.570 17.152  10.290  1.00 83.31 ? 10  GLN A CG  1 
ATOM   15   C  CD  . GLN A 1 10  ? -9.872  17.706  11.518  1.00 93.09 ? 10  GLN A CD  1 
ATOM   16   O  OE1 . GLN A 1 10  ? -10.475 17.816  12.588  1.00 92.74 ? 10  GLN A OE1 1 
ATOM   17   N  NE2 . GLN A 1 10  ? -8.596  18.054  11.373  1.00 98.19 ? 10  GLN A NE2 1 
ATOM   18   N  N   . GLU A 1 11  ? -11.813 12.840  9.042   1.00 66.60 ? 11  GLU A N   1 
ATOM   19   C  CA  . GLU A 1 11  ? -12.079 11.418  9.249   1.00 64.47 ? 11  GLU A CA  1 
ATOM   20   C  C   . GLU A 1 11  ? -10.815 10.631  9.598   1.00 58.26 ? 11  GLU A C   1 
ATOM   21   O  O   . GLU A 1 11  ? -9.705  11.020  9.222   1.00 58.37 ? 11  GLU A O   1 
ATOM   22   C  CB  . GLU A 1 11  ? -12.754 10.816  8.008   1.00 71.68 ? 11  GLU A CB  1 
ATOM   23   C  CG  . GLU A 1 11  ? -12.175 11.271  6.668   1.00 72.13 ? 11  GLU A CG  1 
ATOM   24   C  CD  . GLU A 1 11  ? -12.909 10.664  5.475   1.00 67.41 ? 11  GLU A CD  1 
ATOM   25   O  OE1 . GLU A 1 11  ? -14.046 10.177  5.658   1.00 63.72 ? 11  GLU A OE1 1 
ATOM   26   O  OE2 . GLU A 1 11  ? -12.357 10.683  4.353   1.00 66.65 ? 11  GLU A OE2 1 
ATOM   27   N  N   . HIS A 1 12  ? -11.002 9.532   10.328  1.00 46.94 ? 12  HIS A N   1 
ATOM   28   C  CA  . HIS A 1 12  ? -9.907  8.669   10.769  1.00 52.66 ? 12  HIS A CA  1 
ATOM   29   C  C   . HIS A 1 12  ? -9.505  7.700   9.672   1.00 50.18 ? 12  HIS A C   1 
ATOM   30   O  O   . HIS A 1 12  ? -10.279 6.806   9.317   1.00 51.36 ? 12  HIS A O   1 
ATOM   31   C  CB  . HIS A 1 12  ? -10.336 7.886   12.011  1.00 49.83 ? 12  HIS A CB  1 
ATOM   32   C  CG  . HIS A 1 12  ? -10.764 8.760   13.150  1.00 58.52 ? 12  HIS A CG  1 
ATOM   33   N  ND1 . HIS A 1 12  ? -9.884  9.558   13.843  1.00 67.06 ? 12  HIS A ND1 1 
ATOM   34   C  CD2 . HIS A 1 12  ? -11.987 8.988   13.688  1.00 56.74 ? 12  HIS A CD2 1 
ATOM   35   C  CE1 . HIS A 1 12  ? -10.544 10.244  14.763  1.00 52.94 ? 12  HIS A CE1 1 
ATOM   36   N  NE2 . HIS A 1 12  ? -11.819 9.916   14.689  1.00 51.26 ? 12  HIS A NE2 1 
ATOM   37   N  N   . ILE A 1 13  ? -8.292  7.874   9.145   1.00 49.30 ? 13  ILE A N   1 
ATOM   38   C  CA  . ILE A 1 13  ? -7.790  7.025   8.070   1.00 46.63 ? 13  ILE A CA  1 
ATOM   39   C  C   . ILE A 1 13  ? -6.560  6.231   8.473   1.00 47.15 ? 13  ILE A C   1 
ATOM   40   O  O   . ILE A 1 13  ? -5.609  6.775   9.038   1.00 39.29 ? 13  ILE A O   1 
ATOM   41   C  CB  . ILE A 1 13  ? -7.426  7.853   6.819   1.00 43.24 ? 13  ILE A CB  1 
ATOM   42   C  CG1 . ILE A 1 13  ? -8.664  8.568   6.274   1.00 46.35 ? 13  ILE A CG1 1 
ATOM   43   C  CG2 . ILE A 1 13  ? -6.839  6.948   5.753   1.00 39.24 ? 13  ILE A CG2 1 
ATOM   44   C  CD1 . ILE A 1 13  ? -9.819  7.646   5.953   1.00 49.41 ? 13  ILE A CD1 1 
ATOM   45   N  N   . LEU A 1 14  ? -6.579  4.942   8.157   1.00 45.88 ? 14  LEU A N   1 
ATOM   46   C  CA  . LEU A 1 14  ? -5.471  4.060   8.475   1.00 44.50 ? 14  LEU A CA  1 
ATOM   47   C  C   . LEU A 1 14  ? -4.790  3.588   7.186   1.00 45.69 ? 14  LEU A C   1 
ATOM   48   O  O   . LEU A 1 14  ? -5.400  2.851   6.401   1.00 44.49 ? 14  LEU A O   1 
ATOM   49   C  CB  . LEU A 1 14  ? -5.994  2.849   9.257   1.00 36.76 ? 14  LEU A CB  1 
ATOM   50   C  CG  . LEU A 1 14  ? -5.049  2.214   10.275  1.00 39.05 ? 14  LEU A CG  1 
ATOM   51   C  CD1 . LEU A 1 14  ? -4.644  3.269   11.301  1.00 39.44 ? 14  LEU A CD1 1 
ATOM   52   C  CD2 . LEU A 1 14  ? -5.725  1.037   10.958  1.00 37.27 ? 14  LEU A CD2 1 
ATOM   53   N  N   . ILE A 1 15  ? -3.546  4.018   6.958   1.00 43.48 ? 15  ILE A N   1 
ATOM   54   C  CA  . ILE A 1 15  ? -2.809  3.586   5.773   1.00 44.54 ? 15  ILE A CA  1 
ATOM   55   C  C   . ILE A 1 15  ? -2.042  2.313   6.132   1.00 44.40 ? 15  ILE A C   1 
ATOM   56   O  O   . ILE A 1 15  ? -1.077  2.338   6.904   1.00 42.62 ? 15  ILE A O   1 
ATOM   57   C  CB  . ILE A 1 15  ? -1.803  4.654   5.284   1.00 38.04 ? 15  ILE A CB  1 
ATOM   58   C  CG1 . ILE A 1 15  ? -2.535  5.956   4.958   1.00 36.53 ? 15  ILE A CG1 1 
ATOM   59   C  CG2 . ILE A 1 15  ? -1.059  4.152   4.044   1.00 28.54 ? 15  ILE A CG2 1 
ATOM   60   C  CD1 . ILE A 1 15  ? -2.782  6.822   6.164   1.00 40.89 ? 15  ILE A CD1 1 
ATOM   61   N  N   . ILE A 1 16  ? -2.479  1.196   5.569   1.00 36.60 ? 16  ILE A N   1 
ATOM   62   C  CA  . ILE A 1 16  ? -1.862  -0.092  5.844   1.00 36.20 ? 16  ILE A CA  1 
ATOM   63   C  C   . ILE A 1 16  ? -0.926  -0.562  4.739   1.00 35.90 ? 16  ILE A C   1 
ATOM   64   O  O   . ILE A 1 16  ? -1.273  -0.536  3.555   1.00 39.34 ? 16  ILE A O   1 
ATOM   65   C  CB  . ILE A 1 16  ? -2.947  -1.170  6.063   1.00 33.22 ? 16  ILE A CB  1 
ATOM   66   C  CG1 . ILE A 1 16  ? -3.830  -0.764  7.246   1.00 43.16 ? 16  ILE A CG1 1 
ATOM   67   C  CG2 . ILE A 1 16  ? -2.297  -2.538  6.294   1.00 31.59 ? 16  ILE A CG2 1 
ATOM   68   C  CD1 . ILE A 1 16  ? -5.090  -1.557  7.362   1.00 42.30 ? 16  ILE A CD1 1 
ATOM   69   N  N   . LEU A 1 17  ? 0.262   -1.000  5.143   1.00 41.22 ? 17  LEU A N   1 
ATOM   70   C  CA  . LEU A 1 17  ? 1.257   -1.498  4.207   1.00 43.48 ? 17  LEU A CA  1 
ATOM   71   C  C   . LEU A 1 17  ? 1.668   -2.906  4.598   1.00 44.29 ? 17  LEU A C   1 
ATOM   72   O  O   . LEU A 1 17  ? 2.244   -3.111  5.666   1.00 43.04 ? 17  LEU A O   1 
ATOM   73   C  CB  . LEU A 1 17  ? 2.491   -0.603  4.211   1.00 44.55 ? 17  LEU A CB  1 
ATOM   74   C  CG  . LEU A 1 17  ? 3.630   -1.134  3.341   1.00 47.66 ? 17  LEU A CG  1 
ATOM   75   C  CD1 . LEU A 1 17  ? 3.131   -1.290  1.910   1.00 43.94 ? 17  LEU A CD1 1 
ATOM   76   C  CD2 . LEU A 1 17  ? 4.821   -0.195  3.401   1.00 37.83 ? 17  LEU A CD2 1 
ATOM   77   N  N   . ASP A 1 18  ? 1.379   -3.871  3.732   1.00 40.29 ? 18  ASP A N   1 
ATOM   78   C  CA  . ASP A 1 18  ? 1.735   -5.261  3.995   1.00 42.68 ? 18  ASP A CA  1 
ATOM   79   C  C   . ASP A 1 18  ? 1.919   -6.042  2.701   1.00 36.72 ? 18  ASP A C   1 
ATOM   80   O  O   . ASP A 1 18  ? 1.924   -5.469  1.618   1.00 43.24 ? 18  ASP A O   1 
ATOM   81   C  CB  . ASP A 1 18  ? 0.656   -5.930  4.840   1.00 40.75 ? 18  ASP A CB  1 
ATOM   82   C  CG  . ASP A 1 18  ? -0.739  -5.754  4.253   1.00 45.22 ? 18  ASP A CG  1 
ATOM   83   O  OD1 . ASP A 1 18  ? -0.861  -5.428  3.046   1.00 58.06 ? 18  ASP A OD1 1 
ATOM   84   O  OD2 . ASP A 1 18  ? -1.719  -5.957  5.000   1.00 29.13 ? 18  ASP A OD2 1 
ATOM   85   N  N   . ASP A 1 19  ? 2.072   -7.355  2.825   1.00 35.28 ? 19  ASP A N   1 
ATOM   86   C  CA  . ASP A 1 19  ? 2.256   -8.239  1.672   1.00 37.71 ? 19  ASP A CA  1 
ATOM   87   C  C   . ASP A 1 19  ? 1.303   -7.937  0.508   1.00 41.26 ? 19  ASP A C   1 
ATOM   88   O  O   . ASP A 1 19  ? 1.614   -8.236  -0.644  1.00 47.78 ? 19  ASP A O   1 
ATOM   89   C  CB  . ASP A 1 19  ? 2.079   -9.708  2.096   1.00 21.19 ? 19  ASP A CB  1 
ATOM   90   C  CG  . ASP A 1 19  ? 3.114   -10.161 3.117   1.00 35.95 ? 19  ASP A CG  1 
ATOM   91   O  OD1 . ASP A 1 19  ? 3.947   -9.326  3.544   1.00 40.84 ? 19  ASP A OD1 1 
ATOM   92   O  OD2 . ASP A 1 19  ? 3.090   -11.356 3.490   1.00 46.99 ? 19  ASP A OD2 1 
ATOM   93   N  N   . ALA A 1 20  ? 0.143   -7.353  0.808   1.00 21.55 ? 20  ALA A N   1 
ATOM   94   C  CA  . ALA A 1 20  ? -0.842  -7.026  -0.222  1.00 36.62 ? 20  ALA A CA  1 
ATOM   95   C  C   . ALA A 1 20  ? -0.704  -5.619  -0.795  1.00 38.68 ? 20  ALA A C   1 
ATOM   96   O  O   . ALA A 1 20  ? -1.540  -5.197  -1.601  1.00 42.76 ? 20  ALA A O   1 
ATOM   97   C  CB  . ALA A 1 20  ? -2.248  -7.203  0.332   1.00 41.45 ? 20  ALA A CB  1 
ATOM   98   N  N   . GLY A 1 21  ? 0.337   -4.897  -0.380  1.00 25.51 ? 21  GLY A N   1 
ATOM   99   C  CA  . GLY A 1 21  ? 0.550   -3.552  -0.870  1.00 27.87 ? 21  GLY A CA  1 
ATOM   100  C  C   . GLY A 1 21  ? 0.071   -2.493  0.104   1.00 35.79 ? 21  GLY A C   1 
ATOM   101  O  O   . GLY A 1 21  ? -0.264  -2.791  1.247   1.00 24.51 ? 21  GLY A O   1 
ATOM   102  N  N   . ARG A 1 22  ? 0.033   -1.245  -0.344  1.00 37.77 ? 22  ARG A N   1 
ATOM   103  C  CA  . ARG A 1 22  ? -0.404  -0.156  0.513   1.00 34.29 ? 22  ARG A CA  1 
ATOM   104  C  C   . ARG A 1 22  ? -1.872  0.168   0.228   1.00 34.88 ? 22  ARG A C   1 
ATOM   105  O  O   . ARG A 1 22  ? -2.248  0.368   -0.931  1.00 28.85 ? 22  ARG A O   1 
ATOM   106  C  CB  . ARG A 1 22  ? 0.480   1.074   0.267   1.00 30.39 ? 22  ARG A CB  1 
ATOM   107  C  CG  . ARG A 1 22  ? 0.112   2.253   1.129   1.00 26.64 ? 22  ARG A CG  1 
ATOM   108  C  CD  . ARG A 1 22  ? 1.004   3.484   0.918   1.00 23.06 ? 22  ARG A CD  1 
ATOM   109  N  NE  . ARG A 1 22  ? 2.393   3.257   1.314   1.00 24.47 ? 22  ARG A NE  1 
ATOM   110  C  CZ  . ARG A 1 22  ? 3.344   2.808   0.498   1.00 47.87 ? 22  ARG A CZ  1 
ATOM   111  N  NH1 . ARG A 1 22  ? 3.078   2.527   -0.776  1.00 45.65 ? 22  ARG A NH1 1 
ATOM   112  N  NH2 . ARG A 1 22  ? 4.576   2.642   0.957   1.00 58.71 ? 22  ARG A NH2 1 
ATOM   113  N  N   . ARG A 1 23  ? -2.702  0.209   1.270   1.00 36.46 ? 23  ARG A N   1 
ATOM   114  C  CA  . ARG A 1 23  ? -4.125  0.518   1.080   1.00 38.71 ? 23  ARG A CA  1 
ATOM   115  C  C   . ARG A 1 23  ? -4.659  1.343   2.238   1.00 41.81 ? 23  ARG A C   1 
ATOM   116  O  O   . ARG A 1 23  ? -4.052  1.389   3.304   1.00 33.22 ? 23  ARG A O   1 
ATOM   117  C  CB  . ARG A 1 23  ? -4.948  -0.753  0.990   1.00 34.29 ? 23  ARG A CB  1 
ATOM   118  C  CG  . ARG A 1 23  ? -5.176  -1.412  2.344   1.00 54.61 ? 23  ARG A CG  1 
ATOM   119  C  CD  . ARG A 1 23  ? -5.979  -2.681  2.196   1.00 68.40 ? 23  ARG A CD  1 
ATOM   120  N  NE  . ARG A 1 23  ? -5.385  -3.769  2.958   1.00 69.62 ? 23  ARG A NE  1 
ATOM   121  C  CZ  . ARG A 1 23  ? -5.562  -3.960  4.258   1.00 66.33 ? 23  ARG A CZ  1 
ATOM   122  N  NH1 . ARG A 1 23  ? -6.328  -3.137  4.960   1.00 73.82 ? 23  ARG A NH1 1 
ATOM   123  N  NH2 . ARG A 1 23  ? -4.961  -4.975  4.856   1.00 64.03 ? 23  ARG A NH2 1 
ATOM   124  N  N   . GLU A 1 24  ? -5.804  1.984   2.032   1.00 39.62 ? 24  GLU A N   1 
ATOM   125  C  CA  . GLU A 1 24  ? -6.402  2.809   3.075   1.00 36.83 ? 24  GLU A CA  1 
ATOM   126  C  C   . GLU A 1 24  ? -7.698  2.242   3.648   1.00 47.80 ? 24  GLU A C   1 
ATOM   127  O  O   . GLU A 1 24  ? -8.516  1.664   2.935   1.00 44.13 ? 24  GLU A O   1 
ATOM   128  C  CB  . GLU A 1 24  ? -6.641  4.227   2.558   1.00 41.74 ? 24  GLU A CB  1 
ATOM   129  C  CG  . GLU A 1 24  ? -5.436  5.143   2.702   1.00 49.21 ? 24  GLU A CG  1 
ATOM   130  C  CD  . GLU A 1 24  ? -5.682  6.532   2.134   1.00 49.36 ? 24  GLU A CD  1 
ATOM   131  O  OE1 . GLU A 1 24  ? -6.851  6.971   2.103   1.00 48.19 ? 24  GLU A OE1 1 
ATOM   132  O  OE2 . GLU A 1 24  ? -4.701  7.193   1.734   1.00 50.77 ? 24  GLU A OE2 1 
ATOM   133  N  N   . VAL A 1 25  ? -7.858  2.411   4.956   1.00 48.62 ? 25  VAL A N   1 
ATOM   134  C  CA  . VAL A 1 25  ? -9.025  1.945   5.681   1.00 45.30 ? 25  VAL A CA  1 
ATOM   135  C  C   . VAL A 1 25  ? -9.606  3.122   6.441   1.00 43.46 ? 25  VAL A C   1 
ATOM   136  O  O   . VAL A 1 25  ? -8.872  3.921   7.034   1.00 42.61 ? 25  VAL A O   1 
ATOM   137  C  CB  . VAL A 1 25  ? -8.646  0.859   6.700   1.00 44.16 ? 25  VAL A CB  1 
ATOM   138  C  CG1 . VAL A 1 25  ? -9.862  0.452   7.504   1.00 38.42 ? 25  VAL A CG1 1 
ATOM   139  C  CG2 . VAL A 1 25  ? -8.058  -0.333  5.986   1.00 50.88 ? 25  VAL A CG2 1 
ATOM   140  N  N   . LEU A 1 26  ? -10.927 3.241   6.421   1.00 35.49 ? 26  LEU A N   1 
ATOM   141  C  CA  . LEU A 1 26  ? -11.583 4.321   7.138   1.00 38.96 ? 26  LEU A CA  1 
ATOM   142  C  C   . LEU A 1 26  ? -11.949 3.748   8.491   1.00 34.88 ? 26  LEU A C   1 
ATOM   143  O  O   . LEU A 1 26  ? -12.589 2.696   8.564   1.00 43.27 ? 26  LEU A O   1 
ATOM   144  C  CB  . LEU A 1 26  ? -12.839 4.758   6.397   1.00 32.31 ? 26  LEU A CB  1 
ATOM   145  C  CG  . LEU A 1 26  ? -13.639 5.831   7.122   1.00 48.10 ? 26  LEU A CG  1 
ATOM   146  C  CD1 . LEU A 1 26  ? -12.880 7.146   7.066   1.00 48.25 ? 26  LEU A CD1 1 
ATOM   147  C  CD2 . LEU A 1 26  ? -15.010 5.964   6.472   1.00 54.74 ? 26  LEU A CD2 1 
ATOM   148  N  N   . LEU A 1 27  ? -11.519 4.409   9.561   1.00 37.20 ? 27  LEU A N   1 
ATOM   149  C  CA  . LEU A 1 27  ? -11.823 3.934   10.908  1.00 47.93 ? 27  LEU A CA  1 
ATOM   150  C  C   . LEU A 1 27  ? -13.166 4.511   11.334  1.00 47.47 ? 27  LEU A C   1 
ATOM   151  O  O   . LEU A 1 27  ? -13.311 5.718   11.531  1.00 35.71 ? 27  LEU A O   1 
ATOM   152  C  CB  . LEU A 1 27  ? -10.715 4.345   11.867  1.00 48.86 ? 27  LEU A CB  1 
ATOM   153  C  CG  . LEU A 1 27  ? -9.870  3.189   12.405  1.00 46.25 ? 27  LEU A CG  1 
ATOM   154  C  CD1 . LEU A 1 27  ? -9.599  2.162   11.334  1.00 38.92 ? 27  LEU A CD1 1 
ATOM   155  C  CD2 . LEU A 1 27  ? -8.572  3.757   12.955  1.00 50.73 ? 27  LEU A CD2 1 
ATOM   156  N  N   . THR A 1 28  ? -14.143 3.625   11.476  1.00 53.41 ? 28  THR A N   1 
ATOM   157  C  CA  . THR A 1 28  ? -15.508 4.009   11.802  1.00 43.27 ? 28  THR A CA  1 
ATOM   158  C  C   . THR A 1 28  ? -16.023 3.516   13.146  1.00 49.14 ? 28  THR A C   1 
ATOM   159  O  O   . THR A 1 28  ? -16.785 4.211   13.820  1.00 55.84 ? 28  THR A O   1 
ATOM   160  C  CB  . THR A 1 28  ? -16.464 3.481   10.684  1.00 63.35 ? 28  THR A CB  1 
ATOM   161  O  OG1 . THR A 1 28  ? -16.418 4.358   9.551   1.00 62.60 ? 28  THR A OG1 1 
ATOM   162  C  CG2 . THR A 1 28  ? -17.888 3.355   11.189  1.00 68.46 ? 28  THR A CG2 1 
ATOM   163  N  N   . GLU A 1 29  ? -15.610 2.315   13.534  1.00 55.39 ? 29  GLU A N   1 
ATOM   164  C  CA  . GLU A 1 29  ? -16.090 1.719   14.772  1.00 44.39 ? 29  GLU A CA  1 
ATOM   165  C  C   . GLU A 1 29  ? -15.345 2.067   16.057  1.00 44.33 ? 29  GLU A C   1 
ATOM   166  O  O   . GLU A 1 29  ? -14.326 2.756   16.044  1.00 45.48 ? 29  GLU A O   1 
ATOM   167  C  CB  . GLU A 1 29  ? -16.156 0.195   14.614  1.00 44.79 ? 29  GLU A CB  1 
ATOM   168  C  CG  . GLU A 1 29  ? -17.108 -0.280  13.514  1.00 47.52 ? 29  GLU A CG  1 
ATOM   169  C  CD  . GLU A 1 29  ? -18.513 0.286   13.674  1.00 62.87 ? 29  GLU A CD  1 
ATOM   170  O  OE1 . GLU A 1 29  ? -19.146 0.024   14.718  1.00 73.96 ? 29  GLU A OE1 1 
ATOM   171  O  OE2 . GLU A 1 29  ? -18.981 0.999   12.757  1.00 62.03 ? 29  GLU A OE2 1 
ATOM   172  N  N   . THR A 1 30  ? -15.879 1.555   17.162  1.00 41.06 ? 30  THR A N   1 
ATOM   173  C  CA  . THR A 1 30  ? -15.354 1.778   18.500  1.00 40.80 ? 30  THR A CA  1 
ATOM   174  C  C   . THR A 1 30  ? -14.222 0.843   18.897  1.00 41.32 ? 30  THR A C   1 
ATOM   175  O  O   . THR A 1 30  ? -13.325 1.217   19.662  1.00 47.51 ? 30  THR A O   1 
ATOM   176  C  CB  . THR A 1 30  ? -16.479 1.619   19.528  1.00 47.09 ? 30  THR A CB  1 
ATOM   177  O  OG1 . THR A 1 30  ? -17.412 2.695   19.378  1.00 53.38 ? 30  THR A OG1 1 
ATOM   178  C  CG2 . THR A 1 30  ? -15.924 1.607   20.939  1.00 53.78 ? 30  THR A CG2 1 
ATOM   179  N  N   . PHE A 1 31  ? -14.273 -0.380  18.385  1.00 43.04 ? 31  PHE A N   1 
ATOM   180  C  CA  . PHE A 1 31  ? -13.273 -1.386  18.700  1.00 34.66 ? 31  PHE A CA  1 
ATOM   181  C  C   . PHE A 1 31  ? -12.894 -2.107  17.407  1.00 37.68 ? 31  PHE A C   1 
ATOM   182  O  O   . PHE A 1 31  ? -13.749 -2.396  16.571  1.00 47.83 ? 31  PHE A O   1 
ATOM   183  C  CB  . PHE A 1 31  ? -13.872 -2.370  19.708  1.00 32.98 ? 31  PHE A CB  1 
ATOM   184  C  CG  . PHE A 1 31  ? -12.918 -3.426  20.183  1.00 48.36 ? 31  PHE A CG  1 
ATOM   185  C  CD1 . PHE A 1 31  ? -12.073 -3.192  21.262  1.00 53.52 ? 31  PHE A CD1 1 
ATOM   186  C  CD2 . PHE A 1 31  ? -12.885 -4.668  19.565  1.00 47.18 ? 31  PHE A CD2 1 
ATOM   187  C  CE1 . PHE A 1 31  ? -11.212 -4.185  21.720  1.00 54.86 ? 31  PHE A CE1 1 
ATOM   188  C  CE2 . PHE A 1 31  ? -12.027 -5.666  20.015  1.00 43.85 ? 31  PHE A CE2 1 
ATOM   189  C  CZ  . PHE A 1 31  ? -11.189 -5.424  21.096  1.00 48.18 ? 31  PHE A CZ  1 
ATOM   190  N  N   . TYR A 1 32  ? -11.606 -2.384  17.240  1.00 42.63 ? 32  TYR A N   1 
ATOM   191  C  CA  . TYR A 1 32  ? -11.125 -3.074  16.052  1.00 38.97 ? 32  TYR A CA  1 
ATOM   192  C  C   . TYR A 1 32  ? -9.996  -4.012  16.426  1.00 44.83 ? 32  TYR A C   1 
ATOM   193  O  O   . TYR A 1 32  ? -9.040  -3.595  17.073  1.00 48.33 ? 32  TYR A O   1 
ATOM   194  C  CB  . TYR A 1 32  ? -10.571 -2.081  15.035  1.00 38.63 ? 32  TYR A CB  1 
ATOM   195  C  CG  . TYR A 1 32  ? -11.578 -1.321  14.210  1.00 41.48 ? 32  TYR A CG  1 
ATOM   196  C  CD1 . TYR A 1 32  ? -12.357 -1.964  13.247  1.00 43.66 ? 32  TYR A CD1 1 
ATOM   197  C  CD2 . TYR A 1 32  ? -11.699 0.063   14.336  1.00 44.99 ? 32  TYR A CD2 1 
ATOM   198  C  CE1 . TYR A 1 32  ? -13.220 -1.242  12.417  1.00 53.11 ? 32  TYR A CE1 1 
ATOM   199  C  CE2 . TYR A 1 32  ? -12.556 0.794   13.515  1.00 42.67 ? 32  TYR A CE2 1 
ATOM   200  C  CZ  . TYR A 1 32  ? -13.316 0.139   12.557  1.00 51.76 ? 32  TYR A CZ  1 
ATOM   201  O  OH  . TYR A 1 32  ? -14.149 0.874   11.738  1.00 60.22 ? 32  TYR A OH  1 
ATOM   202  N  N   . THR A 1 33  ? -10.095 -5.279  16.039  1.00 41.86 ? 33  THR A N   1 
ATOM   203  C  CA  . THR A 1 33  ? -9.000  -6.202  16.306  1.00 44.44 ? 33  THR A CA  1 
ATOM   204  C  C   . THR A 1 33  ? -8.169  -6.134  15.040  1.00 43.44 ? 33  THR A C   1 
ATOM   205  O  O   . THR A 1 33  ? -8.697  -5.864  13.960  1.00 38.59 ? 33  THR A O   1 
ATOM   206  C  CB  . THR A 1 33  ? -9.463  -7.657  16.524  1.00 43.37 ? 33  THR A CB  1 
ATOM   207  O  OG1 . THR A 1 33  ? -10.285 -8.071  15.426  1.00 43.09 ? 33  THR A OG1 1 
ATOM   208  C  CG2 . THR A 1 33  ? -10.234 -7.779  17.825  1.00 49.40 ? 33  THR A CG2 1 
ATOM   209  N  N   . ILE A 1 34  ? -6.874  -6.371  15.166  1.00 45.45 ? 34  ILE A N   1 
ATOM   210  C  CA  . ILE A 1 34  ? -5.988  -6.297  14.020  1.00 37.71 ? 34  ILE A CA  1 
ATOM   211  C  C   . ILE A 1 34  ? -5.081  -7.507  13.990  1.00 41.42 ? 34  ILE A C   1 
ATOM   212  O  O   . ILE A 1 34  ? -4.570  -7.932  15.030  1.00 35.97 ? 34  ILE A O   1 
ATOM   213  C  CB  . ILE A 1 34  ? -5.117  -5.040  14.111  1.00 40.22 ? 34  ILE A CB  1 
ATOM   214  C  CG1 . ILE A 1 34  ? -6.004  -3.795  14.121  1.00 48.38 ? 34  ILE A CG1 1 
ATOM   215  C  CG2 . ILE A 1 34  ? -4.141  -5.001  12.959  1.00 47.64 ? 34  ILE A CG2 1 
ATOM   216  C  CD1 . ILE A 1 34  ? -5.245  -2.523  14.401  1.00 56.30 ? 34  ILE A CD1 1 
ATOM   217  N  N   . GLY A 1 35  ? -4.870  -8.063  12.799  1.00 30.84 ? 35  GLY A N   1 
ATOM   218  C  CA  . GLY A 1 35  ? -4.010  -9.225  12.690  1.00 37.58 ? 35  GLY A CA  1 
ATOM   219  C  C   . GLY A 1 35  ? -4.014  -9.836  11.309  1.00 41.32 ? 35  GLY A C   1 
ATOM   220  O  O   . GLY A 1 35  ? -4.705  -9.350  10.414  1.00 36.64 ? 35  GLY A O   1 
ATOM   221  N  N   . ARG A 1 36  ? -3.250  -10.913 11.144  1.00 41.69 ? 36  ARG A N   1 
ATOM   222  C  CA  . ARG A 1 36  ? -3.138  -11.596 9.862   1.00 46.38 ? 36  ARG A CA  1 
ATOM   223  C  C   . ARG A 1 36  ? -4.264  -12.589 9.564   1.00 48.37 ? 36  ARG A C   1 
ATOM   224  O  O   . ARG A 1 36  ? -4.432  -13.018 8.420   1.00 56.02 ? 36  ARG A O   1 
ATOM   225  C  CB  . ARG A 1 36  ? -1.795  -12.333 9.778   1.00 43.44 ? 36  ARG A CB  1 
ATOM   226  C  CG  . ARG A 1 36  ? -1.678  -13.591 10.631  1.00 44.97 ? 36  ARG A CG  1 
ATOM   227  C  CD  . ARG A 1 36  ? -0.477  -14.404 10.157  1.00 43.61 ? 36  ARG A CD  1 
ATOM   228  N  NE  . ARG A 1 36  ? -0.347  -15.691 10.827  1.00 35.06 ? 36  ARG A NE  1 
ATOM   229  C  CZ  . ARG A 1 36  ? 0.586   -15.968 11.735  1.00 47.89 ? 36  ARG A CZ  1 
ATOM   230  N  NH1 . ARG A 1 36  ? 1.474   -15.044 12.082  1.00 50.10 ? 36  ARG A NH1 1 
ATOM   231  N  NH2 . ARG A 1 36  ? 0.643   -17.171 12.295  1.00 43.84 ? 36  ARG A NH2 1 
ATOM   232  N  N   . SER A 1 37  ? -5.031  -12.954 10.585  1.00 35.75 ? 37  SER A N   1 
ATOM   233  C  CA  . SER A 1 37  ? -6.111  -13.910 10.398  1.00 35.84 ? 37  SER A CA  1 
ATOM   234  C  C   . SER A 1 37  ? -7.402  -13.305 9.882   1.00 35.56 ? 37  SER A C   1 
ATOM   235  O  O   . SER A 1 37  ? -7.638  -12.104 10.017  1.00 26.56 ? 37  SER A O   1 
ATOM   236  C  CB  . SER A 1 37  ? -6.405  -14.638 11.710  1.00 48.02 ? 37  SER A CB  1 
ATOM   237  O  OG  . SER A 1 37  ? -7.743  -15.117 11.733  1.00 49.26 ? 37  SER A OG  1 
ATOM   238  N  N   . PRO A 1 38  ? -8.249  -14.135 9.256   1.00 39.05 ? 38  PRO A N   1 
ATOM   239  C  CA  . PRO A 1 38  ? -9.537  -13.682 8.723   1.00 35.14 ? 38  PRO A CA  1 
ATOM   240  C  C   . PRO A 1 38  ? -10.439 -13.234 9.872   1.00 34.96 ? 38  PRO A C   1 
ATOM   241  O  O   . PRO A 1 38  ? -11.397 -12.504 9.657   1.00 50.93 ? 38  PRO A O   1 
ATOM   242  C  CB  . PRO A 1 38  ? -10.079 -14.927 8.030   1.00 38.40 ? 38  PRO A CB  1 
ATOM   243  C  CG  . PRO A 1 38  ? -8.850  -15.598 7.545   1.00 39.95 ? 38  PRO A CG  1 
ATOM   244  C  CD  . PRO A 1 38  ? -7.930  -15.482 8.750   1.00 36.23 ? 38  PRO A CD  1 
ATOM   245  N  N   . ARG A 1 39  ? -10.125 -13.682 11.088  1.00 37.54 ? 39  ARG A N   1 
ATOM   246  C  CA  . ARG A 1 39  ? -10.900 -13.317 12.288  1.00 44.47 ? 39  ARG A CA  1 
ATOM   247  C  C   . ARG A 1 39  ? -10.820 -11.816 12.573  1.00 43.46 ? 39  ARG A C   1 
ATOM   248  O  O   . ARG A 1 39  ? -11.816 -11.189 12.937  1.00 52.36 ? 39  ARG A O   1 
ATOM   249  C  CB  . ARG A 1 39  ? -10.377 -14.060 13.527  1.00 53.08 ? 39  ARG A CB  1 
ATOM   250  C  CG  . ARG A 1 39  ? -11.042 -15.389 13.861  1.00 59.24 ? 39  ARG A CG  1 
ATOM   251  C  CD  . ARG A 1 39  ? -10.486 -15.936 15.179  1.00 74.14 ? 39  ARG A CD  1 
ATOM   252  N  NE  . ARG A 1 39  ? -9.034  -16.130 15.119  1.00 83.03 ? 39  ARG A NE  1 
ATOM   253  C  CZ  . ARG A 1 39  ? -8.217  -16.087 16.174  1.00 86.35 ? 39  ARG A CZ  1 
ATOM   254  N  NH1 . ARG A 1 39  ? -8.700  -15.855 17.389  1.00 84.14 ? 39  ARG A NH1 1 
ATOM   255  N  NH2 . ARG A 1 39  ? -6.913  -16.281 16.016  1.00 87.27 ? 39  ARG A NH2 1 
ATOM   256  N  N   . ALA A 1 40  ? -9.623  -11.260 12.420  1.00 47.75 ? 40  ALA A N   1 
ATOM   257  C  CA  . ALA A 1 40  ? -9.361  -9.843  12.664  1.00 47.44 ? 40  ALA A CA  1 
ATOM   258  C  C   . ALA A 1 40  ? -10.227 -8.909  11.825  1.00 44.83 ? 40  ALA A C   1 
ATOM   259  O  O   . ALA A 1 40  ? -10.463 -9.162  10.647  1.00 48.15 ? 40  ALA A O   1 
ATOM   260  C  CB  . ALA A 1 40  ? -7.867  -9.536  12.405  1.00 45.14 ? 40  ALA A CB  1 
ATOM   261  N  N   . ASP A 1 41  ? -10.684 -7.822  12.439  1.00 38.67 ? 41  ASP A N   1 
ATOM   262  C  CA  . ASP A 1 41  ? -11.504 -6.836  11.745  1.00 36.90 ? 41  ASP A CA  1 
ATOM   263  C  C   . ASP A 1 41  ? -10.698 -6.183  10.625  1.00 42.13 ? 41  ASP A C   1 
ATOM   264  O  O   . ASP A 1 41  ? -11.208 -5.968  9.529   1.00 40.05 ? 41  ASP A O   1 
ATOM   265  C  CB  . ASP A 1 41  ? -11.979 -5.772  12.729  1.00 41.00 ? 41  ASP A CB  1 
ATOM   266  C  CG  . ASP A 1 41  ? -12.775 -6.364  13.882  1.00 41.03 ? 41  ASP A CG  1 
ATOM   267  O  OD1 . ASP A 1 41  ? -13.896 -6.876  13.640  1.00 43.92 ? 41  ASP A OD1 1 
ATOM   268  O  OD2 . ASP A 1 41  ? -12.279 -6.325  15.034  1.00 41.87 ? 41  ASP A OD2 1 
ATOM   269  N  N   . ILE A 1 42  ? -9.433  -5.873  10.901  1.00 39.05 ? 42  ILE A N   1 
ATOM   270  C  CA  . ILE A 1 42  ? -8.560  -5.250  9.907   1.00 34.94 ? 42  ILE A CA  1 
ATOM   271  C  C   . ILE A 1 42  ? -7.404  -6.198  9.633   1.00 36.51 ? 42  ILE A C   1 
ATOM   272  O  O   . ILE A 1 42  ? -6.535  -6.374  10.474  1.00 24.51 ? 42  ILE A O   1 
ATOM   273  C  CB  . ILE A 1 42  ? -8.013  -3.916  10.429  1.00 38.52 ? 42  ILE A CB  1 
ATOM   274  C  CG1 . ILE A 1 42  ? -9.180  -2.954  10.691  1.00 44.15 ? 42  ILE A CG1 1 
ATOM   275  C  CG2 . ILE A 1 42  ? -7.038  -3.329  9.426   1.00 30.42 ? 42  ILE A CG2 1 
ATOM   276  C  CD1 . ILE A 1 42  ? -8.795  -1.686  11.404  1.00 39.38 ? 42  ILE A CD1 1 
ATOM   277  N  N   . ARG A 1 43  ? -7.382  -6.821  8.464   1.00 39.33 ? 43  ARG A N   1 
ATOM   278  C  CA  . ARG A 1 43  ? -6.317  -7.765  8.187   1.00 39.20 ? 43  ARG A CA  1 
ATOM   279  C  C   . ARG A 1 43  ? -5.028  -7.120  7.785   1.00 40.20 ? 43  ARG A C   1 
ATOM   280  O  O   . ARG A 1 43  ? -5.012  -6.232  6.937   1.00 33.38 ? 43  ARG A O   1 
ATOM   281  C  CB  . ARG A 1 43  ? -6.720  -8.761  7.094   1.00 43.83 ? 43  ARG A CB  1 
ATOM   282  C  CG  . ARG A 1 43  ? -7.822  -9.708  7.514   1.00 63.17 ? 43  ARG A CG  1 
ATOM   283  C  CD  . ARG A 1 43  ? -8.066  -10.775 6.461   1.00 64.83 ? 43  ARG A CD  1 
ATOM   284  N  NE  . ARG A 1 43  ? -6.971  -11.737 6.367   1.00 61.89 ? 43  ARG A NE  1 
ATOM   285  C  CZ  . ARG A 1 43  ? -6.963  -12.785 5.544   1.00 68.51 ? 43  ARG A CZ  1 
ATOM   286  N  NH1 . ARG A 1 43  ? -7.987  -13.018 4.732   1.00 63.82 ? 43  ARG A NH1 1 
ATOM   287  N  NH2 . ARG A 1 43  ? -5.927  -13.610 5.540   1.00 74.63 ? 43  ARG A NH2 1 
ATOM   288  N  N   . ILE A 1 44  ? -3.947  -7.551  8.428   1.00 48.64 ? 44  ILE A N   1 
ATOM   289  C  CA  . ILE A 1 44  ? -2.617  -7.075  8.092   1.00 52.17 ? 44  ILE A CA  1 
ATOM   290  C  C   . ILE A 1 44  ? -1.896  -8.334  7.636   1.00 56.35 ? 44  ILE A C   1 
ATOM   291  O  O   . ILE A 1 44  ? -1.412  -9.120  8.452   1.00 53.92 ? 44  ILE A O   1 
ATOM   292  C  CB  . ILE A 1 44  ? -1.871  -6.465  9.286   1.00 45.23 ? 44  ILE A CB  1 
ATOM   293  C  CG1 . ILE A 1 44  ? -2.312  -5.017  9.521   1.00 33.69 ? 44  ILE A CG1 1 
ATOM   294  C  CG2 . ILE A 1 44  ? -0.385  -6.431  8.978   1.00 54.37 ? 44  ILE A CG2 1 
ATOM   295  C  CD1 . ILE A 1 44  ? -3.746  -4.852  9.835   1.00 38.69 ? 44  ILE A CD1 1 
ATOM   296  N  N   . LYS A 1 45  ? -1.856  -8.516  6.319   1.00 56.34 ? 45  LYS A N   1 
ATOM   297  C  CA  . LYS A 1 45  ? -1.251  -9.679  5.688   1.00 49.15 ? 45  LYS A CA  1 
ATOM   298  C  C   . LYS A 1 45  ? 0.266   -9.757  5.795   1.00 47.41 ? 45  LYS A C   1 
ATOM   299  O  O   . LYS A 1 45  ? 0.982   -9.012  5.119   1.00 41.03 ? 45  LYS A O   1 
ATOM   300  C  CB  . LYS A 1 45  ? -1.662  -9.714  4.215   1.00 43.40 ? 45  LYS A CB  1 
ATOM   301  C  CG  . LYS A 1 45  ? -1.075  -10.857 3.399   1.00 63.52 ? 45  LYS A CG  1 
ATOM   302  C  CD  . LYS A 1 45  ? -1.349  -10.640 1.910   1.00 65.06 ? 45  LYS A CD  1 
ATOM   303  C  CE  . LYS A 1 45  ? -0.732  -11.724 1.042   1.00 69.41 ? 45  LYS A CE  1 
ATOM   304  N  NZ  . LYS A 1 45  ? -0.775  -11.351 -0.405  1.00 82.30 ? 45  LYS A NZ  1 
ATOM   305  N  N   . SER A 1 46  ? 0.738   -10.675 6.642   1.00 47.87 ? 46  SER A N   1 
ATOM   306  C  CA  . SER A 1 46  ? 2.162   -10.929 6.859   1.00 42.71 ? 46  SER A CA  1 
ATOM   307  C  C   . SER A 1 46  ? 2.353   -12.064 7.840   1.00 54.10 ? 46  SER A C   1 
ATOM   308  O  O   . SER A 1 46  ? 1.474   -12.351 8.645   1.00 55.24 ? 46  SER A O   1 
ATOM   309  C  CB  . SER A 1 46  ? 2.888   -9.702  7.412   1.00 41.07 ? 46  SER A CB  1 
ATOM   310  O  OG  . SER A 1 46  ? 4.280   -9.963  7.495   1.00 36.29 ? 46  SER A OG  1 
ATOM   311  N  N   . GLN A 1 47  ? 3.520   -12.697 7.775   1.00 61.32 ? 47  GLN A N   1 
ATOM   312  C  CA  . GLN A 1 47  ? 3.843   -13.813 8.659   1.00 45.55 ? 47  GLN A CA  1 
ATOM   313  C  C   . GLN A 1 47  ? 4.426   -13.308 9.967   1.00 53.02 ? 47  GLN A C   1 
ATOM   314  O  O   . GLN A 1 47  ? 4.468   -14.035 10.954  1.00 61.35 ? 47  GLN A O   1 
ATOM   315  C  CB  . GLN A 1 47  ? 4.845   -14.747 7.992   1.00 52.46 ? 47  GLN A CB  1 
ATOM   316  C  CG  . GLN A 1 47  ? 6.125   -14.061 7.540   1.00 64.57 ? 47  GLN A CG  1 
ATOM   317  C  CD  . GLN A 1 47  ? 7.191   -15.057 7.116   1.00 83.12 ? 47  GLN A CD  1 
ATOM   318  O  OE1 . GLN A 1 47  ? 6.892   -16.071 6.483   1.00 93.31 ? 47  GLN A OE1 1 
ATOM   319  N  NE2 . GLN A 1 47  ? 8.444   -14.766 7.453   1.00 81.25 ? 47  GLN A NE2 1 
ATOM   320  N  N   . PHE A 1 48  ? 4.873   -12.058 9.968   1.00 56.15 ? 48  PHE A N   1 
ATOM   321  C  CA  . PHE A 1 48  ? 5.452   -11.465 11.164  1.00 63.97 ? 48  PHE A CA  1 
ATOM   322  C  C   . PHE A 1 48  ? 4.354   -10.908 12.053  1.00 56.94 ? 48  PHE A C   1 
ATOM   323  O  O   . PHE A 1 48  ? 4.605   -10.460 13.166  1.00 59.07 ? 48  PHE A O   1 
ATOM   324  C  CB  . PHE A 1 48  ? 6.433   -10.357 10.777  1.00 73.85 ? 48  PHE A CB  1 
ATOM   325  C  CG  . PHE A 1 48  ? 7.503   -10.805 9.818   1.00 88.58 ? 48  PHE A CG  1 
ATOM   326  C  CD1 . PHE A 1 48  ? 8.104   -12.053 9.959   1.00 96.34 ? 48  PHE A CD1 1 
ATOM   327  C  CD2 . PHE A 1 48  ? 7.942   -9.965  8.804   1.00 94.16 ? 48  PHE A CD2 1 
ATOM   328  C  CE1 . PHE A 1 48  ? 9.131   -12.449 9.112   1.00 99.00 ? 48  PHE A CE1 1 
ATOM   329  C  CE2 . PHE A 1 48  ? 8.972   -10.354 7.953   1.00 99.00 ? 48  PHE A CE2 1 
ATOM   330  C  CZ  . PHE A 1 48  ? 9.566   -11.597 8.107   1.00 99.00 ? 48  PHE A CZ  1 
ATOM   331  N  N   . VAL A 1 49  ? 3.130   -10.942 11.544  1.00 48.51 ? 49  VAL A N   1 
ATOM   332  C  CA  . VAL A 1 49  ? 1.980   -10.456 12.285  1.00 44.41 ? 49  VAL A CA  1 
ATOM   333  C  C   . VAL A 1 49  ? 1.179   -11.617 12.854  1.00 42.46 ? 49  VAL A C   1 
ATOM   334  O  O   . VAL A 1 49  ? 0.835   -12.553 12.143  1.00 42.14 ? 49  VAL A O   1 
ATOM   335  C  CB  . VAL A 1 49  ? 1.061   -9.621  11.385  1.00 39.26 ? 49  VAL A CB  1 
ATOM   336  C  CG1 . VAL A 1 49  ? -0.253  -9.334  12.104  1.00 43.68 ? 49  VAL A CG1 1 
ATOM   337  C  CG2 . VAL A 1 49  ? 1.758   -8.331  11.012  1.00 41.01 ? 49  VAL A CG2 1 
ATOM   338  N  N   . SER A 1 50  ? 0.883   -11.553 14.141  1.00 36.38 ? 50  SER A N   1 
ATOM   339  C  CA  . SER A 1 50  ? 0.108   -12.610 14.781  1.00 36.28 ? 50  SER A CA  1 
ATOM   340  C  C   . SER A 1 50  ? -1.316  -12.640 14.219  1.00 36.62 ? 50  SER A C   1 
ATOM   341  O  O   . SER A 1 50  ? -1.765  -11.678 13.580  1.00 41.27 ? 50  SER A O   1 
ATOM   342  C  CB  . SER A 1 50  ? 0.054   -12.380 16.296  1.00 38.72 ? 50  SER A CB  1 
ATOM   343  O  OG  . SER A 1 50  ? 1.354   -12.411 16.856  1.00 38.01 ? 50  SER A OG  1 
ATOM   344  N  N   . ARG A 1 51  ? -2.018  -13.743 14.456  1.00 30.45 ? 51  ARG A N   1 
ATOM   345  C  CA  . ARG A 1 51  ? -3.387  -13.875 13.974  1.00 34.31 ? 51  ARG A CA  1 
ATOM   346  C  C   . ARG A 1 51  ? -4.193  -12.673 14.404  1.00 36.31 ? 51  ARG A C   1 
ATOM   347  O  O   . ARG A 1 51  ? -4.948  -12.118 13.605  1.00 43.06 ? 51  ARG A O   1 
ATOM   348  C  CB  . ARG A 1 51  ? -3.994  -15.180 14.482  1.00 36.71 ? 51  ARG A CB  1 
ATOM   349  C  CG  . ARG A 1 51  ? -3.367  -16.352 13.748  1.00 47.08 ? 51  ARG A CG  1 
ATOM   350  C  CD  . ARG A 1 51  ? -3.863  -17.702 14.197  1.00 50.79 ? 51  ARG A CD  1 
ATOM   351  N  NE  . ARG A 1 51  ? -3.330  -18.729 13.312  1.00 61.74 ? 51  ARG A NE  1 
ATOM   352  C  CZ  . ARG A 1 51  ? -3.474  -20.034 13.501  1.00 61.29 ? 51  ARG A CZ  1 
ATOM   353  N  NH1 . ARG A 1 51  ? -4.141  -20.479 14.558  1.00 60.31 ? 51  ARG A NH1 1 
ATOM   354  N  NH2 . ARG A 1 51  ? -2.951  -20.889 12.627  1.00 51.83 ? 51  ARG A NH2 1 
ATOM   355  N  N   . ILE A 1 52  ? -4.016  -12.282 15.665  1.00 41.57 ? 52  ILE A N   1 
ATOM   356  C  CA  . ILE A 1 52  ? -4.668  -11.108 16.241  1.00 28.67 ? 52  ILE A CA  1 
ATOM   357  C  C   . ILE A 1 52  ? -3.517  -10.425 16.970  1.00 33.27 ? 52  ILE A C   1 
ATOM   358  O  O   . ILE A 1 52  ? -3.142  -10.822 18.073  1.00 53.84 ? 52  ILE A O   1 
ATOM   359  C  CB  . ILE A 1 52  ? -5.765  -11.470 17.271  1.00 32.62 ? 52  ILE A CB  1 
ATOM   360  C  CG1 . ILE A 1 52  ? -6.863  -12.319 16.623  1.00 27.22 ? 52  ILE A CG1 1 
ATOM   361  C  CG2 . ILE A 1 52  ? -6.352  -10.190 17.842  1.00 42.55 ? 52  ILE A CG2 1 
ATOM   362  C  CD1 . ILE A 1 52  ? -7.804  -11.561 15.676  1.00 27.78 ? 52  ILE A CD1 1 
ATOM   363  N  N   . HIS A 1 53  ? -2.961  -9.400  16.334  1.00 31.94 ? 53  HIS A N   1 
ATOM   364  C  CA  . HIS A 1 53  ? -1.804  -8.673  16.851  1.00 30.73 ? 53  HIS A CA  1 
ATOM   365  C  C   . HIS A 1 53  ? -2.092  -7.542  17.836  1.00 36.37 ? 53  HIS A C   1 
ATOM   366  O  O   . HIS A 1 53  ? -1.285  -7.263  18.723  1.00 32.12 ? 53  HIS A O   1 
ATOM   367  C  CB  . HIS A 1 53  ? -1.012  -8.114  15.670  1.00 31.12 ? 53  HIS A CB  1 
ATOM   368  C  CG  . HIS A 1 53  ? 0.433   -7.886  15.971  1.00 29.41 ? 53  HIS A CG  1 
ATOM   369  N  ND1 . HIS A 1 53  ? 1.419   -8.786  15.618  1.00 36.87 ? 53  HIS A ND1 1 
ATOM   370  C  CD2 . HIS A 1 53  ? 1.065   -6.851  16.585  1.00 30.18 ? 53  HIS A CD2 1 
ATOM   371  C  CE1 . HIS A 1 53  ? 2.597   -8.315  15.996  1.00 34.81 ? 53  HIS A CE1 1 
ATOM   372  N  NE2 . HIS A 1 53  ? 2.408   -7.144  16.584  1.00 35.75 ? 53  HIS A NE2 1 
ATOM   373  N  N   . ALA A 1 54  ? -3.226  -6.874  17.682  1.00 32.45 ? 54  ALA A N   1 
ATOM   374  C  CA  . ALA A 1 54  ? -3.540  -5.781  18.577  1.00 35.72 ? 54  ALA A CA  1 
ATOM   375  C  C   . ALA A 1 54  ? -5.005  -5.386  18.501  1.00 39.44 ? 54  ALA A C   1 
ATOM   376  O  O   . ALA A 1 54  ? -5.795  -6.035  17.814  1.00 41.06 ? 54  ALA A O   1 
ATOM   377  C  CB  . ALA A 1 54  ? -2.664  -4.594  18.236  1.00 28.30 ? 54  ALA A CB  1 
ATOM   378  N  N   . VAL A 1 55  ? -5.358  -4.324  19.225  1.00 38.87 ? 55  VAL A N   1 
ATOM   379  C  CA  . VAL A 1 55  ? -6.719  -3.808  19.217  1.00 42.51 ? 55  VAL A CA  1 
ATOM   380  C  C   . VAL A 1 55  ? -6.725  -2.281  19.244  1.00 36.67 ? 55  VAL A C   1 
ATOM   381  O  O   . VAL A 1 55  ? -5.807  -1.648  19.762  1.00 45.69 ? 55  VAL A O   1 
ATOM   382  C  CB  . VAL A 1 55  ? -7.540  -4.320  20.418  1.00 41.86 ? 55  VAL A CB  1 
ATOM   383  C  CG1 . VAL A 1 55  ? -7.625  -5.828  20.378  1.00 34.68 ? 55  VAL A CG1 1 
ATOM   384  C  CG2 . VAL A 1 55  ? -6.909  -3.842  21.716  1.00 38.04 ? 55  VAL A CG2 1 
ATOM   385  N  N   . LEU A 1 56  ? -7.776  -1.706  18.672  1.00 36.28 ? 56  LEU A N   1 
ATOM   386  C  CA  . LEU A 1 56  ? -7.958  -0.265  18.604  1.00 39.28 ? 56  LEU A CA  1 
ATOM   387  C  C   . LEU A 1 56  ? -9.262  0.064   19.296  1.00 41.57 ? 56  LEU A C   1 
ATOM   388  O  O   . LEU A 1 56  ? -10.316 -0.456  18.920  1.00 36.32 ? 56  LEU A O   1 
ATOM   389  C  CB  . LEU A 1 56  ? -8.050  0.197   17.149  1.00 45.30 ? 56  LEU A CB  1 
ATOM   390  C  CG  . LEU A 1 56  ? -6.786  0.124   16.300  1.00 43.08 ? 56  LEU A CG  1 
ATOM   391  C  CD1 . LEU A 1 56  ? -7.138  0.439   14.863  1.00 46.07 ? 56  LEU A CD1 1 
ATOM   392  C  CD2 . LEU A 1 56  ? -5.752  1.105   16.835  1.00 52.93 ? 56  LEU A CD2 1 
ATOM   393  N  N   . VAL A 1 57  ? -9.198  0.914   20.313  1.00 45.47 ? 57  VAL A N   1 
ATOM   394  C  CA  . VAL A 1 57  ? -10.401 1.301   21.025  1.00 45.69 ? 57  VAL A CA  1 
ATOM   395  C  C   . VAL A 1 57  ? -10.508 2.818   20.964  1.00 52.88 ? 57  VAL A C   1 
ATOM   396  O  O   . VAL A 1 57  ? -9.556  3.529   21.296  1.00 42.25 ? 57  VAL A O   1 
ATOM   397  C  CB  . VAL A 1 57  ? -10.360 0.844   22.512  1.00 42.12 ? 57  VAL A CB  1 
ATOM   398  C  CG1 . VAL A 1 57  ? -9.876  -0.594  22.605  1.00 38.76 ? 57  VAL A CG1 1 
ATOM   399  C  CG2 . VAL A 1 57  ? -9.453  1.748   23.318  1.00 48.81 ? 57  VAL A CG2 1 
ATOM   400  N  N   . ARG A 1 58  ? -11.655 3.317   20.517  1.00 54.60 ? 58  ARG A N   1 
ATOM   401  C  CA  . ARG A 1 58  ? -11.840 4.756   20.438  1.00 45.79 ? 58  ARG A CA  1 
ATOM   402  C  C   . ARG A 1 58  ? -12.201 5.211   21.839  1.00 54.90 ? 58  ARG A C   1 
ATOM   403  O  O   . ARG A 1 58  ? -12.954 4.521   22.530  1.00 48.05 ? 58  ARG A O   1 
ATOM   404  C  CB  . ARG A 1 58  ? -12.962 5.086   19.465  1.00 40.24 ? 58  ARG A CB  1 
ATOM   405  C  CG  . ARG A 1 58  ? -13.021 6.552   19.043  1.00 48.97 ? 58  ARG A CG  1 
ATOM   406  C  CD  . ARG A 1 58  ? -13.939 6.703   17.842  1.00 47.69 ? 58  ARG A CD  1 
ATOM   407  N  NE  . ARG A 1 58  ? -15.233 6.080   18.105  1.00 67.16 ? 58  ARG A NE  1 
ATOM   408  C  CZ  . ARG A 1 58  ? -16.110 5.754   17.162  1.00 81.43 ? 58  ARG A CZ  1 
ATOM   409  N  NH1 . ARG A 1 58  ? -15.829 5.992   15.886  1.00 85.73 ? 58  ARG A NH1 1 
ATOM   410  N  NH2 . ARG A 1 58  ? -17.265 5.181   17.493  1.00 81.94 ? 58  ARG A NH2 1 
ATOM   411  N  N   . LYS A 1 59  ? -11.648 6.346   22.266  1.00 61.30 ? 59  LYS A N   1 
ATOM   412  C  CA  . LYS A 1 59  ? -11.920 6.884   23.599  1.00 69.27 ? 59  LYS A CA  1 
ATOM   413  C  C   . LYS A 1 59  ? -13.221 7.695   23.633  1.00 74.74 ? 59  LYS A C   1 
ATOM   414  O  O   . LYS A 1 59  ? -14.327 7.139   23.626  1.00 73.45 ? 59  LYS A O   1 
ATOM   415  C  CB  . LYS A 1 59  ? -10.750 7.752   24.056  1.00 65.95 ? 59  LYS A CB  1 
ATOM   416  N  N   . ALA A 1 66  ? -10.697 13.578  19.743  1.00 99.00 ? 66  ALA A N   1 
ATOM   417  C  CA  . ALA A 1 66  ? -10.582 12.311  20.462  1.00 99.00 ? 66  ALA A CA  1 
ATOM   418  C  C   . ALA A 1 66  ? -10.403 11.150  19.481  1.00 96.47 ? 66  ALA A C   1 
ATOM   419  O  O   . ALA A 1 66  ? -11.298 10.852  18.680  1.00 94.22 ? 66  ALA A O   1 
ATOM   420  C  CB  . ALA A 1 66  ? -11.817 12.089  21.325  1.00 99.00 ? 66  ALA A CB  1 
ATOM   421  N  N   . ALA A 1 67  ? -9.250  10.488  19.565  1.00 85.98 ? 67  ALA A N   1 
ATOM   422  C  CA  . ALA A 1 67  ? -8.929  9.389   18.667  1.00 80.87 ? 67  ALA A CA  1 
ATOM   423  C  C   . ALA A 1 67  ? -8.927  7.993   19.270  1.00 65.52 ? 67  ALA A C   1 
ATOM   424  O  O   . ALA A 1 67  ? -9.563  7.725   20.287  1.00 53.64 ? 67  ALA A O   1 
ATOM   425  C  CB  . ALA A 1 67  ? -7.586  9.652   17.993  1.00 91.32 ? 67  ALA A CB  1 
ATOM   426  N  N   . TYR A 1 68  ? -8.191  7.111   18.603  1.00 61.11 ? 68  TYR A N   1 
ATOM   427  C  CA  . TYR A 1 68  ? -8.069  5.707   18.974  1.00 42.40 ? 68  TYR A CA  1 
ATOM   428  C  C   . TYR A 1 68  ? -6.807  5.408   19.760  1.00 47.87 ? 68  TYR A C   1 
ATOM   429  O  O   . TYR A 1 68  ? -5.779  6.056   19.579  1.00 53.08 ? 68  TYR A O   1 
ATOM   430  C  CB  . TYR A 1 68  ? -8.044  4.839   17.709  1.00 43.71 ? 68  TYR A CB  1 
ATOM   431  C  CG  . TYR A 1 68  ? -9.356  4.738   16.975  1.00 43.53 ? 68  TYR A CG  1 
ATOM   432  C  CD1 . TYR A 1 68  ? -10.218 3.667   17.198  1.00 44.38 ? 68  TYR A CD1 1 
ATOM   433  C  CD2 . TYR A 1 68  ? -9.749  5.728   16.086  1.00 42.87 ? 68  TYR A CD2 1 
ATOM   434  C  CE1 . TYR A 1 68  ? -11.434 3.583   16.560  1.00 41.07 ? 68  TYR A CE1 1 
ATOM   435  C  CE2 . TYR A 1 68  ? -10.974 5.656   15.442  1.00 45.40 ? 68  TYR A CE2 1 
ATOM   436  C  CZ  . TYR A 1 68  ? -11.809 4.578   15.683  1.00 36.94 ? 68  TYR A CZ  1 
ATOM   437  O  OH  . TYR A 1 68  ? -13.019 4.502   15.034  1.00 32.99 ? 68  TYR A OH  1 
ATOM   438  N  N   . ARG A 1 69  ? -6.893  4.407   20.625  1.00 48.42 ? 69  ARG A N   1 
ATOM   439  C  CA  . ARG A 1 69  ? -5.756  3.967   21.410  1.00 38.98 ? 69  ARG A CA  1 
ATOM   440  C  C   . ARG A 1 69  ? -5.487  2.556   20.913  1.00 41.53 ? 69  ARG A C   1 
ATOM   441  O  O   . ARG A 1 69  ? -6.432  1.803   20.650  1.00 44.04 ? 69  ARG A O   1 
ATOM   442  C  CB  . ARG A 1 69  ? -6.116  3.940   22.893  1.00 48.04 ? 69  ARG A CB  1 
ATOM   443  C  CG  . ARG A 1 69  ? -5.167  3.119   23.745  1.00 60.64 ? 69  ARG A CG  1 
ATOM   444  C  CD  . ARG A 1 69  ? -5.435  3.303   25.237  1.00 72.52 ? 69  ARG A CD  1 
ATOM   445  N  NE  . ARG A 1 69  ? -5.025  4.628   25.693  1.00 86.96 ? 69  ARG A NE  1 
ATOM   446  C  CZ  . ARG A 1 69  ? -4.734  4.932   26.955  1.00 99.00 ? 69  ARG A CZ  1 
ATOM   447  N  NH1 . ARG A 1 69  ? -4.807  4.005   27.901  1.00 99.00 ? 69  ARG A NH1 1 
ATOM   448  N  NH2 . ARG A 1 69  ? -4.356  6.166   27.268  1.00 99.00 ? 69  ARG A NH2 1 
ATOM   449  N  N   . ILE A 1 70  ? -4.216  2.199   20.761  1.00 31.64 ? 70  ILE A N   1 
ATOM   450  C  CA  . ILE A 1 70  ? -3.865  0.862   20.288  1.00 31.96 ? 70  ILE A CA  1 
ATOM   451  C  C   . ILE A 1 70  ? -3.159  0.089   21.400  1.00 34.90 ? 70  ILE A C   1 
ATOM   452  O  O   . ILE A 1 70  ? -2.209  0.577   22.000  1.00 36.28 ? 70  ILE A O   1 
ATOM   453  C  CB  . ILE A 1 70  ? -2.946  0.913   19.031  1.00 47.82 ? 70  ILE A CB  1 
ATOM   454  C  CG1 . ILE A 1 70  ? -2.509  -0.510  18.664  1.00 45.56 ? 70  ILE A CG1 1 
ATOM   455  C  CG2 . ILE A 1 70  ? -1.729  1.809   19.292  1.00 41.15 ? 70  ILE A CG2 1 
ATOM   456  C  CD1 . ILE A 1 70  ? -1.708  -0.627  17.387  1.00 32.21 ? 70  ILE A CD1 1 
ATOM   457  N  N   . ILE A 1 71  ? -3.637  -1.116  21.676  1.00 35.24 ? 71  ILE A N   1 
ATOM   458  C  CA  . ILE A 1 71  ? -3.062  -1.942  22.715  1.00 36.88 ? 71  ILE A CA  1 
ATOM   459  C  C   . ILE A 1 71  ? -2.482  -3.182  22.056  1.00 36.81 ? 71  ILE A C   1 
ATOM   460  O  O   . ILE A 1 71  ? -3.072  -3.721  21.129  1.00 34.56 ? 71  ILE A O   1 
ATOM   461  C  CB  . ILE A 1 71  ? -4.146  -2.354  23.742  1.00 42.76 ? 71  ILE A CB  1 
ATOM   462  C  CG1 . ILE A 1 71  ? -4.731  -1.109  24.414  1.00 44.71 ? 71  ILE A CG1 1 
ATOM   463  C  CG2 . ILE A 1 71  ? -3.562  -3.266  24.798  1.00 45.87 ? 71  ILE A CG2 1 
ATOM   464  C  CD1 . ILE A 1 71  ? -5.990  -0.592  23.783  1.00 38.92 ? 71  ILE A CD1 1 
ATOM   465  N  N   . ASP A 1 72  ? -1.320  -3.630  22.523  1.00 34.54 ? 72  ASP A N   1 
ATOM   466  C  CA  . ASP A 1 72  ? -0.689  -4.811  21.959  1.00 37.31 ? 72  ASP A CA  1 
ATOM   467  C  C   . ASP A 1 72  ? -1.353  -6.065  22.501  1.00 35.99 ? 72  ASP A C   1 
ATOM   468  O  O   . ASP A 1 72  ? -1.806  -6.087  23.646  1.00 50.38 ? 72  ASP A O   1 
ATOM   469  C  CB  . ASP A 1 72  ? 0.809   -4.831  22.294  1.00 32.29 ? 72  ASP A CB  1 
ATOM   470  C  CG  . ASP A 1 72  ? 1.519   -6.066  21.748  1.00 40.72 ? 72  ASP A CG  1 
ATOM   471  O  OD1 . ASP A 1 72  ? 1.532   -6.275  20.512  1.00 40.28 ? 72  ASP A OD1 1 
ATOM   472  O  OD2 . ASP A 1 72  ? 2.070   -6.834  22.564  1.00 52.69 ? 72  ASP A OD2 1 
ATOM   473  N  N   . GLY A 1 73  ? -1.415  -7.097  21.658  1.00 36.89 ? 73  GLY A N   1 
ATOM   474  C  CA  . GLY A 1 73  ? -2.014  -8.371  22.042  1.00 37.84 ? 73  GLY A CA  1 
ATOM   475  C  C   . GLY A 1 73  ? -3.451  -8.562  21.593  1.00 33.27 ? 73  GLY A C   1 
ATOM   476  O  O   . GLY A 1 73  ? -4.118  -7.596  21.211  1.00 36.29 ? 73  GLY A O   1 
ATOM   477  N  N   . ASP A 1 74  ? -3.934  -9.802  21.628  1.00 32.59 ? 74  ASP A N   1 
ATOM   478  C  CA  . ASP A 1 74  ? -5.320  -10.076 21.215  1.00 39.18 ? 74  ASP A CA  1 
ATOM   479  C  C   . ASP A 1 74  ? -6.321  -9.702  22.301  1.00 35.88 ? 74  ASP A C   1 
ATOM   480  O  O   . ASP A 1 74  ? -5.947  -9.130  23.330  1.00 36.93 ? 74  ASP A O   1 
ATOM   481  C  CB  . ASP A 1 74  ? -5.520  -11.547 20.803  1.00 40.98 ? 74  ASP A CB  1 
ATOM   482  C  CG  . ASP A 1 74  ? -5.004  -12.532 21.836  1.00 60.04 ? 74  ASP A CG  1 
ATOM   483  O  OD1 . ASP A 1 74  ? -5.140  -12.265 23.050  1.00 59.08 ? 74  ASP A OD1 1 
ATOM   484  O  OD2 . ASP A 1 74  ? -4.473  -13.589 21.423  1.00 66.40 ? 74  ASP A OD2 1 
ATOM   485  N  N   . GLU A 1 75  ? -7.593  -10.009 22.067  1.00 39.64 ? 75  GLU A N   1 
ATOM   486  C  CA  . GLU A 1 75  ? -8.650  -9.684  23.026  1.00 45.80 ? 75  GLU A CA  1 
ATOM   487  C  C   . GLU A 1 75  ? -8.487  -10.380 24.378  1.00 53.08 ? 75  GLU A C   1 
ATOM   488  O  O   . GLU A 1 75  ? -8.941  -9.874  25.402  1.00 53.51 ? 75  GLU A O   1 
ATOM   489  C  CB  . GLU A 1 75  ? -10.019 -10.019 22.430  1.00 48.37 ? 75  GLU A CB  1 
ATOM   490  C  CG  . GLU A 1 75  ? -10.542 -8.989  21.434  1.00 48.97 ? 75  GLU A CG  1 
ATOM   491  C  CD  . GLU A 1 75  ? -11.872 -9.400  20.824  1.00 68.49 ? 75  GLU A CD  1 
ATOM   492  O  OE1 . GLU A 1 75  ? -11.878 -10.325 19.980  1.00 77.22 ? 75  GLU A OE1 1 
ATOM   493  O  OE2 . GLU A 1 75  ? -12.911 -8.806  21.194  1.00 77.64 ? 75  GLU A OE2 1 
ATOM   494  N  N   . ASP A 1 76  ? -7.850  -11.546 24.379  1.00 51.98 ? 76  ASP A N   1 
ATOM   495  C  CA  . ASP A 1 76  ? -7.615  -12.279 25.620  1.00 64.64 ? 76  ASP A CA  1 
ATOM   496  C  C   . ASP A 1 76  ? -6.490  -11.610 26.392  1.00 64.09 ? 76  ASP A C   1 
ATOM   497  O  O   . ASP A 1 76  ? -6.252  -11.921 27.560  1.00 66.06 ? 76  ASP A O   1 
ATOM   498  C  CB  . ASP A 1 76  ? -7.226  -13.732 25.333  1.00 69.45 ? 76  ASP A CB  1 
ATOM   499  C  CG  . ASP A 1 76  ? -8.300  -14.706 25.743  1.00 80.81 ? 76  ASP A CG  1 
ATOM   500  O  OD1 . ASP A 1 76  ? -9.363  -14.728 25.089  1.00 82.25 ? 76  ASP A OD1 1 
ATOM   501  O  OD2 . ASP A 1 76  ? -8.088  -15.441 26.730  1.00 88.75 ? 76  ASP A OD2 1 
ATOM   502  N  N   . GLY A 1 77  ? -5.791  -10.694 25.727  1.00 50.61 ? 77  GLY A N   1 
ATOM   503  C  CA  . GLY A 1 77  ? -4.701  -9.994  26.371  1.00 40.33 ? 77  GLY A CA  1 
ATOM   504  C  C   . GLY A 1 77  ? -3.378  -10.666 26.113  1.00 50.80 ? 77  GLY A C   1 
ATOM   505  O  O   . GLY A 1 77  ? -2.375  -10.322 26.741  1.00 49.70 ? 77  GLY A O   1 
ATOM   506  N  N   . GLN A 1 78  ? -3.366  -11.635 25.203  1.00 47.98 ? 78  GLN A N   1 
ATOM   507  C  CA  . GLN A 1 78  ? -2.115  -12.308 24.880  1.00 50.86 ? 78  GLN A CA  1 
ATOM   508  C  C   . GLN A 1 78  ? -1.409  -11.549 23.770  1.00 57.90 ? 78  GLN A C   1 
ATOM   509  O  O   . GLN A 1 78  ? -1.975  -11.301 22.702  1.00 51.80 ? 78  GLN A O   1 
ATOM   510  C  CB  . GLN A 1 78  ? -2.348  -13.755 24.449  1.00 50.47 ? 78  GLN A CB  1 
ATOM   511  C  CG  . GLN A 1 78  ? -1.054  -14.483 24.085  1.00 64.45 ? 78  GLN A CG  1 
ATOM   512  C  CD  . GLN A 1 78  ? -1.102  -15.971 24.395  1.00 78.38 ? 78  GLN A CD  1 
ATOM   513  O  OE1 . GLN A 1 78  ? -1.997  -16.682 23.941  1.00 83.31 ? 78  GLN A OE1 1 
ATOM   514  N  NE2 . GLN A 1 78  ? -0.133  -16.448 25.170  1.00 74.98 ? 78  GLN A NE2 1 
ATOM   515  N  N   . SER A 1 79  ? -0.168  -11.172 24.037  1.00 62.00 ? 79  SER A N   1 
ATOM   516  C  CA  . SER A 1 79  ? 0.619   -10.426 23.077  1.00 64.48 ? 79  SER A CA  1 
ATOM   517  C  C   . SER A 1 79  ? 1.446   -11.315 22.165  1.00 67.82 ? 79  SER A C   1 
ATOM   518  O  O   . SER A 1 79  ? 1.543   -12.521 22.366  1.00 68.18 ? 79  SER A O   1 
ATOM   519  C  CB  . SER A 1 79  ? 1.516   -9.433  23.817  1.00 62.86 ? 79  SER A CB  1 
ATOM   520  O  OG  . SER A 1 79  ? 2.030   -10.006 25.008  1.00 47.31 ? 79  SER A OG  1 
ATOM   521  N  N   . SER A 1 80  ? 2.031   -10.690 21.150  1.00 73.50 ? 80  SER A N   1 
ATOM   522  C  CA  . SER A 1 80  ? 2.865   -11.355 20.156  1.00 74.17 ? 80  SER A CA  1 
ATOM   523  C  C   . SER A 1 80  ? 4.319   -11.222 20.580  1.00 84.39 ? 80  SER A C   1 
ATOM   524  O  O   . SER A 1 80  ? 4.596   -10.719 21.670  1.00 87.11 ? 80  SER A O   1 
ATOM   525  C  CB  . SER A 1 80  ? 2.654   -10.669 18.811  1.00 64.96 ? 80  SER A CB  1 
ATOM   526  O  OG  . SER A 1 80  ? 2.478   -9.264  18.995  1.00 49.70 ? 80  SER A OG  1 
ATOM   527  N  N   . VAL A 1 81  ? 5.251   -11.668 19.736  1.00 87.35 ? 81  VAL A N   1 
ATOM   528  C  CA  . VAL A 1 81  ? 6.667   -11.539 20.083  1.00 92.08 ? 81  VAL A CA  1 
ATOM   529  C  C   . VAL A 1 81  ? 7.086   -10.118 19.707  1.00 90.06 ? 81  VAL A C   1 
ATOM   530  O  O   . VAL A 1 81  ? 7.642   -9.385  20.529  1.00 85.39 ? 81  VAL A O   1 
ATOM   531  C  CB  . VAL A 1 81  ? 7.564   -12.583 19.348  1.00 97.72 ? 81  VAL A CB  1 
ATOM   532  C  CG1 . VAL A 1 81  ? 7.924   -12.109 17.939  1.00 98.67 ? 81  VAL A CG1 1 
ATOM   533  C  CG2 . VAL A 1 81  ? 8.818   -12.841 20.170  1.00 91.67 ? 81  VAL A CG2 1 
ATOM   534  N  N   . ASN A 1 82  ? 6.809   -9.736  18.463  1.00 86.26 ? 82  ASN A N   1 
ATOM   535  C  CA  . ASN A 1 82  ? 7.112   -8.395  17.990  1.00 79.14 ? 82  ASN A CA  1 
ATOM   536  C  C   . ASN A 1 82  ? 5.841   -7.622  18.303  1.00 72.68 ? 82  ASN A C   1 
ATOM   537  O  O   . ASN A 1 82  ? 4.780   -7.919  17.759  1.00 82.75 ? 82  ASN A O   1 
ATOM   538  C  CB  . ASN A 1 82  ? 7.370   -8.407  16.494  1.00 77.88 ? 82  ASN A CB  1 
ATOM   539  N  N   . GLY A 1 83  ? 5.931   -6.652  19.198  1.00 58.87 ? 83  GLY A N   1 
ATOM   540  C  CA  . GLY A 1 83  ? 4.744   -5.900  19.547  1.00 57.49 ? 83  GLY A CA  1 
ATOM   541  C  C   . GLY A 1 83  ? 4.488   -4.756  18.596  1.00 61.08 ? 83  GLY A C   1 
ATOM   542  O  O   . GLY A 1 83  ? 4.408   -4.936  17.379  1.00 62.04 ? 83  GLY A O   1 
ATOM   543  N  N   . LEU A 1 84  ? 4.351   -3.568  19.163  1.00 58.93 ? 84  LEU A N   1 
ATOM   544  C  CA  . LEU A 1 84  ? 4.103   -2.379  18.380  1.00 50.80 ? 84  LEU A CA  1 
ATOM   545  C  C   . LEU A 1 84  ? 5.317   -1.487  18.563  1.00 52.75 ? 84  LEU A C   1 
ATOM   546  O  O   . LEU A 1 84  ? 5.614   -1.043  19.675  1.00 42.80 ? 84  LEU A O   1 
ATOM   547  C  CB  . LEU A 1 84  ? 2.842   -1.684  18.892  1.00 41.42 ? 84  LEU A CB  1 
ATOM   548  C  CG  . LEU A 1 84  ? 1.653   -2.626  19.106  1.00 43.07 ? 84  LEU A CG  1 
ATOM   549  C  CD1 . LEU A 1 84  ? 0.457   -1.846  19.624  1.00 43.00 ? 84  LEU A CD1 1 
ATOM   550  C  CD2 . LEU A 1 84  ? 1.312   -3.313  17.792  1.00 48.77 ? 84  LEU A CD2 1 
HETATM 551  N  N   . MSE A 1 85  ? 6.032   -1.236  17.475  1.00 58.01 ? 85  MSE A N   1 
HETATM 552  C  CA  . MSE A 1 85  ? 7.214   -0.395  17.544  1.00 59.28 ? 85  MSE A CA  1 
HETATM 553  C  C   . MSE A 1 85  ? 6.933   0.966   16.939  1.00 57.39 ? 85  MSE A C   1 
HETATM 554  O  O   . MSE A 1 85  ? 6.577   1.081   15.771  1.00 49.12 ? 85  MSE A O   1 
HETATM 555  C  CB  . MSE A 1 85  ? 8.367   -1.059  16.811  1.00 64.81 ? 85  MSE A CB  1 
HETATM 556  C  CG  . MSE A 1 85  ? 9.694   -0.375  17.008  1.00 68.16 ? 85  MSE A CG  1 
HETATM 557  SE SE  . MSE A 1 85  ? 11.080  -1.553  16.379  1.00 99.00 ? 85  MSE A SE  1 
HETATM 558  C  CE  . MSE A 1 85  ? 10.955  -1.190  14.475  1.00 99.00 ? 85  MSE A CE  1 
ATOM   559  N  N   . ILE A 1 86  ? 7.077   2.001   17.751  1.00 57.67 ? 86  ILE A N   1 
ATOM   560  C  CA  . ILE A 1 86  ? 6.844   3.353   17.284  1.00 60.23 ? 86  ILE A CA  1 
ATOM   561  C  C   . ILE A 1 86  ? 8.129   4.135   17.495  1.00 65.39 ? 86  ILE A C   1 
ATOM   562  O  O   . ILE A 1 86  ? 8.626   4.249   18.619  1.00 70.04 ? 86  ILE A O   1 
ATOM   563  C  CB  . ILE A 1 86  ? 5.679   3.993   18.051  1.00 50.24 ? 86  ILE A CB  1 
ATOM   564  C  CG1 . ILE A 1 86  ? 4.407   3.171   17.794  1.00 46.93 ? 86  ILE A CG1 1 
ATOM   565  C  CG2 . ILE A 1 86  ? 5.509   5.439   17.625  1.00 40.16 ? 86  ILE A CG2 1 
ATOM   566  C  CD1 . ILE A 1 86  ? 3.153   3.727   18.412  1.00 40.27 ? 86  ILE A CD1 1 
ATOM   567  N  N   . ASN A 1 87  ? 8.681   4.645   16.400  1.00 56.96 ? 87  ASN A N   1 
ATOM   568  C  CA  . ASN A 1 87  ? 9.923   5.395   16.456  1.00 53.97 ? 87  ASN A CA  1 
ATOM   569  C  C   . ASN A 1 87  ? 11.015  4.553   17.113  1.00 58.02 ? 87  ASN A C   1 
ATOM   570  O  O   . ASN A 1 87  ? 11.705  5.007   18.025  1.00 52.98 ? 87  ASN A O   1 
ATOM   571  C  CB  . ASN A 1 87  ? 9.710   6.694   17.224  1.00 57.71 ? 87  ASN A CB  1 
ATOM   572  C  CG  . ASN A 1 87  ? 8.537   7.487   16.693  1.00 69.44 ? 87  ASN A CG  1 
ATOM   573  O  OD1 . ASN A 1 87  ? 8.261   8.595   17.147  1.00 76.78 ? 87  ASN A OD1 1 
ATOM   574  N  ND2 . ASN A 1 87  ? 7.834   6.916   15.728  1.00 74.53 ? 87  ASN A ND2 1 
ATOM   575  N  N   . GLY A 1 88  ? 11.139  3.311   16.645  1.00 70.17 ? 88  GLY A N   1 
ATOM   576  C  CA  . GLY A 1 88  ? 12.154  2.394   17.136  1.00 76.62 ? 88  GLY A CA  1 
ATOM   577  C  C   . GLY A 1 88  ? 11.975  1.771   18.506  1.00 77.58 ? 88  GLY A C   1 
ATOM   578  O  O   . GLY A 1 88  ? 12.776  0.924   18.899  1.00 80.43 ? 88  GLY A O   1 
ATOM   579  N  N   . LYS A 1 89  ? 10.943  2.166   19.242  1.00 73.55 ? 89  LYS A N   1 
ATOM   580  C  CA  . LYS A 1 89  ? 10.741  1.609   20.575  1.00 67.73 ? 89  LYS A CA  1 
ATOM   581  C  C   . LYS A 1 89  ? 9.393   0.916   20.788  1.00 65.61 ? 89  LYS A C   1 
ATOM   582  O  O   . LYS A 1 89  ? 8.339   1.451   20.421  1.00 55.54 ? 89  LYS A O   1 
ATOM   583  C  CB  . LYS A 1 89  ? 10.942  2.708   21.624  1.00 65.16 ? 89  LYS A CB  1 
ATOM   584  C  CG  . LYS A 1 89  ? 12.361  3.260   21.634  1.00 68.44 ? 89  LYS A CG  1 
ATOM   585  C  CD  . LYS A 1 89  ? 12.531  4.440   22.581  1.00 68.76 ? 89  LYS A CD  1 
ATOM   586  C  CE  . LYS A 1 89  ? 13.957  4.974   22.539  1.00 69.91 ? 89  LYS A CE  1 
ATOM   587  N  NZ  . LYS A 1 89  ? 14.132  6.178   23.401  1.00 72.78 ? 89  LYS A NZ  1 
ATOM   588  N  N   . LYS A 1 90  ? 9.458   -0.276  21.389  1.00 63.95 ? 90  LYS A N   1 
ATOM   589  C  CA  . LYS A 1 90  ? 8.293   -1.113  21.696  1.00 62.64 ? 90  LYS A CA  1 
ATOM   590  C  C   . LYS A 1 90  ? 7.377   -0.515  22.764  1.00 59.98 ? 90  LYS A C   1 
ATOM   591  O  O   . LYS A 1 90  ? 7.829   -0.153  23.843  1.00 59.69 ? 90  LYS A O   1 
ATOM   592  C  CB  . LYS A 1 90  ? 8.753   -2.483  22.186  1.00 61.12 ? 90  LYS A CB  1 
ATOM   593  C  CG  . LYS A 1 90  ? 8.333   -3.654  21.319  1.00 76.22 ? 90  LYS A CG  1 
ATOM   594  C  CD  . LYS A 1 90  ? 9.176   -3.754  20.059  1.00 84.75 ? 90  LYS A CD  1 
ATOM   595  C  CE  . LYS A 1 90  ? 9.033   -5.130  19.420  1.00 84.47 ? 90  LYS A CE  1 
ATOM   596  N  NZ  . LYS A 1 90  ? 9.928   -5.292  18.240  1.00 84.32 ? 90  LYS A NZ  1 
ATOM   597  N  N   . VAL A 1 91  ? 6.087   -0.436  22.461  1.00 56.88 ? 91  VAL A N   1 
ATOM   598  C  CA  . VAL A 1 91  ? 5.101   0.105   23.391  1.00 47.79 ? 91  VAL A CA  1 
ATOM   599  C  C   . VAL A 1 91  ? 3.967   -0.897  23.619  1.00 46.61 ? 91  VAL A C   1 
ATOM   600  O  O   . VAL A 1 91  ? 3.736   -1.783  22.793  1.00 46.81 ? 91  VAL A O   1 
ATOM   601  C  CB  . VAL A 1 91  ? 4.483   1.404   22.853  1.00 48.98 ? 91  VAL A CB  1 
ATOM   602  C  CG1 . VAL A 1 91  ? 5.546   2.476   22.742  1.00 54.15 ? 91  VAL A CG1 1 
ATOM   603  C  CG2 . VAL A 1 91  ? 3.837   1.142   21.500  1.00 30.27 ? 91  VAL A CG2 1 
ATOM   604  N  N   . GLN A 1 92  ? 3.262   -0.753  24.740  1.00 42.04 ? 92  GLN A N   1 
ATOM   605  C  CA  . GLN A 1 92  ? 2.156   -1.638  25.063  1.00 41.54 ? 92  GLN A CA  1 
ATOM   606  C  C   . GLN A 1 92  ? 0.898   -1.052  24.465  1.00 43.10 ? 92  GLN A C   1 
ATOM   607  O  O   . GLN A 1 92  ? 0.165   -1.720  23.739  1.00 51.34 ? 92  GLN A O   1 
ATOM   608  C  CB  . GLN A 1 92  ? 1.991   -1.746  26.575  1.00 43.72 ? 92  GLN A CB  1 
ATOM   609  C  CG  . GLN A 1 92  ? 3.190   -2.317  27.265  1.00 39.98 ? 92  GLN A CG  1 
ATOM   610  C  CD  . GLN A 1 92  ? 3.593   -3.622  26.655  1.00 48.62 ? 92  GLN A CD  1 
ATOM   611  O  OE1 . GLN A 1 92  ? 2.786   -4.549  26.566  1.00 51.86 ? 92  GLN A OE1 1 
ATOM   612  N  NE2 . GLN A 1 92  ? 4.846   -3.711  26.219  1.00 55.28 ? 92  GLN A NE2 1 
ATOM   613  N  N   . GLU A 1 93  ? 0.652   0.207   24.800  1.00 45.97 ? 93  GLU A N   1 
ATOM   614  C  CA  . GLU A 1 93  ? -0.494  0.940   24.296  1.00 46.20 ? 93  GLU A CA  1 
ATOM   615  C  C   . GLU A 1 93  ? -0.038  2.338   23.929  1.00 42.79 ? 93  GLU A C   1 
ATOM   616  O  O   . GLU A 1 93  ? 0.959   2.833   24.449  1.00 43.27 ? 93  GLU A O   1 
ATOM   617  C  CB  . GLU A 1 93  ? -1.623  0.978   25.330  1.00 53.43 ? 93  GLU A CB  1 
ATOM   618  C  CG  . GLU A 1 93  ? -1.227  1.378   26.732  1.00 59.84 ? 93  GLU A CG  1 
ATOM   619  C  CD  . GLU A 1 93  ? -2.381  1.227   27.711  1.00 69.02 ? 93  GLU A CD  1 
ATOM   620  O  OE1 . GLU A 1 93  ? -3.383  1.962   27.566  1.00 67.27 ? 93  GLU A OE1 1 
ATOM   621  O  OE2 . GLU A 1 93  ? -2.290  0.370   28.622  1.00 72.63 ? 93  GLU A OE2 1 
ATOM   622  N  N   . HIS A 1 94  ? -0.774  2.981   23.035  1.00 48.32 ? 94  HIS A N   1 
ATOM   623  C  CA  . HIS A 1 94  ? -0.390  4.300   22.567  1.00 49.00 ? 94  HIS A CA  1 
ATOM   624  C  C   . HIS A 1 94  ? -1.605  5.019   22.005  1.00 47.06 ? 94  HIS A C   1 
ATOM   625  O  O   . HIS A 1 94  ? -2.379  4.433   21.243  1.00 51.73 ? 94  HIS A O   1 
ATOM   626  C  CB  . HIS A 1 94  ? 0.669   4.125   21.475  1.00 40.87 ? 94  HIS A CB  1 
ATOM   627  C  CG  . HIS A 1 94  ? 1.139   5.401   20.847  1.00 49.51 ? 94  HIS A CG  1 
ATOM   628  N  ND1 . HIS A 1 94  ? 2.139   6.181   21.395  1.00 52.92 ? 94  HIS A ND1 1 
ATOM   629  C  CD2 . HIS A 1 94  ? 0.792   6.001   19.684  1.00 56.71 ? 94  HIS A CD2 1 
ATOM   630  C  CE1 . HIS A 1 94  ? 2.387   7.199   20.592  1.00 55.63 ? 94  HIS A CE1 1 
ATOM   631  N  NE2 . HIS A 1 94  ? 1.585   7.113   19.545  1.00 58.19 ? 94  HIS A NE2 1 
ATOM   632  N  N   . ILE A 1 95  ? -1.789  6.275   22.397  1.00 45.90 ? 95  ILE A N   1 
ATOM   633  C  CA  . ILE A 1 95  ? -2.903  7.053   21.871  1.00 42.73 ? 95  ILE A CA  1 
ATOM   634  C  C   . ILE A 1 95  ? -2.408  7.561   20.527  1.00 38.76 ? 95  ILE A C   1 
ATOM   635  O  O   . ILE A 1 95  ? -1.559  8.456   20.457  1.00 53.00 ? 95  ILE A O   1 
ATOM   636  C  CB  . ILE A 1 95  ? -3.274  8.228   22.798  1.00 40.29 ? 95  ILE A CB  1 
ATOM   637  C  CG1 . ILE A 1 95  ? -3.806  7.669   24.127  1.00 37.32 ? 95  ILE A CG1 1 
ATOM   638  C  CG2 . ILE A 1 95  ? -4.327  9.118   22.124  1.00 31.46 ? 95  ILE A CG2 1 
ATOM   639  C  CD1 . ILE A 1 95  ? -4.435  8.707   25.036  1.00 43.86 ? 95  ILE A CD1 1 
ATOM   640  N  N   . ILE A 1 96  ? -2.935  6.962   19.463  1.00 34.18 ? 96  ILE A N   1 
ATOM   641  C  CA  . ILE A 1 96  ? -2.538  7.285   18.101  1.00 43.53 ? 96  ILE A CA  1 
ATOM   642  C  C   . ILE A 1 96  ? -2.760  8.721   17.658  1.00 51.88 ? 96  ILE A C   1 
ATOM   643  O  O   . ILE A 1 96  ? -3.893  9.205   17.584  1.00 40.38 ? 96  ILE A O   1 
ATOM   644  C  CB  . ILE A 1 96  ? -3.233  6.359   17.105  1.00 45.34 ? 96  ILE A CB  1 
ATOM   645  C  CG1 . ILE A 1 96  ? -3.174  4.922   17.617  1.00 46.24 ? 96  ILE A CG1 1 
ATOM   646  C  CG2 . ILE A 1 96  ? -2.549  6.454   15.750  1.00 46.12 ? 96  ILE A CG2 1 
ATOM   647  C  CD1 . ILE A 1 96  ? -3.842  3.918   16.712  1.00 54.66 ? 96  ILE A CD1 1 
ATOM   648  N  N   . GLN A 1 97  ? -1.648  9.382   17.347  1.00 60.16 ? 97  GLN A N   1 
ATOM   649  C  CA  . GLN A 1 97  ? -1.635  10.762  16.882  1.00 54.78 ? 97  GLN A CA  1 
ATOM   650  C  C   . GLN A 1 97  ? -1.492  10.771  15.358  1.00 54.91 ? 97  GLN A C   1 
ATOM   651  O  O   . GLN A 1 97  ? -0.793  9.931   14.788  1.00 50.21 ? 97  GLN A O   1 
ATOM   652  C  CB  . GLN A 1 97  ? -0.453  11.504  17.503  1.00 62.84 ? 97  GLN A CB  1 
ATOM   653  C  CG  . GLN A 1 97  ? -0.347  11.384  19.019  1.00 72.05 ? 97  GLN A CG  1 
ATOM   654  C  CD  . GLN A 1 97  ? -1.561  11.940  19.741  1.00 71.57 ? 97  GLN A CD  1 
ATOM   655  O  OE1 . GLN A 1 97  ? -2.084  12.997  19.379  1.00 73.78 ? 97  GLN A OE1 1 
ATOM   656  N  NE2 . GLN A 1 97  ? -2.006  11.236  20.779  1.00 66.82 ? 97  GLN A NE2 1 
ATOM   657  N  N   . THR A 1 98  ? -2.142  11.722  14.696  1.00 53.21 ? 98  THR A N   1 
ATOM   658  C  CA  . THR A 1 98  ? -2.056  11.799  13.243  1.00 43.60 ? 98  THR A CA  1 
ATOM   659  C  C   . THR A 1 98  ? -0.612  11.997  12.799  1.00 45.80 ? 98  THR A C   1 
ATOM   660  O  O   . THR A 1 98  ? 0.043   12.969  13.180  1.00 45.63 ? 98  THR A O   1 
ATOM   661  C  CB  . THR A 1 98  ? -2.922  12.951  12.688  1.00 51.99 ? 98  THR A CB  1 
ATOM   662  O  OG1 . THR A 1 98  ? -2.897  12.924  11.257  1.00 53.58 ? 98  THR A OG1 1 
ATOM   663  C  CG2 . THR A 1 98  ? -2.401  14.291  13.168  1.00 46.41 ? 98  THR A CG2 1 
ATOM   664  N  N   . GLY A 1 99  ? -0.120  11.060  11.999  1.00 50.00 ? 99  GLY A N   1 
ATOM   665  C  CA  . GLY A 1 99  ? 1.241   11.138  11.508  1.00 43.88 ? 99  GLY A CA  1 
ATOM   666  C  C   . GLY A 1 99  ? 2.086   10.021  12.076  1.00 42.04 ? 99  GLY A C   1 
ATOM   667  O  O   . GLY A 1 99  ? 3.251   9.867   11.713  1.00 50.05 ? 99  GLY A O   1 
ATOM   668  N  N   . ASP A 1 100 ? 1.503   9.241   12.982  1.00 48.91 ? 100 ASP A N   1 
ATOM   669  C  CA  . ASP A 1 100 ? 2.216   8.124   13.601  1.00 53.34 ? 100 ASP A CA  1 
ATOM   670  C  C   . ASP A 1 100 ? 2.344   6.914   12.684  1.00 51.11 ? 100 ASP A C   1 
ATOM   671  O  O   . ASP A 1 100 ? 1.435   6.603   11.914  1.00 50.72 ? 100 ASP A O   1 
ATOM   672  C  CB  . ASP A 1 100 ? 1.516   7.672   14.886  1.00 44.85 ? 100 ASP A CB  1 
ATOM   673  C  CG  . ASP A 1 100 ? 1.743   8.616   16.039  1.00 53.64 ? 100 ASP A CG  1 
ATOM   674  O  OD1 . ASP A 1 100 ? 2.823   9.253   16.073  1.00 58.13 ? 100 ASP A OD1 1 
ATOM   675  O  OD2 . ASP A 1 100 ? 0.853   8.704   16.914  1.00 51.67 ? 100 ASP A OD2 1 
ATOM   676  N  N   . GLU A 1 101 ? 3.481   6.236   12.773  1.00 53.86 ? 101 GLU A N   1 
ATOM   677  C  CA  . GLU A 1 101 ? 3.716   5.039   11.985  1.00 56.06 ? 101 GLU A CA  1 
ATOM   678  C  C   . GLU A 1 101 ? 4.007   3.898   12.943  1.00 56.74 ? 101 GLU A C   1 
ATOM   679  O  O   . GLU A 1 101 ? 5.090   3.834   13.525  1.00 56.42 ? 101 GLU A O   1 
ATOM   680  C  CB  . GLU A 1 101 ? 4.916   5.205   11.061  1.00 55.39 ? 101 GLU A CB  1 
ATOM   681  C  CG  . GLU A 1 101 ? 5.268   3.911   10.337  1.00 72.27 ? 101 GLU A CG  1 
ATOM   682  C  CD  . GLU A 1 101 ? 6.708   3.869   9.863   1.00 88.56 ? 101 GLU A CD  1 
ATOM   683  O  OE1 . GLU A 1 101 ? 7.617   4.057   10.705  1.00 96.44 ? 101 GLU A OE1 1 
ATOM   684  O  OE2 . GLU A 1 101 ? 6.929   3.641   8.653   1.00 90.16 ? 101 GLU A OE2 1 
ATOM   685  N  N   . ILE A 1 102 ? 3.045   3.002   13.116  1.00 50.81 ? 102 ILE A N   1 
ATOM   686  C  CA  . ILE A 1 102 ? 3.255   1.882   14.011  1.00 47.12 ? 102 ILE A CA  1 
ATOM   687  C  C   . ILE A 1 102 ? 3.861   0.711   13.253  1.00 52.32 ? 102 ILE A C   1 
ATOM   688  O  O   . ILE A 1 102 ? 3.160   -0.015  12.553  1.00 53.23 ? 102 ILE A O   1 
ATOM   689  C  CB  . ILE A 1 102 ? 1.949   1.424   14.677  1.00 46.47 ? 102 ILE A CB  1 
ATOM   690  C  CG1 . ILE A 1 102 ? 1.399   2.529   15.581  1.00 40.99 ? 102 ILE A CG1 1 
ATOM   691  C  CG2 . ILE A 1 102 ? 2.207   0.185   15.508  1.00 43.61 ? 102 ILE A CG2 1 
ATOM   692  C  CD1 . ILE A 1 102 ? 0.221   3.259   15.007  1.00 40.34 ? 102 ILE A CD1 1 
ATOM   693  N  N   . VAL A 1 103 ? 5.175   0.545   13.384  1.00 55.06 ? 103 VAL A N   1 
ATOM   694  C  CA  . VAL A 1 103 ? 5.871   -0.550  12.720  1.00 60.90 ? 103 VAL A CA  1 
ATOM   695  C  C   . VAL A 1 103 ? 5.620   -1.796  13.540  1.00 59.96 ? 103 VAL A C   1 
ATOM   696  O  O   . VAL A 1 103 ? 6.071   -1.935  14.682  1.00 59.37 ? 103 VAL A O   1 
ATOM   697  C  CB  . VAL A 1 103 ? 7.369   -0.266  12.589  1.00 60.88 ? 103 VAL A CB  1 
ATOM   698  C  CG1 . VAL A 1 103 ? 8.069   -1.473  12.024  1.00 56.13 ? 103 VAL A CG1 1 
ATOM   699  C  CG2 . VAL A 1 103 ? 7.572   0.929   11.669  1.00 65.92 ? 103 VAL A CG2 1 
HETATM 700  N  N   . MSE A 1 104 ? 4.886   -2.706  12.923  1.00 54.83 ? 104 MSE A N   1 
HETATM 701  C  CA  . MSE A 1 104 ? 4.488   -3.910  13.589  1.00 59.98 ? 104 MSE A CA  1 
HETATM 702  C  C   . MSE A 1 104 ? 4.939   -5.274  13.058  1.00 66.99 ? 104 MSE A C   1 
HETATM 703  O  O   . MSE A 1 104 ? 4.154   -6.240  13.083  1.00 69.96 ? 104 MSE A O   1 
HETATM 704  C  CB  . MSE A 1 104 ? 2.971   -3.813  13.755  1.00 44.92 ? 104 MSE A CB  1 
HETATM 705  C  CG  . MSE A 1 104 ? 2.117   -3.498  12.501  1.00 81.61 ? 104 MSE A CG  1 
HETATM 706  SE SE  . MSE A 1 104 ? 0.520   -4.259  13.039  1.00 88.06 ? 104 MSE A SE  1 
HETATM 707  C  CE  . MSE A 1 104 ? 1.631   -5.782  13.057  1.00 99.00 ? 104 MSE A CE  1 
ATOM   708  N  N   . GLY A 1 105 ? 6.213   -5.308  12.622  1.00 67.57 ? 105 GLY A N   1 
ATOM   709  C  CA  . GLY A 1 105 ? 6.895   -6.480  12.063  1.00 70.27 ? 105 GLY A CA  1 
ATOM   710  C  C   . GLY A 1 105 ? 7.790   -6.102  10.861  1.00 89.84 ? 105 GLY A C   1 
ATOM   711  O  O   . GLY A 1 105 ? 7.644   -4.996  10.319  1.00 87.34 ? 105 GLY A O   1 
ATOM   712  N  N   . PRO A 1 106 ? 8.726   -6.972  10.412  1.00 99.00 ? 106 PRO A N   1 
ATOM   713  C  CA  . PRO A 1 106 ? 9.590   -6.652  9.264   1.00 99.00 ? 106 PRO A CA  1 
ATOM   714  C  C   . PRO A 1 106 ? 8.737   -6.346  8.030   1.00 99.00 ? 106 PRO A C   1 
ATOM   715  O  O   . PRO A 1 106 ? 7.921   -7.173  7.596   1.00 99.00 ? 106 PRO A O   1 
ATOM   716  C  CB  . PRO A 1 106 ? 10.407  -7.931  9.075   1.00 99.00 ? 106 PRO A CB  1 
ATOM   717  C  CG  . PRO A 1 106 ? 10.516  -8.476  10.475  1.00 99.00 ? 106 PRO A CG  1 
ATOM   718  C  CD  . PRO A 1 106 ? 9.115   -8.256  11.022  1.00 99.00 ? 106 PRO A CD  1 
ATOM   719  N  N   . GLN A 1 107 ? 8.910   -5.143  7.490   1.00 99.00 ? 107 GLN A N   1 
ATOM   720  C  CA  . GLN A 1 107 ? 8.202   -4.720  6.280   1.00 94.68 ? 107 GLN A CA  1 
ATOM   721  C  C   . GLN A 1 107 ? 6.712   -4.380  6.450   1.00 81.03 ? 107 GLN A C   1 
ATOM   722  O  O   . GLN A 1 107 ? 6.030   -4.099  5.468   1.00 76.92 ? 107 GLN A O   1 
ATOM   723  C  CB  . GLN A 1 107 ? 8.344   -5.801  5.198   1.00 99.00 ? 107 GLN A CB  1 
ATOM   724  C  CG  . GLN A 1 107 ? 8.385   -5.261  3.784   1.00 99.00 ? 107 GLN A CG  1 
ATOM   725  C  CD  . GLN A 1 107 ? 9.716   -4.615  3.471   1.00 99.00 ? 107 GLN A CD  1 
ATOM   726  O  OE1 . GLN A 1 107 ? 10.226  -3.809  4.253   1.00 99.00 ? 107 GLN A OE1 1 
ATOM   727  N  NE2 . GLN A 1 107 ? 10.289  -4.960  2.322   1.00 99.00 ? 107 GLN A NE2 1 
ATOM   728  N  N   . VAL A 1 108 ? 6.190   -4.390  7.672   1.00 69.04 ? 108 VAL A N   1 
ATOM   729  C  CA  . VAL A 1 108 ? 4.767   -4.086  7.851   1.00 61.89 ? 108 VAL A CA  1 
ATOM   730  C  C   . VAL A 1 108 ? 4.479   -3.003  8.888   1.00 59.27 ? 108 VAL A C   1 
ATOM   731  O  O   . VAL A 1 108 ? 5.080   -2.970  9.948   1.00 56.24 ? 108 VAL A O   1 
ATOM   732  C  CB  . VAL A 1 108 ? 3.983   -5.355  8.205   1.00 66.70 ? 108 VAL A CB  1 
ATOM   733  C  CG1 . VAL A 1 108 ? 4.485   -5.937  9.514   1.00 85.72 ? 108 VAL A CG1 1 
ATOM   734  C  CG2 . VAL A 1 108 ? 2.511   -5.034  8.284   1.00 57.58 ? 108 VAL A CG2 1 
ATOM   735  N  N   . SER A 1 109 ? 3.513   -2.140  8.581   1.00 60.37 ? 109 SER A N   1 
ATOM   736  C  CA  . SER A 1 109 ? 3.200   -0.991  9.421   1.00 51.29 ? 109 SER A CA  1 
ATOM   737  C  C   . SER A 1 109 ? 1.910   -0.261  9.051   1.00 38.85 ? 109 SER A C   1 
ATOM   738  O  O   . SER A 1 109 ? 1.450   -0.362  7.918   1.00 40.41 ? 109 SER A O   1 
ATOM   739  C  CB  . SER A 1 109 ? 4.332   0.001   9.257   1.00 46.29 ? 109 SER A CB  1 
ATOM   740  O  OG  . SER A 1 109 ? 4.237   0.617   7.971   1.00 45.92 ? 109 SER A OG  1 
ATOM   741  N  N   . VAL A 1 110 ? 1.353   0.494   10.002  1.00 48.35 ? 110 VAL A N   1 
ATOM   742  C  CA  . VAL A 1 110 ? 0.148   1.275   9.748   1.00 46.70 ? 110 VAL A CA  1 
ATOM   743  C  C   . VAL A 1 110 ? 0.358   2.730   10.140  1.00 51.08 ? 110 VAL A C   1 
ATOM   744  O  O   . VAL A 1 110 ? 0.825   3.031   11.246  1.00 43.28 ? 110 VAL A O   1 
ATOM   745  C  CB  . VAL A 1 110 ? -1.090  0.747   10.528  1.00 34.08 ? 110 VAL A CB  1 
ATOM   746  C  CG1 . VAL A 1 110 ? -1.384  -0.692  10.139  1.00 37.54 ? 110 VAL A CG1 1 
ATOM   747  C  CG2 . VAL A 1 110 ? -0.872  0.879   12.022  1.00 37.87 ? 110 VAL A CG2 1 
ATOM   748  N  N   . ARG A 1 111 ? 0.033   3.630   9.221   1.00 48.09 ? 111 ARG A N   1 
ATOM   749  C  CA  . ARG A 1 111 ? 0.155   5.048   9.490   1.00 46.62 ? 111 ARG A CA  1 
ATOM   750  C  C   . ARG A 1 111 ? -1.243  5.544   9.770   1.00 45.78 ? 111 ARG A C   1 
ATOM   751  O  O   . ARG A 1 111 ? -2.209  5.037   9.203   1.00 43.03 ? 111 ARG A O   1 
ATOM   752  C  CB  . ARG A 1 111 ? 0.726   5.798   8.288   1.00 60.52 ? 111 ARG A CB  1 
ATOM   753  C  CG  . ARG A 1 111 ? 2.214   5.605   8.072   1.00 75.72 ? 111 ARG A CG  1 
ATOM   754  C  CD  . ARG A 1 111 ? 2.803   6.755   7.265   1.00 81.70 ? 111 ARG A CD  1 
ATOM   755  N  NE  . ARG A 1 111 ? 2.594   8.046   7.921   1.00 89.06 ? 111 ARG A NE  1 
ATOM   756  C  CZ  . ARG A 1 111 ? 1.791   9.001   7.459   1.00 93.41 ? 111 ARG A CZ  1 
ATOM   757  N  NH1 . ARG A 1 111 ? 1.116   8.813   6.331   1.00 94.45 ? 111 ARG A NH1 1 
ATOM   758  N  NH2 . ARG A 1 111 ? 1.659   10.144  8.124   1.00 89.43 ? 111 ARG A NH2 1 
ATOM   759  N  N   . TYR A 1 112 ? -1.351  6.525   10.656  1.00 53.29 ? 112 TYR A N   1 
ATOM   760  C  CA  . TYR A 1 112 ? -2.647  7.095   10.984  1.00 45.81 ? 112 TYR A CA  1 
ATOM   761  C  C   . TYR A 1 112 ? -2.714  8.533   10.516  1.00 40.05 ? 112 TYR A C   1 
ATOM   762  O  O   . TYR A 1 112 ? -1.703  9.237   10.501  1.00 42.78 ? 112 TYR A O   1 
ATOM   763  C  CB  . TYR A 1 112 ? -2.913  7.029   12.490  1.00 44.21 ? 112 TYR A CB  1 
ATOM   764  C  CG  . TYR A 1 112 ? -4.147  7.802   12.909  1.00 36.26 ? 112 TYR A CG  1 
ATOM   765  C  CD1 . TYR A 1 112 ? -4.042  9.119   13.349  1.00 44.17 ? 112 TYR A CD1 1 
ATOM   766  C  CD2 . TYR A 1 112 ? -5.423  7.224   12.857  1.00 39.93 ? 112 TYR A CD2 1 
ATOM   767  C  CE1 . TYR A 1 112 ? -5.161  9.851   13.735  1.00 47.21 ? 112 TYR A CE1 1 
ATOM   768  C  CE2 . TYR A 1 112 ? -6.558  7.955   13.239  1.00 49.60 ? 112 TYR A CE2 1 
ATOM   769  C  CZ  . TYR A 1 112 ? -6.411  9.271   13.682  1.00 50.33 ? 112 TYR A CZ  1 
ATOM   770  O  OH  . TYR A 1 112 ? -7.495  10.005  14.110  1.00 50.76 ? 112 TYR A OH  1 
ATOM   771  N  N   . GLU A 1 113 ? -3.906  8.965   10.123  1.00 40.14 ? 113 GLU A N   1 
ATOM   772  C  CA  . GLU A 1 113 ? -4.095  10.332  9.658   1.00 56.76 ? 113 GLU A CA  1 
ATOM   773  C  C   . GLU A 1 113 ? -5.492  10.838  9.971   1.00 51.40 ? 113 GLU A C   1 
ATOM   774  O  O   . GLU A 1 113 ? -6.468  10.099  9.876   1.00 46.37 ? 113 GLU A O   1 
ATOM   775  C  CB  . GLU A 1 113 ? -3.841  10.427  8.150   1.00 66.24 ? 113 GLU A CB  1 
ATOM   776  C  CG  . GLU A 1 113 ? -2.379  10.622  7.775   1.00 72.65 ? 113 GLU A CG  1 
ATOM   777  C  CD  . GLU A 1 113 ? -2.171  10.718  6.276   1.00 79.09 ? 113 GLU A CD  1 
ATOM   778  O  OE1 . GLU A 1 113 ? -2.933  11.454  5.617   1.00 80.72 ? 113 GLU A OE1 1 
ATOM   779  O  OE2 . GLU A 1 113 ? -1.241  10.067  5.758   1.00 85.77 ? 113 GLU A OE2 1 
ATOM   780  N  N   . TYR A 1 114 ? -5.579  12.098  10.375  1.00 51.70 ? 114 TYR A N   1 
ATOM   781  C  CA  . TYR A 1 114 ? -6.865  12.707  10.669  1.00 50.81 ? 114 TYR A CA  1 
ATOM   782  C  C   . TYR A 1 114 ? -7.092  13.684  9.530   1.00 56.49 ? 114 TYR A C   1 
ATOM   783  O  O   . TYR A 1 114 ? -6.812  14.874  9.641   1.00 61.57 ? 114 TYR A O   1 
ATOM   784  C  CB  . TYR A 1 114 ? -6.826  13.433  12.011  1.00 57.33 ? 114 TYR A CB  1 
ATOM   785  C  CG  . TYR A 1 114 ? -8.207  13.755  12.536  1.00 59.15 ? 114 TYR A CG  1 
ATOM   786  C  CD1 . TYR A 1 114 ? -9.252  12.837  12.395  1.00 58.54 ? 114 TYR A CD1 1 
ATOM   787  C  CD2 . TYR A 1 114 ? -8.472  14.962  13.174  1.00 58.12 ? 114 TYR A CD2 1 
ATOM   788  C  CE1 . TYR A 1 114 ? -10.519 13.118  12.865  1.00 53.90 ? 114 TYR A CE1 1 
ATOM   789  C  CE2 . TYR A 1 114 ? -9.739  15.251  13.654  1.00 59.49 ? 114 TYR A CE2 1 
ATOM   790  C  CZ  . TYR A 1 114 ? -10.758 14.324  13.492  1.00 59.32 ? 114 TYR A CZ  1 
ATOM   791  O  OH  . TYR A 1 114 ? -12.027 14.620  13.923  1.00 58.96 ? 114 TYR A OH  1 
ATOM   792  N  N   . ARG A 1 115 ? -7.591  13.138  8.428   1.00 62.48 ? 115 ARG A N   1 
ATOM   793  C  CA  . ARG A 1 115 ? -7.841  13.874  7.195   1.00 63.82 ? 115 ARG A CA  1 
ATOM   794  C  C   . ARG A 1 115 ? -9.129  14.692  7.192   1.00 58.80 ? 115 ARG A C   1 
ATOM   795  O  O   . ARG A 1 115 ? -10.140 14.272  7.753   1.00 44.96 ? 115 ARG A O   1 
ATOM   796  C  CB  . ARG A 1 115 ? -7.859  12.881  6.037   1.00 56.96 ? 115 ARG A CB  1 
ATOM   797  C  CG  . ARG A 1 115 ? -7.728  13.481  4.671   1.00 51.08 ? 115 ARG A CG  1 
ATOM   798  C  CD  . ARG A 1 115 ? -7.503  12.355  3.698   1.00 62.15 ? 115 ARG A CD  1 
ATOM   799  N  NE  . ARG A 1 115 ? -6.360  11.537  4.102   1.00 57.59 ? 115 ARG A NE  1 
ATOM   800  C  CZ  . ARG A 1 115 ? -6.123  10.310  3.654   1.00 51.26 ? 115 ARG A CZ  1 
ATOM   801  N  NH1 . ARG A 1 115 ? -6.956  9.747   2.786   1.00 45.29 ? 115 ARG A NH1 1 
ATOM   802  N  NH2 . ARG A 1 115 ? -5.041  9.655   4.050   1.00 50.78 ? 115 ARG A NH2 1 
ATOM   803  N  N   . ARG A 1 116 ? -9.078  15.842  6.518   1.00 63.21 ? 116 ARG A N   1 
ATOM   804  C  CA  . ARG A 1 116 ? -10.196 16.775  6.432   1.00 65.34 ? 116 ARG A CA  1 
ATOM   805  C  C   . ARG A 1 116 ? -11.167 16.573  5.267   1.00 69.71 ? 116 ARG A C   1 
ATOM   806  O  O   . ARG A 1 116 ? -12.362 16.409  5.496   1.00 67.00 ? 116 ARG A O   1 
ATOM   807  C  CB  . ARG A 1 116 ? -9.648  18.206  6.412   1.00 74.90 ? 116 ARG A CB  1 
ATOM   808  C  CG  . ARG A 1 116 ? -10.700 19.294  6.303   1.00 87.50 ? 116 ARG A CG  1 
ATOM   809  C  CD  . ARG A 1 116 ? -10.159 20.653  6.737   1.00 99.00 ? 116 ARG A CD  1 
ATOM   810  N  NE  . ARG A 1 116 ? -9.809  20.676  8.157   1.00 99.00 ? 116 ARG A NE  1 
ATOM   811  C  CZ  . ARG A 1 116 ? -9.864  21.760  8.926   1.00 99.00 ? 116 ARG A CZ  1 
ATOM   812  N  NH1 . ARG A 1 116 ? -10.257 22.919  8.413   1.00 99.00 ? 116 ARG A NH1 1 
ATOM   813  N  NH2 . ARG A 1 116 ? -9.532  21.687  10.209  1.00 99.00 ? 116 ARG A NH2 1 
ATOM   814  N  N   . ARG A 1 117 ? -10.661 16.604  4.035   1.00 78.68 ? 117 ARG A N   1 
ATOM   815  C  CA  . ARG A 1 117 ? -11.472 16.437  2.812   1.00 84.19 ? 117 ARG A CA  1 
ATOM   816  C  C   . ARG A 1 117 ? -12.435 17.595  2.522   1.00 81.03 ? 117 ARG A C   1 
ATOM   817  O  O   . ARG A 1 117 ? -12.623 17.912  1.326   1.00 78.80 ? 117 ARG A O   1 
ATOM   818  C  CB  . ARG A 1 117 ? -12.257 15.113  2.845   1.00 87.04 ? 117 ARG A CB  1 
ATOM   819  C  CG  . ARG A 1 117 ? -13.632 15.175  3.497   1.00 85.72 ? 117 ARG A CG  1 
ATOM   820  C  CD  . ARG A 1 117 ? -13.998 13.823  4.087   1.00 83.06 ? 117 ARG A CD  1 
ATOM   821  N  NE  . ARG A 1 117 ? -15.216 13.873  4.890   1.00 80.05 ? 117 ARG A NE  1 
ATOM   822  C  CZ  . ARG A 1 117 ? -16.410 13.473  4.468   1.00 78.49 ? 117 ARG A CZ  1 
ATOM   823  N  NH1 . ARG A 1 117 ? -16.562 12.983  3.244   1.00 67.22 ? 117 ARG A NH1 1 
ATOM   824  N  NH2 . ARG A 1 117 ? -17.456 13.560  5.273   1.00 83.33 ? 117 ARG A NH2 1 
ATOM   825  N  N   . GLU B 1 11  ? 6.837   16.511  -12.266 1.00 32.80 ? 11  GLU B N   1 
ATOM   826  C  CA  . GLU B 1 11  ? 6.729   16.166  -10.822 1.00 32.98 ? 11  GLU B CA  1 
ATOM   827  C  C   . GLU B 1 11  ? 6.365   14.697  -10.555 1.00 48.64 ? 11  GLU B C   1 
ATOM   828  O  O   . GLU B 1 11  ? 6.906   14.084  -9.639  1.00 49.78 ? 11  GLU B O   1 
ATOM   829  C  CB  . GLU B 1 11  ? 5.742   17.118  -10.150 1.00 44.10 ? 11  GLU B CB  1 
ATOM   830  C  CG  . GLU B 1 11  ? 6.328   18.514  -9.946  1.00 61.93 ? 11  GLU B CG  1 
ATOM   831  C  CD  . GLU B 1 11  ? 6.303   18.969  -8.494  1.00 81.65 ? 11  GLU B CD  1 
ATOM   832  O  OE1 . GLU B 1 11  ? 6.594   18.149  -7.598  1.00 88.73 ? 11  GLU B OE1 1 
ATOM   833  O  OE2 . GLU B 1 11  ? 6.006   20.156  -8.245  1.00 88.24 ? 11  GLU B OE2 1 
ATOM   834  N  N   . HIS B 1 12  ? 5.454   14.134  -11.342 1.00 57.33 ? 12  HIS B N   1 
ATOM   835  C  CA  . HIS B 1 12  ? 5.082   12.723  -11.191 1.00 55.80 ? 12  HIS B CA  1 
ATOM   836  C  C   . HIS B 1 12  ? 5.804   11.929  -12.285 1.00 55.36 ? 12  HIS B C   1 
ATOM   837  O  O   . HIS B 1 12  ? 5.441   12.014  -13.459 1.00 55.81 ? 12  HIS B O   1 
ATOM   838  C  CB  . HIS B 1 12  ? 3.570   12.530  -11.361 1.00 61.62 ? 12  HIS B CB  1 
ATOM   839  C  CG  . HIS B 1 12  ? 2.762   12.905  -10.153 1.00 72.28 ? 12  HIS B CG  1 
ATOM   840  N  ND1 . HIS B 1 12  ? 2.603   12.062  -9.073  1.00 74.94 ? 12  HIS B ND1 1 
ATOM   841  C  CD2 . HIS B 1 12  ? 2.066   14.026  -9.865  1.00 73.13 ? 12  HIS B CD2 1 
ATOM   842  C  CE1 . HIS B 1 12  ? 1.841   12.651  -8.170  1.00 75.25 ? 12  HIS B CE1 1 
ATOM   843  N  NE2 . HIS B 1 12  ? 1.501   13.844  -8.623  1.00 78.24 ? 12  HIS B NE2 1 
ATOM   844  N  N   . ILE B 1 13  ? 6.829   11.168  -11.917 1.00 40.26 ? 13  ILE B N   1 
ATOM   845  C  CA  . ILE B 1 13  ? 7.549   10.385  -12.913 1.00 46.44 ? 13  ILE B CA  1 
ATOM   846  C  C   . ILE B 1 13  ? 7.631   8.908   -12.597 1.00 52.04 ? 13  ILE B C   1 
ATOM   847  O  O   . ILE B 1 13  ? 7.973   8.513   -11.485 1.00 43.81 ? 13  ILE B O   1 
ATOM   848  C  CB  . ILE B 1 13  ? 9.005   10.893  -13.158 1.00 52.35 ? 13  ILE B CB  1 
ATOM   849  C  CG1 . ILE B 1 13  ? 9.632   11.412  -11.870 1.00 40.72 ? 13  ILE B CG1 1 
ATOM   850  C  CG2 . ILE B 1 13  ? 8.996   11.986  -14.218 1.00 62.21 ? 13  ILE B CG2 1 
ATOM   851  C  CD1 . ILE B 1 13  ? 9.084   12.764  -11.448 1.00 54.59 ? 13  ILE B CD1 1 
ATOM   852  N  N   . LEU B 1 14  ? 7.285   8.099   -13.593 1.00 53.42 ? 14  LEU B N   1 
ATOM   853  C  CA  . LEU B 1 14  ? 7.356   6.658   -13.474 1.00 48.14 ? 14  LEU B CA  1 
ATOM   854  C  C   . LEU B 1 14  ? 8.616   6.340   -14.255 1.00 41.03 ? 14  LEU B C   1 
ATOM   855  O  O   . LEU B 1 14  ? 8.767   6.746   -15.410 1.00 46.08 ? 14  LEU B O   1 
ATOM   856  C  CB  . LEU B 1 14  ? 6.150   5.983   -14.130 1.00 47.28 ? 14  LEU B CB  1 
ATOM   857  C  CG  . LEU B 1 14  ? 6.079   4.469   -13.922 1.00 47.54 ? 14  LEU B CG  1 
ATOM   858  C  CD1 . LEU B 1 14  ? 5.903   4.210   -12.442 1.00 54.88 ? 14  LEU B CD1 1 
ATOM   859  C  CD2 . LEU B 1 14  ? 4.917   3.856   -14.704 1.00 44.01 ? 14  LEU B CD2 1 
ATOM   860  N  N   . ILE B 1 15  ? 9.544   5.655   -13.607 1.00 41.98 ? 15  ILE B N   1 
ATOM   861  C  CA  . ILE B 1 15  ? 10.801  5.297   -14.235 1.00 52.37 ? 15  ILE B CA  1 
ATOM   862  C  C   . ILE B 1 15  ? 10.625  3.879   -14.708 1.00 45.82 ? 15  ILE B C   1 
ATOM   863  O  O   . ILE B 1 15  ? 10.306  2.992   -13.911 1.00 37.47 ? 15  ILE B O   1 
ATOM   864  C  CB  . ILE B 1 15  ? 11.964  5.387   -13.220 1.00 53.49 ? 15  ILE B CB  1 
ATOM   865  C  CG1 . ILE B 1 15  ? 12.157  6.844   -12.798 1.00 57.98 ? 15  ILE B CG1 1 
ATOM   866  C  CG2 . ILE B 1 15  ? 13.232  4.838   -13.829 1.00 46.59 ? 15  ILE B CG2 1 
ATOM   867  C  CD1 . ILE B 1 15  ? 13.312  7.060   -11.868 1.00 60.02 ? 15  ILE B CD1 1 
ATOM   868  N  N   . ILE B 1 16  ? 10.815  3.665   -16.005 1.00 51.35 ? 16  ILE B N   1 
ATOM   869  C  CA  . ILE B 1 16  ? 10.635  2.335   -16.561 1.00 50.89 ? 16  ILE B CA  1 
ATOM   870  C  C   . ILE B 1 16  ? 11.944  1.650   -16.927 1.00 42.17 ? 16  ILE B C   1 
ATOM   871  O  O   . ILE B 1 16  ? 12.834  2.256   -17.531 1.00 37.83 ? 16  ILE B O   1 
ATOM   872  C  CB  . ILE B 1 16  ? 9.727   2.382   -17.796 1.00 51.83 ? 16  ILE B CB  1 
ATOM   873  C  CG1 . ILE B 1 16  ? 8.519   3.281   -17.507 1.00 50.88 ? 16  ILE B CG1 1 
ATOM   874  C  CG2 . ILE B 1 16  ? 9.262   0.978   -18.145 1.00 54.99 ? 16  ILE B CG2 1 
ATOM   875  C  CD1 . ILE B 1 16  ? 7.695   3.646   -18.722 1.00 50.61 ? 16  ILE B CD1 1 
ATOM   876  N  N   . LEU B 1 17  ? 12.041  0.382   -16.533 1.00 35.59 ? 17  LEU B N   1 
ATOM   877  C  CA  . LEU B 1 17  ? 13.206  -0.457  -16.793 1.00 52.84 ? 17  LEU B CA  1 
ATOM   878  C  C   . LEU B 1 17  ? 12.753  -1.748  -17.457 1.00 52.80 ? 17  LEU B C   1 
ATOM   879  O  O   . LEU B 1 17  ? 12.260  -2.670  -16.788 1.00 47.37 ? 17  LEU B O   1 
ATOM   880  C  CB  . LEU B 1 17  ? 13.926  -0.795  -15.486 1.00 58.95 ? 17  LEU B CB  1 
ATOM   881  C  CG  . LEU B 1 17  ? 14.625  0.348   -14.752 1.00 60.40 ? 17  LEU B CG  1 
ATOM   882  C  CD1 . LEU B 1 17  ? 14.816  -0.034  -13.300 1.00 64.80 ? 17  LEU B CD1 1 
ATOM   883  C  CD2 . LEU B 1 17  ? 15.951  0.653   -15.411 1.00 53.75 ? 17  LEU B CD2 1 
ATOM   884  N  N   . ASP B 1 18  ? 12.906  -1.801  -18.775 1.00 52.50 ? 18  ASP B N   1 
ATOM   885  C  CA  . ASP B 1 18  ? 12.530  -2.978  -19.546 1.00 58.27 ? 18  ASP B CA  1 
ATOM   886  C  C   . ASP B 1 18  ? 13.687  -3.370  -20.457 1.00 64.13 ? 18  ASP B C   1 
ATOM   887  O  O   . ASP B 1 18  ? 14.833  -3.012  -20.196 1.00 62.16 ? 18  ASP B O   1 
ATOM   888  C  CB  . ASP B 1 18  ? 11.258  -2.707  -20.370 1.00 59.31 ? 18  ASP B CB  1 
ATOM   889  C  CG  . ASP B 1 18  ? 11.255  -1.336  -21.015 1.00 59.70 ? 18  ASP B CG  1 
ATOM   890  O  OD1 . ASP B 1 18  ? 12.340  -0.718  -21.107 1.00 65.56 ? 18  ASP B OD1 1 
ATOM   891  O  OD2 . ASP B 1 18  ? 10.166  -0.879  -21.439 1.00 49.56 ? 18  ASP B OD2 1 
ATOM   892  N  N   . ASP B 1 19  ? 13.391  -4.107  -21.520 1.00 64.75 ? 19  ASP B N   1 
ATOM   893  C  CA  . ASP B 1 19  ? 14.423  -4.535  -22.450 1.00 68.46 ? 19  ASP B CA  1 
ATOM   894  C  C   . ASP B 1 19  ? 14.873  -3.396  -23.347 1.00 66.08 ? 19  ASP B C   1 
ATOM   895  O  O   . ASP B 1 19  ? 15.952  -3.455  -23.924 1.00 67.96 ? 19  ASP B O   1 
ATOM   896  C  CB  . ASP B 1 19  ? 13.915  -5.703  -23.292 1.00 65.22 ? 19  ASP B CB  1 
ATOM   897  C  CG  . ASP B 1 19  ? 13.416  -6.846  -22.439 1.00 67.80 ? 19  ASP B CG  1 
ATOM   898  O  OD1 . ASP B 1 19  ? 13.715  -6.845  -21.222 1.00 72.23 ? 19  ASP B OD1 1 
ATOM   899  O  OD2 . ASP B 1 19  ? 12.733  -7.745  -22.977 1.00 56.79 ? 19  ASP B OD2 1 
ATOM   900  N  N   . ALA B 1 20  ? 14.047  -2.362  -23.460 1.00 70.09 ? 20  ALA B N   1 
ATOM   901  C  CA  . ALA B 1 20  ? 14.386  -1.206  -24.281 1.00 74.70 ? 20  ALA B CA  1 
ATOM   902  C  C   . ALA B 1 20  ? 15.372  -0.337  -23.512 1.00 73.82 ? 20  ALA B C   1 
ATOM   903  O  O   . ALA B 1 20  ? 15.868  0.667   -24.027 1.00 79.04 ? 20  ALA B O   1 
ATOM   904  C  CB  . ALA B 1 20  ? 13.137  -0.405  -24.610 1.00 77.47 ? 20  ALA B CB  1 
ATOM   905  N  N   . GLY B 1 21  ? 15.649  -0.737  -22.272 1.00 58.52 ? 21  GLY B N   1 
ATOM   906  C  CA  . GLY B 1 21  ? 16.574  0.006   -21.442 1.00 60.79 ? 21  GLY B CA  1 
ATOM   907  C  C   . GLY B 1 21  ? 15.942  0.657   -20.226 1.00 67.73 ? 21  GLY B C   1 
ATOM   908  O  O   . GLY B 1 21  ? 15.193  0.026   -19.477 1.00 65.37 ? 21  GLY B O   1 
ATOM   909  N  N   . ARG B 1 22  ? 16.249  1.933   -20.036 1.00 67.58 ? 22  ARG B N   1 
ATOM   910  C  CA  . ARG B 1 22  ? 15.740  2.696   -18.912 1.00 65.71 ? 22  ARG B CA  1 
ATOM   911  C  C   . ARG B 1 22  ? 15.290  4.067   -19.386 1.00 66.96 ? 22  ARG B C   1 
ATOM   912  O  O   . ARG B 1 22  ? 16.015  4.742   -20.113 1.00 67.29 ? 22  ARG B O   1 
ATOM   913  C  CB  . ARG B 1 22  ? 16.839  2.851   -17.858 1.00 69.88 ? 22  ARG B CB  1 
ATOM   914  C  CG  . ARG B 1 22  ? 16.476  3.706   -16.647 1.00 67.64 ? 22  ARG B CG  1 
ATOM   915  C  CD  . ARG B 1 22  ? 17.598  3.659   -15.607 1.00 71.01 ? 22  ARG B CD  1 
ATOM   916  N  NE  . ARG B 1 22  ? 17.218  4.244   -14.322 1.00 67.58 ? 22  ARG B NE  1 
ATOM   917  C  CZ  . ARG B 1 22  ? 17.058  5.543   -14.110 1.00 53.83 ? 22  ARG B CZ  1 
ATOM   918  N  NH1 . ARG B 1 22  ? 17.249  6.406   -15.096 1.00 62.31 ? 22  ARG B NH1 1 
ATOM   919  N  NH2 . ARG B 1 22  ? 16.689  5.973   -12.915 1.00 42.72 ? 22  ARG B NH2 1 
ATOM   920  N  N   . ARG B 1 23  ? 14.088  4.469   -18.984 1.00 58.64 ? 23  ARG B N   1 
ATOM   921  C  CA  . ARG B 1 23  ? 13.564  5.778   -19.363 1.00 55.53 ? 23  ARG B CA  1 
ATOM   922  C  C   . ARG B 1 23  ? 12.576  6.281   -18.321 1.00 57.92 ? 23  ARG B C   1 
ATOM   923  O  O   . ARG B 1 23  ? 12.182  5.545   -17.410 1.00 62.86 ? 23  ARG B O   1 
ATOM   924  C  CB  . ARG B 1 23  ? 12.879  5.715   -20.731 1.00 46.09 ? 23  ARG B CB  1 
ATOM   925  C  CG  . ARG B 1 23  ? 11.553  4.985   -20.731 1.00 40.65 ? 23  ARG B CG  1 
ATOM   926  C  CD  . ARG B 1 23  ? 11.102  4.735   -22.147 1.00 44.50 ? 23  ARG B CD  1 
ATOM   927  N  NE  . ARG B 1 23  ? 9.754   5.234   -22.352 1.00 51.33 ? 23  ARG B NE  1 
ATOM   928  C  CZ  . ARG B 1 23  ? 8.668   4.479   -22.307 1.00 46.71 ? 23  ARG B CZ  1 
ATOM   929  N  NH1 . ARG B 1 23  ? 8.770   3.176   -22.065 1.00 39.43 ? 23  ARG B NH1 1 
ATOM   930  N  NH2 . ARG B 1 23  ? 7.481   5.038   -22.505 1.00 36.78 ? 23  ARG B NH2 1 
ATOM   931  N  N   . GLU B 1 24  ? 12.174  7.537   -18.466 1.00 47.11 ? 24  GLU B N   1 
ATOM   932  C  CA  . GLU B 1 24  ? 11.241  8.152   -17.530 1.00 48.64 ? 24  GLU B CA  1 
ATOM   933  C  C   . GLU B 1 24  ? 9.999   8.656   -18.262 1.00 48.81 ? 24  GLU B C   1 
ATOM   934  O  O   . GLU B 1 24  ? 10.087  9.169   -19.378 1.00 49.11 ? 24  GLU B O   1 
ATOM   935  C  CB  . GLU B 1 24  ? 11.927  9.321   -16.802 1.00 37.54 ? 24  GLU B CB  1 
ATOM   936  C  CG  . GLU B 1 24  ? 13.410  9.070   -16.510 1.00 50.68 ? 24  GLU B CG  1 
ATOM   937  C  CD  . GLU B 1 24  ? 14.065  10.159  -15.669 1.00 54.09 ? 24  GLU B CD  1 
ATOM   938  O  OE1 . GLU B 1 24  ? 13.685  11.344  -15.804 1.00 50.65 ? 24  GLU B OE1 1 
ATOM   939  O  OE2 . GLU B 1 24  ? 14.977  9.823   -14.882 1.00 61.41 ? 24  GLU B OE2 1 
ATOM   940  N  N   . VAL B 1 25  ? 8.841   8.493   -17.639 1.00 41.73 ? 25  VAL B N   1 
ATOM   941  C  CA  . VAL B 1 25  ? 7.599   8.965   -18.232 1.00 39.71 ? 25  VAL B CA  1 
ATOM   942  C  C   . VAL B 1 25  ? 6.875   9.847   -17.220 1.00 45.41 ? 25  VAL B C   1 
ATOM   943  O  O   . VAL B 1 25  ? 6.758   9.488   -16.049 1.00 56.46 ? 25  VAL B O   1 
ATOM   944  C  CB  . VAL B 1 25  ? 6.694   7.786   -18.648 1.00 37.00 ? 25  VAL B CB  1 
ATOM   945  C  CG1 . VAL B 1 25  ? 5.328   8.309   -19.112 1.00 30.33 ? 25  VAL B CG1 1 
ATOM   946  C  CG2 . VAL B 1 25  ? 7.382   6.983   -19.752 1.00 38.92 ? 25  VAL B CG2 1 
ATOM   947  N  N   . LEU B 1 26  ? 6.408   11.007  -17.668 1.00 48.26 ? 26  LEU B N   1 
ATOM   948  C  CA  . LEU B 1 26  ? 5.713   11.936  -16.780 1.00 46.18 ? 26  LEU B CA  1 
ATOM   949  C  C   . LEU B 1 26  ? 4.236   11.627  -16.623 1.00 44.58 ? 26  LEU B C   1 
ATOM   950  O  O   . LEU B 1 26  ? 3.461   11.742  -17.574 1.00 44.48 ? 26  LEU B O   1 
ATOM   951  C  CB  . LEU B 1 26  ? 5.855   13.379  -17.274 1.00 49.65 ? 26  LEU B CB  1 
ATOM   952  C  CG  . LEU B 1 26  ? 7.088   14.198  -16.911 1.00 61.81 ? 26  LEU B CG  1 
ATOM   953  C  CD1 . LEU B 1 26  ? 8.335   13.538  -17.473 1.00 75.01 ? 26  LEU B CD1 1 
ATOM   954  C  CD2 . LEU B 1 26  ? 6.919   15.607  -17.465 1.00 68.23 ? 26  LEU B CD2 1 
ATOM   955  N  N   . LEU B 1 27  ? 3.842   11.232  -15.420 1.00 46.95 ? 27  LEU B N   1 
ATOM   956  C  CA  . LEU B 1 27  ? 2.438   10.949  -15.165 1.00 47.75 ? 27  LEU B CA  1 
ATOM   957  C  C   . LEU B 1 27  ? 1.777   12.302  -14.975 1.00 54.73 ? 27  LEU B C   1 
ATOM   958  O  O   . LEU B 1 27  ? 2.138   13.071  -14.079 1.00 65.16 ? 27  LEU B O   1 
ATOM   959  C  CB  . LEU B 1 27  ? 2.265   10.085  -13.912 1.00 51.65 ? 27  LEU B CB  1 
ATOM   960  C  CG  . LEU B 1 27  ? 2.935   8.710   -13.961 1.00 48.87 ? 27  LEU B CG  1 
ATOM   961  C  CD1 . LEU B 1 27  ? 2.462   7.872   -12.788 1.00 45.20 ? 27  LEU B CD1 1 
ATOM   962  C  CD2 . LEU B 1 27  ? 2.586   8.015   -15.249 1.00 37.41 ? 27  LEU B CD2 1 
ATOM   963  N  N   . THR B 1 28  ? 0.812   12.589  -15.836 1.00 55.66 ? 28  THR B N   1 
ATOM   964  C  CA  . THR B 1 28  ? 0.114   13.860  -15.793 1.00 54.28 ? 28  THR B CA  1 
ATOM   965  C  C   . THR B 1 28  ? -1.406  13.663  -15.845 1.00 50.74 ? 28  THR B C   1 
ATOM   966  O  O   . THR B 1 28  ? -2.172  14.509  -15.394 1.00 54.71 ? 28  THR B O   1 
ATOM   967  C  CB  . THR B 1 28  ? 0.582   14.746  -16.982 1.00 43.16 ? 28  THR B CB  1 
ATOM   968  O  OG1 . THR B 1 28  ? 0.405   16.122  -16.648 1.00 43.91 ? 28  THR B OG1 1 
ATOM   969  C  CG2 . THR B 1 28  ? -0.216  14.431  -18.256 1.00 39.22 ? 28  THR B CG2 1 
ATOM   970  N  N   . GLU B 1 29  ? -1.842  12.531  -16.382 1.00 46.52 ? 29  GLU B N   1 
ATOM   971  C  CA  . GLU B 1 29  ? -3.262  12.258  -16.504 1.00 40.75 ? 29  GLU B CA  1 
ATOM   972  C  C   . GLU B 1 29  ? -3.879  11.533  -15.305 1.00 50.73 ? 29  GLU B C   1 
ATOM   973  O  O   . GLU B 1 29  ? -3.191  11.159  -14.347 1.00 51.05 ? 29  GLU B O   1 
ATOM   974  C  CB  . GLU B 1 29  ? -3.522  11.454  -17.781 1.00 53.01 ? 29  GLU B CB  1 
ATOM   975  C  CG  . GLU B 1 29  ? -3.281  12.233  -19.064 1.00 66.77 ? 29  GLU B CG  1 
ATOM   976  C  CD  . GLU B 1 29  ? -3.996  13.573  -19.071 1.00 72.08 ? 29  GLU B CD  1 
ATOM   977  O  OE1 . GLU B 1 29  ? -5.223  13.599  -18.826 1.00 71.77 ? 29  GLU B OE1 1 
ATOM   978  O  OE2 . GLU B 1 29  ? -3.331  14.602  -19.324 1.00 72.17 ? 29  GLU B OE2 1 
ATOM   979  N  N   . THR B 1 30  ? -5.189  11.326  -15.374 1.00 39.53 ? 30  THR B N   1 
ATOM   980  C  CA  . THR B 1 30  ? -5.908  10.665  -14.303 1.00 40.17 ? 30  THR B CA  1 
ATOM   981  C  C   . THR B 1 30  ? -5.876  9.153   -14.436 1.00 41.86 ? 30  THR B C   1 
ATOM   982  O  O   . THR B 1 30  ? -6.078  8.434   -13.459 1.00 39.01 ? 30  THR B O   1 
ATOM   983  C  CB  . THR B 1 30  ? -7.385  11.114  -14.273 1.00 44.17 ? 30  THR B CB  1 
ATOM   984  O  OG1 . THR B 1 30  ? -8.039  10.520  -13.146 1.00 50.55 ? 30  THR B OG1 1 
ATOM   985  C  CG2 . THR B 1 30  ? -8.107  10.667  -15.542 1.00 44.91 ? 30  THR B CG2 1 
ATOM   986  N  N   . PHE B 1 31  ? -5.599  8.668   -15.638 1.00 42.12 ? 31  PHE B N   1 
ATOM   987  C  CA  . PHE B 1 31  ? -5.613  7.231   -15.875 1.00 44.48 ? 31  PHE B CA  1 
ATOM   988  C  C   . PHE B 1 31  ? -4.588  6.808   -16.915 1.00 42.48 ? 31  PHE B C   1 
ATOM   989  O  O   . PHE B 1 31  ? -4.364  7.510   -17.897 1.00 42.07 ? 31  PHE B O   1 
ATOM   990  C  CB  . PHE B 1 31  ? -7.015  6.846   -16.339 1.00 47.21 ? 31  PHE B CB  1 
ATOM   991  C  CG  . PHE B 1 31  ? -7.192  5.396   -16.642 1.00 48.52 ? 31  PHE B CG  1 
ATOM   992  C  CD1 . PHE B 1 31  ? -7.269  4.463   -15.616 1.00 54.41 ? 31  PHE B CD1 1 
ATOM   993  C  CD2 . PHE B 1 31  ? -7.341  4.968   -17.954 1.00 44.12 ? 31  PHE B CD2 1 
ATOM   994  C  CE1 . PHE B 1 31  ? -7.509  3.122   -15.897 1.00 52.94 ? 31  PHE B CE1 1 
ATOM   995  C  CE2 . PHE B 1 31  ? -7.578  3.640   -18.246 1.00 43.52 ? 31  PHE B CE2 1 
ATOM   996  C  CZ  . PHE B 1 31  ? -7.662  2.711   -17.217 1.00 54.17 ? 31  PHE B CZ  1 
ATOM   997  N  N   . TYR B 1 32  ? -3.976  5.649   -16.695 1.00 36.99 ? 32  TYR B N   1 
ATOM   998  C  CA  . TYR B 1 32  ? -2.967  5.129   -17.618 1.00 40.42 ? 32  TYR B CA  1 
ATOM   999  C  C   . TYR B 1 32  ? -3.013  3.608   -17.723 1.00 44.59 ? 32  TYR B C   1 
ATOM   1000 O  O   . TYR B 1 32  ? -3.289  2.918   -16.743 1.00 33.41 ? 32  TYR B O   1 
ATOM   1001 C  CB  . TYR B 1 32  ? -1.555  5.515   -17.155 1.00 34.68 ? 32  TYR B CB  1 
ATOM   1002 C  CG  . TYR B 1 32  ? -1.170  6.959   -17.354 1.00 46.03 ? 32  TYR B CG  1 
ATOM   1003 C  CD1 . TYR B 1 32  ? -0.649  7.400   -18.565 1.00 47.79 ? 32  TYR B CD1 1 
ATOM   1004 C  CD2 . TYR B 1 32  ? -1.297  7.878   -16.316 1.00 58.38 ? 32  TYR B CD2 1 
ATOM   1005 C  CE1 . TYR B 1 32  ? -0.257  8.721   -18.733 1.00 49.34 ? 32  TYR B CE1 1 
ATOM   1006 C  CE2 . TYR B 1 32  ? -0.916  9.194   -16.476 1.00 59.69 ? 32  TYR B CE2 1 
ATOM   1007 C  CZ  . TYR B 1 32  ? -0.394  9.611   -17.683 1.00 50.88 ? 32  TYR B CZ  1 
ATOM   1008 O  OH  . TYR B 1 32  ? -0.007  10.920  -17.838 1.00 44.78 ? 32  TYR B OH  1 
ATOM   1009 N  N   . THR B 1 33  ? -2.748  3.078   -18.909 1.00 42.98 ? 33  THR B N   1 
ATOM   1010 C  CA  . THR B 1 33  ? -2.694  1.635   -19.053 1.00 42.48 ? 33  THR B CA  1 
ATOM   1011 C  C   . THR B 1 33  ? -1.219  1.292   -19.259 1.00 39.03 ? 33  THR B C   1 
ATOM   1012 O  O   . THR B 1 33  ? -0.470  2.062   -19.877 1.00 34.21 ? 33  THR B O   1 
ATOM   1013 C  CB  . THR B 1 33  ? -3.520  1.126   -20.253 1.00 35.88 ? 33  THR B CB  1 
ATOM   1014 O  OG1 . THR B 1 33  ? -3.113  1.802   -21.454 1.00 35.98 ? 33  THR B OG1 1 
ATOM   1015 C  CG2 . THR B 1 33  ? -5.011  1.341   -19.992 1.00 32.30 ? 33  THR B CG2 1 
ATOM   1016 N  N   . ILE B 1 34  ? -0.801  0.154   -18.724 1.00 41.17 ? 34  ILE B N   1 
ATOM   1017 C  CA  . ILE B 1 34  ? 0.581   -0.280  -18.841 1.00 42.14 ? 34  ILE B CA  1 
ATOM   1018 C  C   . ILE B 1 34  ? 0.605   -1.674  -19.446 1.00 34.09 ? 34  ILE B C   1 
ATOM   1019 O  O   . ILE B 1 34  ? -0.106  -2.576  -18.973 1.00 35.74 ? 34  ILE B O   1 
ATOM   1020 C  CB  . ILE B 1 34  ? 1.263   -0.339  -17.458 1.00 52.81 ? 34  ILE B CB  1 
ATOM   1021 C  CG1 . ILE B 1 34  ? 1.096   1.001   -16.738 1.00 57.32 ? 34  ILE B CG1 1 
ATOM   1022 C  CG2 . ILE B 1 34  ? 2.739   -0.673  -17.621 1.00 50.09 ? 34  ILE B CG2 1 
ATOM   1023 C  CD1 . ILE B 1 34  ? 1.469   0.954   -15.271 1.00 54.47 ? 34  ILE B CD1 1 
ATOM   1024 N  N   . GLY B 1 35  ? 1.421   -1.861  -20.482 1.00 25.95 ? 35  GLY B N   1 
ATOM   1025 C  CA  . GLY B 1 35  ? 1.484   -3.170  -21.114 1.00 26.31 ? 35  GLY B CA  1 
ATOM   1026 C  C   . GLY B 1 35  ? 2.380   -3.135  -22.329 1.00 26.50 ? 35  GLY B C   1 
ATOM   1027 O  O   . GLY B 1 35  ? 2.830   -2.058  -22.737 1.00 38.09 ? 35  GLY B O   1 
ATOM   1028 N  N   . ARG B 1 36  ? 2.634   -4.307  -22.908 1.00 38.89 ? 36  ARG B N   1 
ATOM   1029 C  CA  . ARG B 1 36  ? 3.505   -4.425  -24.075 1.00 46.06 ? 36  ARG B CA  1 
ATOM   1030 C  C   . ARG B 1 36  ? 2.797   -4.097  -25.388 1.00 45.17 ? 36  ARG B C   1 
ATOM   1031 O  O   . ARG B 1 36  ? 3.432   -4.027  -26.444 1.00 44.78 ? 36  ARG B O   1 
ATOM   1032 C  CB  . ARG B 1 36  ? 4.102   -5.836  -24.157 1.00 38.09 ? 36  ARG B CB  1 
ATOM   1033 C  CG  . ARG B 1 36  ? 3.126   -6.920  -24.577 1.00 45.91 ? 36  ARG B CG  1 
ATOM   1034 C  CD  . ARG B 1 36  ? 3.871   -8.211  -24.916 1.00 56.32 ? 36  ARG B CD  1 
ATOM   1035 N  NE  . ARG B 1 36  ? 3.014   -9.195  -25.582 1.00 57.39 ? 36  ARG B NE  1 
ATOM   1036 C  CZ  . ARG B 1 36  ? 2.149   -9.991  -24.961 1.00 57.57 ? 36  ARG B CZ  1 
ATOM   1037 N  NH1 . ARG B 1 36  ? 2.015   -9.932  -23.644 1.00 62.89 ? 36  ARG B NH1 1 
ATOM   1038 N  NH2 . ARG B 1 36  ? 1.416   -10.848 -25.656 1.00 55.91 ? 36  ARG B NH2 1 
ATOM   1039 N  N   . SER B 1 37  ? 1.487   -3.900  -25.318 1.00 46.67 ? 37  SER B N   1 
ATOM   1040 C  CA  . SER B 1 37  ? 0.700   -3.577  -26.498 1.00 51.23 ? 37  SER B CA  1 
ATOM   1041 C  C   . SER B 1 37  ? 0.921   -2.131  -26.912 1.00 45.76 ? 37  SER B C   1 
ATOM   1042 O  O   . SER B 1 37  ? 1.029   -1.243  -26.061 1.00 34.02 ? 37  SER B O   1 
ATOM   1043 C  CB  . SER B 1 37  ? -0.792  -3.794  -26.221 1.00 52.14 ? 37  SER B CB  1 
ATOM   1044 O  OG  . SER B 1 37  ? -1.592  -3.031  -27.114 1.00 51.77 ? 37  SER B OG  1 
ATOM   1045 N  N   . PRO B 1 38  ? 0.991   -1.871  -28.228 1.00 49.38 ? 38  PRO B N   1 
ATOM   1046 C  CA  . PRO B 1 38  ? 1.194   -0.500  -28.696 1.00 51.28 ? 38  PRO B CA  1 
ATOM   1047 C  C   . PRO B 1 38  ? 0.023   0.433   -28.391 1.00 45.15 ? 38  PRO B C   1 
ATOM   1048 O  O   . PRO B 1 38  ? 0.088   1.620   -28.705 1.00 52.44 ? 38  PRO B O   1 
ATOM   1049 C  CB  . PRO B 1 38  ? 1.423   -0.674  -30.197 1.00 49.64 ? 38  PRO B CB  1 
ATOM   1050 C  CG  . PRO B 1 38  ? 0.660   -1.920  -30.519 1.00 52.39 ? 38  PRO B CG  1 
ATOM   1051 C  CD  . PRO B 1 38  ? 1.007   -2.817  -29.358 1.00 55.66 ? 38  PRO B CD  1 
ATOM   1052 N  N   . ARG B 1 39  ? -1.043  -0.092  -27.785 1.00 40.74 ? 39  ARG B N   1 
ATOM   1053 C  CA  . ARG B 1 39  ? -2.206  0.737   -27.457 1.00 40.90 ? 39  ARG B CA  1 
ATOM   1054 C  C   . ARG B 1 39  ? -2.169  1.127   -25.989 1.00 42.85 ? 39  ARG B C   1 
ATOM   1055 O  O   . ARG B 1 39  ? -2.998  1.912   -25.510 1.00 41.58 ? 39  ARG B O   1 
ATOM   1056 C  CB  . ARG B 1 39  ? -3.506  -0.015  -27.739 1.00 47.25 ? 39  ARG B CB  1 
ATOM   1057 C  CG  . ARG B 1 39  ? -3.477  -0.832  -29.006 1.00 47.86 ? 39  ARG B CG  1 
ATOM   1058 C  CD  . ARG B 1 39  ? -4.539  -0.383  -29.985 1.00 60.67 ? 39  ARG B CD  1 
ATOM   1059 N  NE  . ARG B 1 39  ? -4.768  -1.394  -31.014 1.00 74.68 ? 39  ARG B NE  1 
ATOM   1060 C  CZ  . ARG B 1 39  ? -5.661  -1.273  -31.989 1.00 78.51 ? 39  ARG B CZ  1 
ATOM   1061 N  NH1 . ARG B 1 39  ? -6.406  -0.178  -32.068 1.00 75.80 ? 39  ARG B NH1 1 
ATOM   1062 N  NH2 . ARG B 1 39  ? -5.817  -2.250  -32.871 1.00 81.03 ? 39  ARG B NH2 1 
ATOM   1063 N  N   . ALA B 1 40  ? -1.212  0.561   -25.266 1.00 30.73 ? 40  ALA B N   1 
ATOM   1064 C  CA  . ALA B 1 40  ? -1.072  0.875   -23.856 1.00 35.63 ? 40  ALA B CA  1 
ATOM   1065 C  C   . ALA B 1 40  ? -0.627  2.330   -23.728 1.00 39.07 ? 40  ALA B C   1 
ATOM   1066 O  O   . ALA B 1 40  ? 0.174   2.813   -24.532 1.00 41.81 ? 40  ALA B O   1 
ATOM   1067 C  CB  . ALA B 1 40  ? -0.033  -0.069  -23.209 1.00 34.83 ? 40  ALA B CB  1 
ATOM   1068 N  N   . ASP B 1 41  ? -1.158  3.039   -22.738 1.00 35.72 ? 41  ASP B N   1 
ATOM   1069 C  CA  . ASP B 1 41  ? -0.753  4.425   -22.533 1.00 41.00 ? 41  ASP B CA  1 
ATOM   1070 C  C   . ASP B 1 41  ? 0.746   4.446   -22.255 1.00 44.99 ? 41  ASP B C   1 
ATOM   1071 O  O   . ASP B 1 41  ? 1.467   5.287   -22.785 1.00 50.93 ? 41  ASP B O   1 
ATOM   1072 C  CB  . ASP B 1 41  ? -1.499  5.049   -21.352 1.00 51.61 ? 41  ASP B CB  1 
ATOM   1073 C  CG  . ASP B 1 41  ? -2.939  5.364   -21.672 1.00 54.08 ? 41  ASP B CG  1 
ATOM   1074 O  OD1 . ASP B 1 41  ? -3.189  5.866   -22.785 1.00 53.47 ? 41  ASP B OD1 1 
ATOM   1075 O  OD2 . ASP B 1 41  ? -3.817  5.127   -20.811 1.00 57.20 ? 41  ASP B OD2 1 
ATOM   1076 N  N   . ILE B 1 42  ? 1.210   3.522   -21.415 1.00 46.37 ? 42  ILE B N   1 
ATOM   1077 C  CA  . ILE B 1 42  ? 2.635   3.441   -21.093 1.00 49.39 ? 42  ILE B CA  1 
ATOM   1078 C  C   . ILE B 1 42  ? 3.180   2.102   -21.580 1.00 44.90 ? 42  ILE B C   1 
ATOM   1079 O  O   . ILE B 1 42  ? 3.047   1.070   -20.918 1.00 50.24 ? 42  ILE B O   1 
ATOM   1080 C  CB  . ILE B 1 42  ? 2.887   3.624   -19.565 1.00 37.48 ? 42  ILE B CB  1 
ATOM   1081 C  CG1 . ILE B 1 42  ? 2.486   5.046   -19.158 1.00 40.11 ? 42  ILE B CG1 1 
ATOM   1082 C  CG2 . ILE B 1 42  ? 4.367   3.387   -19.222 1.00 28.32 ? 42  ILE B CG2 1 
ATOM   1083 C  CD1 . ILE B 1 42  ? 2.648   5.326   -17.704 1.00 45.93 ? 42  ILE B CD1 1 
ATOM   1084 N  N   . ARG B 1 43  ? 3.791   2.155   -22.758 1.00 47.35 ? 43  ARG B N   1 
ATOM   1085 C  CA  . ARG B 1 43  ? 4.346   1.000   -23.445 1.00 44.80 ? 43  ARG B CA  1 
ATOM   1086 C  C   . ARG B 1 43  ? 5.554   0.346   -22.771 1.00 47.65 ? 43  ARG B C   1 
ATOM   1087 O  O   . ARG B 1 43  ? 6.569   1.000   -22.510 1.00 48.21 ? 43  ARG B O   1 
ATOM   1088 C  CB  . ARG B 1 43  ? 4.690   1.426   -24.876 1.00 52.46 ? 43  ARG B CB  1 
ATOM   1089 C  CG  . ARG B 1 43  ? 5.298   0.355   -25.754 1.00 63.39 ? 43  ARG B CG  1 
ATOM   1090 C  CD  . ARG B 1 43  ? 5.716   0.943   -27.099 1.00 60.08 ? 43  ARG B CD  1 
ATOM   1091 N  NE  . ARG B 1 43  ? 6.349   -0.050  -27.968 1.00 61.13 ? 43  ARG B NE  1 
ATOM   1092 C  CZ  . ARG B 1 43  ? 7.616   -0.444  -27.872 1.00 68.65 ? 43  ARG B CZ  1 
ATOM   1093 N  NH1 . ARG B 1 43  ? 8.414   0.068   -26.938 1.00 77.74 ? 43  ARG B NH1 1 
ATOM   1094 N  NH2 . ARG B 1 43  ? 8.087   -1.351  -28.723 1.00 59.12 ? 43  ARG B NH2 1 
ATOM   1095 N  N   . ILE B 1 44  ? 5.436   -0.954  -22.501 1.00 39.12 ? 44  ILE B N   1 
ATOM   1096 C  CA  . ILE B 1 44  ? 6.508   -1.726  -21.870 1.00 46.94 ? 44  ILE B CA  1 
ATOM   1097 C  C   . ILE B 1 44  ? 7.109   -2.711  -22.875 1.00 41.81 ? 44  ILE B C   1 
ATOM   1098 O  O   . ILE B 1 44  ? 6.383   -3.437  -23.555 1.00 45.53 ? 44  ILE B O   1 
ATOM   1099 C  CB  . ILE B 1 44  ? 5.983   -2.531  -20.654 1.00 39.75 ? 44  ILE B CB  1 
ATOM   1100 C  CG1 . ILE B 1 44  ? 5.454   -1.580  -19.572 1.00 35.92 ? 44  ILE B CG1 1 
ATOM   1101 C  CG2 . ILE B 1 44  ? 7.082   -3.406  -20.100 1.00 43.08 ? 44  ILE B CG2 1 
ATOM   1102 C  CD1 . ILE B 1 44  ? 6.474   -0.558  -19.091 1.00 30.56 ? 44  ILE B CD1 1 
ATOM   1103 N  N   . LYS B 1 45  ? 8.437   -2.744  -22.979 1.00 38.87 ? 45  LYS B N   1 
ATOM   1104 C  CA  . LYS B 1 45  ? 9.083   -3.652  -23.924 1.00 36.39 ? 45  LYS B CA  1 
ATOM   1105 C  C   . LYS B 1 45  ? 9.569   -4.891  -23.207 1.00 41.28 ? 45  LYS B C   1 
ATOM   1106 O  O   . LYS B 1 45  ? 10.630  -4.885  -22.579 1.00 47.84 ? 45  LYS B O   1 
ATOM   1107 C  CB  . LYS B 1 45  ? 10.257  -2.966  -24.629 1.00 47.87 ? 45  LYS B CB  1 
ATOM   1108 C  CG  . LYS B 1 45  ? 10.791  -3.777  -25.798 1.00 58.96 ? 45  LYS B CG  1 
ATOM   1109 C  CD  . LYS B 1 45  ? 11.887  -3.054  -26.564 1.00 61.79 ? 45  LYS B CD  1 
ATOM   1110 C  CE  . LYS B 1 45  ? 12.524  -3.986  -27.599 1.00 59.02 ? 45  LYS B CE  1 
ATOM   1111 N  NZ  . LYS B 1 45  ? 13.649  -3.333  -28.326 1.00 66.27 ? 45  LYS B NZ  1 
ATOM   1112 N  N   . SER B 1 46  ? 8.788   -5.958  -23.299 1.00 35.29 ? 46  SER B N   1 
ATOM   1113 C  CA  . SER B 1 46  ? 9.124   -7.209  -22.635 1.00 39.55 ? 46  SER B CA  1 
ATOM   1114 C  C   . SER B 1 46  ? 8.130   -8.279  -23.077 1.00 43.92 ? 46  SER B C   1 
ATOM   1115 O  O   . SER B 1 46  ? 6.922   -8.053  -23.070 1.00 40.12 ? 46  SER B O   1 
ATOM   1116 C  CB  . SER B 1 46  ? 9.054   -7.012  -21.117 1.00 32.39 ? 46  SER B CB  1 
ATOM   1117 O  OG  . SER B 1 46  ? 9.036   -8.251  -20.423 1.00 48.81 ? 46  SER B OG  1 
ATOM   1118 N  N   . GLN B 1 47  ? 8.636   -9.443  -23.459 1.00 43.93 ? 47  GLN B N   1 
ATOM   1119 C  CA  . GLN B 1 47  ? 7.765   -10.510 -23.916 1.00 54.16 ? 47  GLN B CA  1 
ATOM   1120 C  C   . GLN B 1 47  ? 6.956   -11.135 -22.780 1.00 50.50 ? 47  GLN B C   1 
ATOM   1121 O  O   . GLN B 1 47  ? 5.996   -11.875 -23.020 1.00 52.48 ? 47  GLN B O   1 
ATOM   1122 C  CB  . GLN B 1 47  ? 8.587   -11.600 -24.603 1.00 73.67 ? 47  GLN B CB  1 
ATOM   1123 C  CG  . GLN B 1 47  ? 7.739   -12.615 -25.359 1.00 94.44 ? 47  GLN B CG  1 
ATOM   1124 C  CD  . GLN B 1 47  ? 8.442   -13.949 -25.549 1.00 99.00 ? 47  GLN B CD  1 
ATOM   1125 O  OE1 . GLN B 1 47  ? 9.567   -14.007 -26.049 1.00 99.00 ? 47  GLN B OE1 1 
ATOM   1126 N  NE2 . GLN B 1 47  ? 7.776   -15.033 -25.153 1.00 99.00 ? 47  GLN B NE2 1 
ATOM   1127 N  N   . PHE B 1 48  ? 7.330   -10.822 -21.545 1.00 44.88 ? 48  PHE B N   1 
ATOM   1128 C  CA  . PHE B 1 48  ? 6.659   -11.397 -20.386 1.00 58.68 ? 48  PHE B CA  1 
ATOM   1129 C  C   . PHE B 1 48  ? 5.622   -10.483 -19.739 1.00 63.02 ? 48  PHE B C   1 
ATOM   1130 O  O   . PHE B 1 48  ? 4.992   -10.845 -18.750 1.00 61.68 ? 48  PHE B O   1 
ATOM   1131 C  CB  . PHE B 1 48  ? 7.719   -11.841 -19.376 1.00 69.49 ? 48  PHE B CB  1 
ATOM   1132 C  CG  . PHE B 1 48  ? 8.898   -12.516 -20.022 1.00 83.24 ? 48  PHE B CG  1 
ATOM   1133 C  CD1 . PHE B 1 48  ? 8.704   -13.498 -20.994 1.00 87.68 ? 48  PHE B CD1 1 
ATOM   1134 C  CD2 . PHE B 1 48  ? 10.196  -12.152 -19.691 1.00 89.39 ? 48  PHE B CD2 1 
ATOM   1135 C  CE1 . PHE B 1 48  ? 9.785   -14.096 -21.636 1.00 95.54 ? 48  PHE B CE1 1 
ATOM   1136 C  CE2 . PHE B 1 48  ? 11.285  -12.746 -20.328 1.00 97.37 ? 48  PHE B CE2 1 
ATOM   1137 C  CZ  . PHE B 1 48  ? 11.078  -13.722 -21.299 1.00 99.00 ? 48  PHE B CZ  1 
ATOM   1138 N  N   . VAL B 1 49  ? 5.445   -9.302  -20.312 1.00 53.50 ? 49  VAL B N   1 
ATOM   1139 C  CA  . VAL B 1 49  ? 4.460   -8.351  -19.821 1.00 57.17 ? 49  VAL B CA  1 
ATOM   1140 C  C   . VAL B 1 49  ? 3.224   -8.436  -20.724 1.00 49.90 ? 49  VAL B C   1 
ATOM   1141 O  O   . VAL B 1 49  ? 3.336   -8.348  -21.947 1.00 48.18 ? 49  VAL B O   1 
ATOM   1142 C  CB  . VAL B 1 49  ? 5.025   -6.914  -19.846 1.00 66.69 ? 49  VAL B CB  1 
ATOM   1143 C  CG1 . VAL B 1 49  ? 3.903   -5.905  -19.840 1.00 65.04 ? 49  VAL B CG1 1 
ATOM   1144 C  CG2 . VAL B 1 49  ? 5.916   -6.695  -18.642 1.00 68.48 ? 49  VAL B CG2 1 
ATOM   1145 N  N   . SER B 1 50  ? 2.051   -8.610  -20.120 1.00 45.66 ? 50  SER B N   1 
ATOM   1146 C  CA  . SER B 1 50  ? 0.793   -8.704  -20.870 1.00 50.31 ? 50  SER B CA  1 
ATOM   1147 C  C   . SER B 1 50  ? 0.503   -7.479  -21.752 1.00 45.91 ? 50  SER B C   1 
ATOM   1148 O  O   . SER B 1 50  ? 1.056   -6.397  -21.537 1.00 39.27 ? 50  SER B O   1 
ATOM   1149 C  CB  . SER B 1 50  ? -0.371  -8.915  -19.899 1.00 52.23 ? 50  SER B CB  1 
ATOM   1150 O  OG  . SER B 1 50  ? -0.231  -10.129 -19.175 1.00 51.20 ? 50  SER B OG  1 
ATOM   1151 N  N   . ARG B 1 51  ? -0.367  -7.658  -22.747 1.00 48.70 ? 51  ARG B N   1 
ATOM   1152 C  CA  . ARG B 1 51  ? -0.733  -6.573  -23.659 1.00 50.67 ? 51  ARG B CA  1 
ATOM   1153 C  C   . ARG B 1 51  ? -1.135  -5.340  -22.859 1.00 40.98 ? 51  ARG B C   1 
ATOM   1154 O  O   . ARG B 1 51  ? -0.723  -4.221  -23.174 1.00 41.69 ? 51  ARG B O   1 
ATOM   1155 C  CB  . ARG B 1 51  ? -1.882  -6.996  -24.563 1.00 52.42 ? 51  ARG B CB  1 
ATOM   1156 C  CG  . ARG B 1 51  ? -1.547  -8.129  -25.514 1.00 49.56 ? 51  ARG B CG  1 
ATOM   1157 C  CD  . ARG B 1 51  ? -2.089  -7.801  -26.891 1.00 65.61 ? 51  ARG B CD  1 
ATOM   1158 N  NE  . ARG B 1 51  ? -2.496  -8.981  -27.643 1.00 87.35 ? 51  ARG B NE  1 
ATOM   1159 C  CZ  . ARG B 1 51  ? -2.989  -8.943  -28.879 1.00 99.00 ? 51  ARG B CZ  1 
ATOM   1160 N  NH1 . ARG B 1 51  ? -3.133  -7.781  -29.507 1.00 99.00 ? 51  ARG B NH1 1 
ATOM   1161 N  NH2 . ARG B 1 51  ? -3.349  -10.067 -29.484 1.00 99.00 ? 51  ARG B NH2 1 
ATOM   1162 N  N   . ILE B 1 52  ? -1.962  -5.561  -21.838 1.00 45.75 ? 52  ILE B N   1 
ATOM   1163 C  CA  . ILE B 1 52  ? -2.400  -4.510  -20.916 1.00 46.13 ? 52  ILE B CA  1 
ATOM   1164 C  C   . ILE B 1 52  ? -2.209  -5.179  -19.551 1.00 42.96 ? 52  ILE B C   1 
ATOM   1165 O  O   . ILE B 1 52  ? -3.116  -5.814  -19.014 1.00 37.31 ? 52  ILE B O   1 
ATOM   1166 C  CB  . ILE B 1 52  ? -3.890  -4.131  -21.100 1.00 43.88 ? 52  ILE B CB  1 
ATOM   1167 C  CG1 . ILE B 1 52  ? -4.139  -3.577  -22.506 1.00 42.29 ? 52  ILE B CG1 1 
ATOM   1168 C  CG2 . ILE B 1 52  ? -4.269  -3.060  -20.091 1.00 42.76 ? 52  ILE B CG2 1 
ATOM   1169 C  CD1 . ILE B 1 52  ? -3.613  -2.172  -22.721 1.00 38.22 ? 52  ILE B CD1 1 
ATOM   1170 N  N   . HIS B 1 53  ? -1.003  -5.033  -19.010 1.00 45.52 ? 53  HIS B N   1 
ATOM   1171 C  CA  . HIS B 1 53  ? -0.620  -5.647  -17.746 1.00 41.23 ? 53  HIS B CA  1 
ATOM   1172 C  C   . HIS B 1 53  ? -1.266  -5.046  -16.512 1.00 42.84 ? 53  HIS B C   1 
ATOM   1173 O  O   . HIS B 1 53  ? -1.686  -5.775  -15.613 1.00 47.94 ? 53  HIS B O   1 
ATOM   1174 C  CB  . HIS B 1 53  ? 0.900   -5.579  -17.590 1.00 45.73 ? 53  HIS B CB  1 
ATOM   1175 C  CG  . HIS B 1 53  ? 1.459   -6.601  -16.650 1.00 54.21 ? 53  HIS B CG  1 
ATOM   1176 N  ND1 . HIS B 1 53  ? 1.892   -7.837  -17.074 1.00 50.90 ? 53  HIS B ND1 1 
ATOM   1177 C  CD2 . HIS B 1 53  ? 1.651   -6.567  -15.311 1.00 50.07 ? 53  HIS B CD2 1 
ATOM   1178 C  CE1 . HIS B 1 53  ? 2.335   -8.522  -16.033 1.00 45.91 ? 53  HIS B CE1 1 
ATOM   1179 N  NE2 . HIS B 1 53  ? 2.200   -7.776  -14.954 1.00 46.73 ? 53  HIS B NE2 1 
ATOM   1180 N  N   . ALA B 1 54  ? -1.325  -3.720  -16.459 1.00 38.86 ? 54  ALA B N   1 
ATOM   1181 C  CA  . ALA B 1 54  ? -1.907  -3.040  -15.309 1.00 45.33 ? 54  ALA B CA  1 
ATOM   1182 C  C   . ALA B 1 54  ? -2.284  -1.600  -15.641 1.00 55.42 ? 54  ALA B C   1 
ATOM   1183 O  O   . ALA B 1 54  ? -1.912  -1.079  -16.698 1.00 47.57 ? 54  ALA B O   1 
ATOM   1184 C  CB  . ALA B 1 54  ? -0.923  -3.072  -14.139 1.00 40.55 ? 54  ALA B CB  1 
ATOM   1185 N  N   . VAL B 1 55  ? -3.020  -0.966  -14.729 1.00 55.67 ? 55  VAL B N   1 
ATOM   1186 C  CA  . VAL B 1 55  ? -3.464  0.411   -14.906 1.00 48.61 ? 55  VAL B CA  1 
ATOM   1187 C  C   . VAL B 1 55  ? -3.133  1.270   -13.684 1.00 38.40 ? 55  VAL B C   1 
ATOM   1188 O  O   . VAL B 1 55  ? -2.982  0.757   -12.573 1.00 41.75 ? 55  VAL B O   1 
ATOM   1189 C  CB  . VAL B 1 55  ? -4.995  0.486   -15.139 1.00 44.06 ? 55  VAL B CB  1 
ATOM   1190 C  CG1 . VAL B 1 55  ? -5.399  -0.410  -16.292 1.00 40.77 ? 55  VAL B CG1 1 
ATOM   1191 C  CG2 . VAL B 1 55  ? -5.731  0.072   -13.882 1.00 42.74 ? 55  VAL B CG2 1 
ATOM   1192 N  N   . LEU B 1 56  ? -3.030  2.572   -13.911 1.00 34.09 ? 56  LEU B N   1 
ATOM   1193 C  CA  . LEU B 1 56  ? -2.738  3.538   -12.870 1.00 28.76 ? 56  LEU B CA  1 
ATOM   1194 C  C   . LEU B 1 56  ? -3.938  4.464   -12.779 1.00 34.44 ? 56  LEU B C   1 
ATOM   1195 O  O   . LEU B 1 56  ? -4.424  4.950   -13.805 1.00 36.85 ? 56  LEU B O   1 
ATOM   1196 C  CB  . LEU B 1 56  ? -1.500  4.371   -13.226 1.00 27.43 ? 56  LEU B CB  1 
ATOM   1197 C  CG  . LEU B 1 56  ? -0.184  3.619   -13.431 1.00 36.08 ? 56  LEU B CG  1 
ATOM   1198 C  CD1 . LEU B 1 56  ? 0.905   4.611   -13.811 1.00 35.10 ? 56  LEU B CD1 1 
ATOM   1199 C  CD2 . LEU B 1 56  ? 0.203   2.868   -12.171 1.00 40.36 ? 56  LEU B CD2 1 
ATOM   1200 N  N   . VAL B 1 57  ? -4.412  4.708   -11.561 1.00 31.09 ? 57  VAL B N   1 
ATOM   1201 C  CA  . VAL B 1 57  ? -5.560  5.580   -11.345 1.00 23.62 ? 57  VAL B CA  1 
ATOM   1202 C  C   . VAL B 1 57  ? -5.143  6.692   -10.406 1.00 38.61 ? 57  VAL B C   1 
ATOM   1203 O  O   . VAL B 1 57  ? -4.691  6.428   -9.298  1.00 41.08 ? 57  VAL B O   1 
ATOM   1204 C  CB  . VAL B 1 57  ? -6.739  4.808   -10.716 1.00 27.10 ? 57  VAL B CB  1 
ATOM   1205 C  CG1 . VAL B 1 57  ? -7.917  5.746   -10.514 1.00 32.66 ? 57  VAL B CG1 1 
ATOM   1206 C  CG2 . VAL B 1 57  ? -7.146  3.642   -11.613 1.00 25.57 ? 57  VAL B CG2 1 
ATOM   1207 N  N   . ARG B 1 58  ? -5.291  7.934   -10.849 1.00 44.69 ? 58  ARG B N   1 
ATOM   1208 C  CA  . ARG B 1 58  ? -4.904  9.070   -10.026 1.00 41.29 ? 58  ARG B CA  1 
ATOM   1209 C  C   . ARG B 1 58  ? -5.957  9.461   -8.991  1.00 47.62 ? 58  ARG B C   1 
ATOM   1210 O  O   . ARG B 1 58  ? -7.146  9.266   -9.210  1.00 51.61 ? 58  ARG B O   1 
ATOM   1211 C  CB  . ARG B 1 58  ? -4.598  10.272  -10.918 1.00 44.27 ? 58  ARG B CB  1 
ATOM   1212 C  CG  . ARG B 1 58  ? -4.313  11.543  -10.148 1.00 55.18 ? 58  ARG B CG  1 
ATOM   1213 C  CD  . ARG B 1 58  ? -3.906  12.647  -11.085 1.00 67.28 ? 58  ARG B CD  1 
ATOM   1214 N  NE  . ARG B 1 58  ? -2.723  13.332  -10.578 1.00 88.79 ? 58  ARG B NE  1 
ATOM   1215 C  CZ  . ARG B 1 58  ? -1.862  14.002  -11.337 1.00 99.00 ? 58  ARG B CZ  1 
ATOM   1216 N  NH1 . ARG B 1 58  ? -0.813  14.594  -10.788 1.00 99.00 ? 58  ARG B NH1 1 
ATOM   1217 N  NH2 . ARG B 1 58  ? -2.045  14.075  -12.646 1.00 99.00 ? 58  ARG B NH2 1 
ATOM   1218 N  N   . LYS B 1 59  ? -5.498  9.996   -7.859  1.00 50.87 ? 59  LYS B N   1 
ATOM   1219 C  CA  . LYS B 1 59  ? -6.372  10.465  -6.771  1.00 52.73 ? 59  LYS B CA  1 
ATOM   1220 C  C   . LYS B 1 59  ? -5.801  11.802  -6.313  1.00 68.89 ? 59  LYS B C   1 
ATOM   1221 O  O   . LYS B 1 59  ? -4.607  11.900  -6.019  1.00 69.48 ? 59  LYS B O   1 
ATOM   1222 C  CB  . LYS B 1 59  ? -6.378  9.483   -5.610  1.00 35.65 ? 59  LYS B CB  1 
ATOM   1223 N  N   . SER B 1 60  ? -6.643  12.829  -6.251  1.00 79.43 ? 60  SER B N   1 
ATOM   1224 C  CA  . SER B 1 60  ? -6.164  14.150  -5.859  1.00 88.04 ? 60  SER B CA  1 
ATOM   1225 C  C   . SER B 1 60  ? -6.986  14.879  -4.795  1.00 92.09 ? 60  SER B C   1 
ATOM   1226 O  O   . SER B 1 60  ? -8.071  15.390  -5.071  1.00 99.00 ? 60  SER B O   1 
ATOM   1227 C  CB  . SER B 1 60  ? -6.027  15.029  -7.112  1.00 86.97 ? 60  SER B CB  1 
ATOM   1228 O  OG  . SER B 1 60  ? -6.676  14.440  -8.229  1.00 86.07 ? 60  SER B OG  1 
ATOM   1229 N  N   . SER B 1 61  ? -6.447  14.928  -3.579  1.00 92.53 ? 61  SER B N   1 
ATOM   1230 C  CA  . SER B 1 61  ? -7.098  15.602  -2.460  1.00 94.86 ? 61  SER B CA  1 
ATOM   1231 C  C   . SER B 1 61  ? -6.661  17.074  -2.416  1.00 91.28 ? 61  SER B C   1 
ATOM   1232 O  O   . SER B 1 61  ? -5.811  17.494  -3.203  1.00 98.30 ? 61  SER B O   1 
ATOM   1233 C  CB  . SER B 1 61  ? -6.758  14.897  -1.143  1.00 98.34 ? 61  SER B CB  1 
ATOM   1234 O  OG  . SER B 1 61  ? -5.909  13.780  -1.360  1.00 93.59 ? 61  SER B OG  1 
ATOM   1235 N  N   . ASP B 1 62  ? -7.224  17.840  -1.483  1.00 80.63 ? 62  ASP B N   1 
ATOM   1236 C  CA  . ASP B 1 62  ? -6.949  19.275  -1.376  1.00 82.26 ? 62  ASP B CA  1 
ATOM   1237 C  C   . ASP B 1 62  ? -5.842  19.757  -0.429  1.00 94.69 ? 62  ASP B C   1 
ATOM   1238 O  O   . ASP B 1 62  ? -5.826  19.426  0.759   1.00 97.40 ? 62  ASP B O   1 
ATOM   1239 C  CB  . ASP B 1 62  ? -8.258  20.005  -1.057  1.00 82.04 ? 62  ASP B CB  1 
ATOM   1240 N  N   . ASP B 1 63  ? -4.945  20.578  -0.982  1.00 99.00 ? 63  ASP B N   1 
ATOM   1241 C  CA  . ASP B 1 63  ? -3.816  21.168  -0.258  1.00 99.00 ? 63  ASP B CA  1 
ATOM   1242 C  C   . ASP B 1 63  ? -2.717  20.133  -0.048  1.00 99.00 ? 63  ASP B C   1 
ATOM   1243 O  O   . ASP B 1 63  ? -1.731  20.382  0.652   1.00 99.00 ? 63  ASP B O   1 
ATOM   1244 C  CB  . ASP B 1 63  ? -4.283  21.747  1.097   1.00 99.00 ? 63  ASP B CB  1 
ATOM   1245 N  N   . VAL B 1 64  ? -2.899  18.972  -0.674  1.00 99.00 ? 64  VAL B N   1 
ATOM   1246 C  CA  . VAL B 1 64  ? -1.950  17.872  -0.579  1.00 90.86 ? 64  VAL B CA  1 
ATOM   1247 C  C   . VAL B 1 64  ? -1.692  17.170  -1.919  1.00 96.46 ? 64  VAL B C   1 
ATOM   1248 O  O   . VAL B 1 64  ? -2.470  17.275  -2.867  1.00 97.20 ? 64  VAL B O   1 
ATOM   1249 C  CB  . VAL B 1 64  ? -2.433  16.862  0.451   1.00 70.81 ? 64  VAL B CB  1 
ATOM   1250 N  N   . GLN B 1 65  ? -0.582  16.442  -1.958  1.00 95.91 ? 65  GLN B N   1 
ATOM   1251 C  CA  . GLN B 1 65  ? -0.109  15.699  -3.125  1.00 87.05 ? 65  GLN B CA  1 
ATOM   1252 C  C   . GLN B 1 65  ? -1.119  14.754  -3.775  1.00 78.72 ? 65  GLN B C   1 
ATOM   1253 O  O   . GLN B 1 65  ? -1.974  14.169  -3.104  1.00 79.66 ? 65  GLN B O   1 
ATOM   1254 C  CB  . GLN B 1 65  ? 1.134   14.898  -2.713  1.00 83.85 ? 65  GLN B CB  1 
ATOM   1255 C  CG  . GLN B 1 65  ? 1.901   14.217  -3.835  1.00 82.58 ? 65  GLN B CG  1 
ATOM   1256 C  CD  . GLN B 1 65  ? 3.080   13.412  -3.310  1.00 78.31 ? 65  GLN B CD  1 
ATOM   1257 O  OE1 . GLN B 1 65  ? 3.765   13.839  -2.381  1.00 73.62 ? 65  GLN B OE1 1 
ATOM   1258 N  NE2 . GLN B 1 65  ? 3.328   12.247  -3.908  1.00 68.27 ? 65  GLN B NE2 1 
ATOM   1259 N  N   . ALA B 1 66  ? -1.008  14.622  -5.094  1.00 66.77 ? 66  ALA B N   1 
ATOM   1260 C  CA  . ALA B 1 66  ? -1.857  13.713  -5.857  1.00 58.05 ? 66  ALA B CA  1 
ATOM   1261 C  C   . ALA B 1 66  ? -1.090  12.397  -5.800  1.00 51.04 ? 66  ALA B C   1 
ATOM   1262 O  O   . ALA B 1 66  ? 0.117   12.390  -5.553  1.00 38.46 ? 66  ALA B O   1 
ATOM   1263 C  CB  . ALA B 1 66  ? -1.987  14.189  -7.305  1.00 62.73 ? 66  ALA B CB  1 
ATOM   1264 N  N   . ALA B 1 67  ? -1.764  11.281  -6.006  1.00 48.86 ? 67  ALA B N   1 
ATOM   1265 C  CA  . ALA B 1 67  ? -1.052  10.020  -5.953  1.00 49.22 ? 67  ALA B CA  1 
ATOM   1266 C  C   . ALA B 1 67  ? -1.749  8.973   -6.777  1.00 45.56 ? 67  ALA B C   1 
ATOM   1267 O  O   . ALA B 1 67  ? -2.973  8.990   -6.936  1.00 50.44 ? 67  ALA B O   1 
ATOM   1268 C  CB  . ALA B 1 67  ? -0.916  9.548   -4.520  1.00 45.06 ? 67  ALA B CB  1 
ATOM   1269 N  N   . TYR B 1 68  ? -0.949  8.047   -7.284  1.00 41.78 ? 68  TYR B N   1 
ATOM   1270 C  CA  . TYR B 1 68  ? -1.441  6.968   -8.112  1.00 40.41 ? 68  TYR B CA  1 
ATOM   1271 C  C   . TYR B 1 68  ? -1.538  5.647   -7.378  1.00 42.98 ? 68  TYR B C   1 
ATOM   1272 O  O   . TYR B 1 68  ? -0.696  5.325   -6.535  1.00 35.06 ? 68  TYR B O   1 
ATOM   1273 C  CB  . TYR B 1 68  ? -0.520  6.812   -9.311  1.00 30.18 ? 68  TYR B CB  1 
ATOM   1274 C  CG  . TYR B 1 68  ? -0.618  7.972   -10.259 1.00 36.90 ? 68  TYR B CG  1 
ATOM   1275 C  CD1 . TYR B 1 68  ? -1.526  7.958   -11.322 1.00 36.23 ? 68  TYR B CD1 1 
ATOM   1276 C  CD2 . TYR B 1 68  ? 0.184   9.097   -10.088 1.00 41.99 ? 68  TYR B CD2 1 
ATOM   1277 C  CE1 . TYR B 1 68  ? -1.638  9.039   -12.191 1.00 27.57 ? 68  TYR B CE1 1 
ATOM   1278 C  CE2 . TYR B 1 68  ? 0.082   10.191  -10.950 1.00 45.78 ? 68  TYR B CE2 1 
ATOM   1279 C  CZ  . TYR B 1 68  ? -0.827  10.153  -11.997 1.00 41.95 ? 68  TYR B CZ  1 
ATOM   1280 O  OH  . TYR B 1 68  ? -0.920  11.241  -12.828 1.00 46.31 ? 68  TYR B OH  1 
ATOM   1281 N  N   . ARG B 1 69  ? -2.589  4.900   -7.694  1.00 36.20 ? 69  ARG B N   1 
ATOM   1282 C  CA  . ARG B 1 69  ? -2.793  3.576   -7.136  1.00 43.98 ? 69  ARG B CA  1 
ATOM   1283 C  C   . ARG B 1 69  ? -2.590  2.704   -8.369  1.00 43.55 ? 69  ARG B C   1 
ATOM   1284 O  O   . ARG B 1 69  ? -3.011  3.077   -9.465  1.00 36.98 ? 69  ARG B O   1 
ATOM   1285 C  CB  . ARG B 1 69  ? -4.227  3.421   -6.594  1.00 52.41 ? 69  ARG B CB  1 
ATOM   1286 C  CG  . ARG B 1 69  ? -4.483  2.075   -5.913  1.00 70.62 ? 69  ARG B CG  1 
ATOM   1287 C  CD  . ARG B 1 69  ? -5.753  2.034   -5.053  1.00 77.17 ? 69  ARG B CD  1 
ATOM   1288 N  NE  . ARG B 1 69  ? -6.981  1.895   -5.832  1.00 74.72 ? 69  ARG B NE  1 
ATOM   1289 C  CZ  . ARG B 1 69  ? -7.664  2.914   -6.341  1.00 68.46 ? 69  ARG B CZ  1 
ATOM   1290 N  NH1 . ARG B 1 69  ? -7.238  4.154   -6.148  1.00 72.76 ? 69  ARG B NH1 1 
ATOM   1291 N  NH2 . ARG B 1 69  ? -8.768  2.693   -7.047  1.00 62.36 ? 69  ARG B NH2 1 
ATOM   1292 N  N   . ILE B 1 70  ? -1.925  1.567   -8.226  1.00 35.33 ? 70  ILE B N   1 
ATOM   1293 C  CA  . ILE B 1 70  ? -1.732  0.731   -9.390  1.00 33.21 ? 70  ILE B CA  1 
ATOM   1294 C  C   . ILE B 1 70  ? -2.559  -0.542  -9.231  1.00 40.50 ? 70  ILE B C   1 
ATOM   1295 O  O   . ILE B 1 70  ? -2.484  -1.209  -8.206  1.00 35.78 ? 70  ILE B O   1 
ATOM   1296 C  CB  . ILE B 1 70  ? -0.226  0.419   -9.609  1.00 26.30 ? 70  ILE B CB  1 
ATOM   1297 C  CG1 . ILE B 1 70  ? -0.042  -0.360  -10.914 1.00 36.18 ? 70  ILE B CG1 1 
ATOM   1298 C  CG2 . ILE B 1 70  ? 0.340   -0.331  -8.420  1.00 29.85 ? 70  ILE B CG2 1 
ATOM   1299 C  CD1 . ILE B 1 70  ? 1.420   -0.607  -11.304 1.00 35.11 ? 70  ILE B CD1 1 
ATOM   1300 N  N   . ILE B 1 71  ? -3.372  -0.855  -10.240 1.00 42.25 ? 71  ILE B N   1 
ATOM   1301 C  CA  . ILE B 1 71  ? -4.237  -2.041  -10.204 1.00 35.68 ? 71  ILE B CA  1 
ATOM   1302 C  C   . ILE B 1 71  ? -3.806  -3.069  -11.259 1.00 40.32 ? 71  ILE B C   1 
ATOM   1303 O  O   . ILE B 1 71  ? -3.503  -2.721  -12.398 1.00 49.49 ? 71  ILE B O   1 
ATOM   1304 C  CB  . ILE B 1 71  ? -5.729  -1.671  -10.474 1.00 30.68 ? 71  ILE B CB  1 
ATOM   1305 C  CG1 . ILE B 1 71  ? -6.234  -0.625  -9.477  1.00 43.82 ? 71  ILE B CG1 1 
ATOM   1306 C  CG2 . ILE B 1 71  ? -6.589  -2.899  -10.350 1.00 22.99 ? 71  ILE B CG2 1 
ATOM   1307 C  CD1 . ILE B 1 71  ? -5.640  0.757   -9.650  1.00 54.60 ? 71  ILE B CD1 1 
ATOM   1308 N  N   . ASP B 1 72  ? -3.779  -4.336  -10.873 1.00 44.79 ? 72  ASP B N   1 
ATOM   1309 C  CA  . ASP B 1 72  ? -3.387  -5.412  -11.781 1.00 52.06 ? 72  ASP B CA  1 
ATOM   1310 C  C   . ASP B 1 72  ? -4.486  -5.647  -12.815 1.00 50.99 ? 72  ASP B C   1 
ATOM   1311 O  O   . ASP B 1 72  ? -5.670  -5.451  -12.521 1.00 46.68 ? 72  ASP B O   1 
ATOM   1312 C  CB  . ASP B 1 72  ? -3.143  -6.694  -10.974 1.00 51.54 ? 72  ASP B CB  1 
ATOM   1313 C  CG  . ASP B 1 72  ? -2.737  -7.869  -11.838 1.00 54.77 ? 72  ASP B CG  1 
ATOM   1314 O  OD1 . ASP B 1 72  ? -1.796  -7.723  -12.644 1.00 59.18 ? 72  ASP B OD1 1 
ATOM   1315 O  OD2 . ASP B 1 72  ? -3.350  -8.950  -11.702 1.00 60.20 ? 72  ASP B OD2 1 
ATOM   1316 N  N   . GLY B 1 73  ? -4.088  -6.046  -14.025 1.00 47.63 ? 73  GLY B N   1 
ATOM   1317 C  CA  . GLY B 1 73  ? -5.055  -6.331  -15.074 1.00 46.45 ? 73  GLY B CA  1 
ATOM   1318 C  C   . GLY B 1 73  ? -5.424  -5.183  -15.986 1.00 42.31 ? 73  GLY B C   1 
ATOM   1319 O  O   . GLY B 1 73  ? -4.910  -4.073  -15.837 1.00 33.18 ? 73  GLY B O   1 
ATOM   1320 N  N   . ASP B 1 74  ? -6.321  -5.453  -16.936 1.00 43.29 ? 74  ASP B N   1 
ATOM   1321 C  CA  . ASP B 1 74  ? -6.765  -4.442  -17.896 1.00 37.91 ? 74  ASP B CA  1 
ATOM   1322 C  C   . ASP B 1 74  ? -8.115  -3.829  -17.515 1.00 34.73 ? 74  ASP B C   1 
ATOM   1323 O  O   . ASP B 1 74  ? -8.719  -4.224  -16.519 1.00 31.28 ? 74  ASP B O   1 
ATOM   1324 C  CB  . ASP B 1 74  ? -6.840  -5.046  -19.305 1.00 37.59 ? 74  ASP B CB  1 
ATOM   1325 C  CG  . ASP B 1 74  ? -7.646  -6.349  -19.348 1.00 42.25 ? 74  ASP B CG  1 
ATOM   1326 O  OD1 . ASP B 1 74  ? -8.646  -6.468  -18.592 1.00 35.99 ? 74  ASP B OD1 1 
ATOM   1327 O  OD2 . ASP B 1 74  ? -7.289  -7.249  -20.151 1.00 57.14 ? 74  ASP B OD2 1 
ATOM   1328 N  N   . GLU B 1 75  ? -8.581  -2.871  -18.318 1.00 29.21 ? 75  GLU B N   1 
ATOM   1329 C  CA  . GLU B 1 75  ? -9.853  -2.181  -18.076 1.00 40.16 ? 75  GLU B CA  1 
ATOM   1330 C  C   . GLU B 1 75  ? -11.036 -3.132  -17.985 1.00 48.11 ? 75  GLU B C   1 
ATOM   1331 O  O   . GLU B 1 75  ? -12.118 -2.749  -17.544 1.00 51.79 ? 75  GLU B O   1 
ATOM   1332 C  CB  . GLU B 1 75  ? -10.118 -1.150  -19.175 1.00 42.63 ? 75  GLU B CB  1 
ATOM   1333 C  CG  . GLU B 1 75  ? -9.331  0.140   -19.017 1.00 54.74 ? 75  GLU B CG  1 
ATOM   1334 C  CD  . GLU B 1 75  ? -9.038  0.835   -20.349 1.00 70.35 ? 75  GLU B CD  1 
ATOM   1335 O  OE1 . GLU B 1 75  ? -8.296  0.266   -21.187 1.00 65.93 ? 75  GLU B OE1 1 
ATOM   1336 O  OE2 . GLU B 1 75  ? -9.544  1.958   -20.556 1.00 75.99 ? 75  GLU B OE2 1 
ATOM   1337 N  N   . ASP B 1 76  ? -10.822 -4.372  -18.404 1.00 32.23 ? 76  ASP B N   1 
ATOM   1338 C  CA  . ASP B 1 76  ? -11.867 -5.386  -18.379 1.00 42.46 ? 76  ASP B CA  1 
ATOM   1339 C  C   . ASP B 1 76  ? -11.674 -6.307  -17.191 1.00 60.24 ? 76  ASP B C   1 
ATOM   1340 O  O   . ASP B 1 76  ? -12.090 -7.468  -17.207 1.00 63.16 ? 76  ASP B O   1 
ATOM   1341 C  CB  . ASP B 1 76  ? -11.837 -6.174  -19.687 1.00 50.70 ? 76  ASP B CB  1 
ATOM   1342 C  CG  . ASP B 1 76  ? -12.284 -5.333  -20.867 1.00 52.71 ? 76  ASP B CG  1 
ATOM   1343 O  OD1 . ASP B 1 76  ? -11.732 -5.483  -21.980 1.00 63.74 ? 76  ASP B OD1 1 
ATOM   1344 O  OD2 . ASP B 1 76  ? -13.204 -4.512  -20.665 1.00 50.95 ? 76  ASP B OD2 1 
ATOM   1345 N  N   . GLY B 1 77  ? -11.037 -5.763  -16.158 1.00 68.46 ? 77  GLY B N   1 
ATOM   1346 C  CA  . GLY B 1 77  ? -10.782 -6.517  -14.946 1.00 69.88 ? 77  GLY B CA  1 
ATOM   1347 C  C   . GLY B 1 77  ? -10.152 -7.882  -15.144 1.00 70.78 ? 77  GLY B C   1 
ATOM   1348 O  O   . GLY B 1 77  ? -10.408 -8.794  -14.360 1.00 73.11 ? 77  GLY B O   1 
ATOM   1349 N  N   . GLN B 1 78  ? -9.322  -8.037  -16.172 1.00 72.50 ? 78  GLN B N   1 
ATOM   1350 C  CA  . GLN B 1 78  ? -8.684  -9.327  -16.420 1.00 71.16 ? 78  GLN B CA  1 
ATOM   1351 C  C   . GLN B 1 78  ? -7.187  -9.319  -16.112 1.00 64.96 ? 78  GLN B C   1 
ATOM   1352 O  O   . GLN B 1 78  ? -6.408  -8.585  -16.724 1.00 60.02 ? 78  GLN B O   1 
ATOM   1353 C  CB  . GLN B 1 78  ? -8.942  -9.765  -17.859 1.00 76.67 ? 78  GLN B CB  1 
ATOM   1354 C  CG  . GLN B 1 78  ? -10.434 -9.834  -18.224 1.00 92.04 ? 78  GLN B CG  1 
ATOM   1355 C  CD  . GLN B 1 78  ? -11.234 -10.825 -17.375 1.00 99.00 ? 78  GLN B CD  1 
ATOM   1356 O  OE1 . GLN B 1 78  ? -11.932 -11.690 -17.910 1.00 99.00 ? 78  GLN B OE1 1 
ATOM   1357 N  NE2 . GLN B 1 78  ? -11.146 -10.696 -16.054 1.00 99.00 ? 78  GLN B NE2 1 
ATOM   1358 N  N   . SER B 1 79  ? -6.806  -10.164 -15.157 1.00 55.97 ? 79  SER B N   1 
ATOM   1359 C  CA  . SER B 1 79  ? -5.431  -10.280 -14.677 1.00 57.56 ? 79  SER B CA  1 
ATOM   1360 C  C   . SER B 1 79  ? -4.396  -10.688 -15.704 1.00 67.28 ? 79  SER B C   1 
ATOM   1361 O  O   . SER B 1 79  ? -4.709  -11.303 -16.725 1.00 68.61 ? 79  SER B O   1 
ATOM   1362 C  CB  . SER B 1 79  ? -5.365  -11.274 -13.517 1.00 57.73 ? 79  SER B CB  1 
ATOM   1363 O  OG  . SER B 1 79  ? -6.651  -11.481 -12.954 1.00 65.23 ? 79  SER B OG  1 
ATOM   1364 N  N   . SER B 1 80  ? -3.149  -10.350 -15.395 1.00 67.99 ? 80  SER B N   1 
ATOM   1365 C  CA  . SER B 1 80  ? -2.016  -10.661 -16.247 1.00 67.30 ? 80  SER B CA  1 
ATOM   1366 C  C   . SER B 1 80  ? -1.269  -11.866 -15.688 1.00 73.04 ? 80  SER B C   1 
ATOM   1367 O  O   . SER B 1 80  ? -1.669  -12.448 -14.682 1.00 74.58 ? 80  SER B O   1 
ATOM   1368 C  CB  . SER B 1 80  ? -1.068  -9.460  -16.297 1.00 66.60 ? 80  SER B CB  1 
ATOM   1369 O  OG  . SER B 1 80  ? -0.588  -9.128  -15.000 1.00 54.45 ? 80  SER B OG  1 
ATOM   1370 N  N   . VAL B 1 81  ? -0.187  -12.239 -16.364 1.00 76.78 ? 81  VAL B N   1 
ATOM   1371 C  CA  . VAL B 1 81  ? 0.662   -13.347 -15.934 1.00 76.29 ? 81  VAL B CA  1 
ATOM   1372 C  C   . VAL B 1 81  ? 1.877   -12.620 -15.387 1.00 72.69 ? 81  VAL B C   1 
ATOM   1373 O  O   . VAL B 1 81  ? 2.419   -11.750 -16.066 1.00 74.85 ? 81  VAL B O   1 
ATOM   1374 C  CB  . VAL B 1 81  ? 1.119   -14.220 -17.113 1.00 77.39 ? 81  VAL B CB  1 
ATOM   1375 C  CG1 . VAL B 1 81  ? 1.202   -15.667 -16.669 1.00 83.22 ? 81  VAL B CG1 1 
ATOM   1376 C  CG2 . VAL B 1 81  ? 0.177   -14.053 -18.294 1.00 62.77 ? 81  VAL B CG2 1 
ATOM   1377 N  N   . ASN B 1 82  ? 2.308   -12.976 -14.180 1.00 65.66 ? 82  ASN B N   1 
ATOM   1378 C  CA  . ASN B 1 82  ? 3.439   -12.309 -13.512 1.00 69.69 ? 82  ASN B CA  1 
ATOM   1379 C  C   . ASN B 1 82  ? 2.919   -11.131 -12.693 1.00 64.41 ? 82  ASN B C   1 
ATOM   1380 O  O   . ASN B 1 82  ? 3.686   -10.448 -12.007 1.00 67.79 ? 82  ASN B O   1 
ATOM   1381 C  CB  . ASN B 1 82  ? 4.476   -11.760 -14.498 1.00 69.26 ? 82  ASN B CB  1 
ATOM   1382 C  CG  . ASN B 1 82  ? 5.177   -12.836 -15.274 1.00 73.69 ? 82  ASN B CG  1 
ATOM   1383 O  OD1 . ASN B 1 82  ? 5.632   -13.835 -14.713 1.00 74.90 ? 82  ASN B OD1 1 
ATOM   1384 N  ND2 . ASN B 1 82  ? 5.294   -12.629 -16.580 1.00 71.49 ? 82  ASN B ND2 1 
ATOM   1385 N  N   . GLY B 1 83  ? 1.621   -10.870 -12.838 1.00 52.82 ? 83  GLY B N   1 
ATOM   1386 C  CA  . GLY B 1 83  ? 0.940   -9.812  -12.112 1.00 39.18 ? 83  GLY B CA  1 
ATOM   1387 C  C   . GLY B 1 83  ? 1.734   -8.605  -11.673 1.00 37.43 ? 83  GLY B C   1 
ATOM   1388 O  O   . GLY B 1 83  ? 2.399   -7.976  -12.487 1.00 43.51 ? 83  GLY B O   1 
ATOM   1389 N  N   . LEU B 1 84  ? 1.643   -8.272  -10.389 1.00 38.83 ? 84  LEU B N   1 
ATOM   1390 C  CA  . LEU B 1 84  ? 2.348   -7.122  -9.840  1.00 38.14 ? 84  LEU B CA  1 
ATOM   1391 C  C   . LEU B 1 84  ? 3.065   -7.615  -8.606  1.00 47.01 ? 84  LEU B C   1 
ATOM   1392 O  O   . LEU B 1 84  ? 2.484   -8.334  -7.791  1.00 42.54 ? 84  LEU B O   1 
ATOM   1393 C  CB  . LEU B 1 84  ? 1.352   -6.023  -9.467  1.00 28.60 ? 84  LEU B CB  1 
ATOM   1394 C  CG  . LEU B 1 84  ? 0.570   -5.424  -10.636 1.00 31.81 ? 84  LEU B CG  1 
ATOM   1395 C  CD1 . LEU B 1 84  ? -0.342  -4.303  -10.120 1.00 39.11 ? 84  LEU B CD1 1 
ATOM   1396 C  CD2 . LEU B 1 84  ? 1.549   -4.903  -11.683 1.00 27.47 ? 84  LEU B CD2 1 
HETATM 1397 N  N   . MSE B 1 85  ? 4.330   -7.248  -8.471  1.00 46.62 ? 85  MSE B N   1 
HETATM 1398 C  CA  . MSE B 1 85  ? 5.105   -7.696  -7.327  1.00 49.46 ? 85  MSE B CA  1 
HETATM 1399 C  C   . MSE B 1 85  ? 5.902   -6.579  -6.677  1.00 51.52 ? 85  MSE B C   1 
HETATM 1400 O  O   . MSE B 1 85  ? 6.703   -5.901  -7.331  1.00 41.99 ? 85  MSE B O   1 
HETATM 1401 C  CB  . MSE B 1 85  ? 6.042   -8.820  -7.757  1.00 56.21 ? 85  MSE B CB  1 
HETATM 1402 C  CG  . MSE B 1 85  ? 6.903   -9.367  -6.639  1.00 63.97 ? 85  MSE B CG  1 
HETATM 1403 SE SE  . MSE B 1 85  ? 7.974   -10.851 -7.245  1.00 99.00 ? 85  MSE B SE  1 
HETATM 1404 C  CE  . MSE B 1 85  ? 6.633   -12.259 -7.106  1.00 46.06 ? 85  MSE B CE  1 
ATOM   1405 N  N   . ILE B 1 86  ? 5.672   -6.399  -5.382  1.00 56.37 ? 86  ILE B N   1 
ATOM   1406 C  CA  . ILE B 1 86  ? 6.360   -5.381  -4.597  1.00 55.04 ? 86  ILE B CA  1 
ATOM   1407 C  C   . ILE B 1 86  ? 6.900   -6.059  -3.329  1.00 47.82 ? 86  ILE B C   1 
ATOM   1408 O  O   . ILE B 1 86  ? 6.188   -6.836  -2.683  1.00 49.28 ? 86  ILE B O   1 
ATOM   1409 C  CB  . ILE B 1 86  ? 5.386   -4.211  -4.251  1.00 50.27 ? 86  ILE B CB  1 
ATOM   1410 C  CG1 . ILE B 1 86  ? 6.013   -3.272  -3.216  1.00 48.11 ? 86  ILE B CG1 1 
ATOM   1411 C  CG2 . ILE B 1 86  ? 4.064   -4.760  -3.769  1.00 58.32 ? 86  ILE B CG2 1 
ATOM   1412 C  CD1 . ILE B 1 86  ? 7.020   -2.289  -3.775  1.00 53.85 ? 86  ILE B CD1 1 
ATOM   1413 N  N   . ASN B 1 87  ? 8.169   -5.784  -3.007  1.00 40.47 ? 87  ASN B N   1 
ATOM   1414 C  CA  . ASN B 1 87  ? 8.834   -6.360  -1.839  1.00 49.73 ? 87  ASN B CA  1 
ATOM   1415 C  C   . ASN B 1 87  ? 8.832   -7.881  -1.864  1.00 55.50 ? 87  ASN B C   1 
ATOM   1416 O  O   . ASN B 1 87  ? 8.833   -8.523  -0.813  1.00 54.90 ? 87  ASN B O   1 
ATOM   1417 C  CB  . ASN B 1 87  ? 8.169   -5.872  -0.553  1.00 57.56 ? 87  ASN B CB  1 
ATOM   1418 C  CG  . ASN B 1 87  ? 8.361   -4.391  -0.330  1.00 66.73 ? 87  ASN B CG  1 
ATOM   1419 O  OD1 . ASN B 1 87  ? 7.594   -3.763  0.400   1.00 69.22 ? 87  ASN B OD1 1 
ATOM   1420 N  ND2 . ASN B 1 87  ? 9.394   -3.823  -0.950  1.00 73.69 ? 87  ASN B ND2 1 
ATOM   1421 N  N   . GLY B 1 88  ? 8.813   -8.449  -3.067  1.00 50.52 ? 88  GLY B N   1 
ATOM   1422 C  CA  . GLY B 1 88  ? 8.831   -9.894  -3.224  1.00 42.63 ? 88  GLY B CA  1 
ATOM   1423 C  C   . GLY B 1 88  ? 7.476   -10.566 -3.160  1.00 48.09 ? 88  GLY B C   1 
ATOM   1424 O  O   . GLY B 1 88  ? 7.377   -11.794 -3.237  1.00 51.58 ? 88  GLY B O   1 
ATOM   1425 N  N   . LYS B 1 89  ? 6.420   -9.771  -3.028  1.00 42.82 ? 89  LYS B N   1 
ATOM   1426 C  CA  . LYS B 1 89  ? 5.075   -10.325 -2.931  1.00 50.64 ? 89  LYS B CA  1 
ATOM   1427 C  C   . LYS B 1 89  ? 4.154   -9.834  -4.052  1.00 53.28 ? 89  LYS B C   1 
ATOM   1428 O  O   . LYS B 1 89  ? 4.267   -8.696  -4.522  1.00 51.10 ? 89  LYS B O   1 
ATOM   1429 C  CB  . LYS B 1 89  ? 4.463   -9.969  -1.565  1.00 58.13 ? 89  LYS B CB  1 
ATOM   1430 C  CG  . LYS B 1 89  ? 5.150   -10.598 -0.354  1.00 58.73 ? 89  LYS B CG  1 
ATOM   1431 C  CD  . LYS B 1 89  ? 4.706   -12.037 -0.158  1.00 65.52 ? 89  LYS B CD  1 
ATOM   1432 C  CE  . LYS B 1 89  ? 5.285   -12.624 1.121   1.00 72.16 ? 89  LYS B CE  1 
ATOM   1433 N  NZ  . LYS B 1 89  ? 4.742   -13.982 1.432   1.00 77.42 ? 89  LYS B NZ  1 
ATOM   1434 N  N   . LYS B 1 90  ? 3.241   -10.709 -4.465  1.00 57.82 ? 90  LYS B N   1 
ATOM   1435 C  CA  . LYS B 1 90  ? 2.280   -10.407 -5.523  1.00 53.09 ? 90  LYS B CA  1 
ATOM   1436 C  C   . LYS B 1 90  ? 1.129   -9.596  -4.960  1.00 46.03 ? 90  LYS B C   1 
ATOM   1437 O  O   . LYS B 1 90  ? 0.480   -10.028 -4.011  1.00 46.50 ? 90  LYS B O   1 
ATOM   1438 C  CB  . LYS B 1 90  ? 1.718   -11.702 -6.107  1.00 50.69 ? 90  LYS B CB  1 
ATOM   1439 C  CG  . LYS B 1 90  ? 1.969   -11.889 -7.587  1.00 64.74 ? 90  LYS B CG  1 
ATOM   1440 C  CD  . LYS B 1 90  ? 3.428   -12.204 -7.891  1.00 70.13 ? 90  LYS B CD  1 
ATOM   1441 C  CE  . LYS B 1 90  ? 3.587   -12.563 -9.362  1.00 71.24 ? 90  LYS B CE  1 
ATOM   1442 N  NZ  . LYS B 1 90  ? 4.949   -13.040 -9.712  1.00 71.18 ? 90  LYS B NZ  1 
ATOM   1443 N  N   . VAL B 1 91  ? 0.875   -8.436  -5.559  1.00 40.17 ? 91  VAL B N   1 
ATOM   1444 C  CA  . VAL B 1 91  ? -0.203  -7.549  -5.124  1.00 38.56 ? 91  VAL B CA  1 
ATOM   1445 C  C   . VAL B 1 91  ? -1.278  -7.304  -6.189  1.00 42.86 ? 91  VAL B C   1 
ATOM   1446 O  O   . VAL B 1 91  ? -1.034  -7.436  -7.392  1.00 40.43 ? 91  VAL B O   1 
ATOM   1447 C  CB  . VAL B 1 91  ? 0.350   -6.190  -4.692  1.00 39.60 ? 91  VAL B CB  1 
ATOM   1448 C  CG1 . VAL B 1 91  ? 1.226   -6.360  -3.487  1.00 39.19 ? 91  VAL B CG1 1 
ATOM   1449 C  CG2 . VAL B 1 91  ? 1.135   -5.567  -5.825  1.00 42.58 ? 91  VAL B CG2 1 
ATOM   1450 N  N   . GLN B 1 92  ? -2.472  -6.940  -5.732  1.00 51.19 ? 92  GLN B N   1 
ATOM   1451 C  CA  . GLN B 1 92  ? -3.586  -6.674  -6.634  1.00 55.79 ? 92  GLN B CA  1 
ATOM   1452 C  C   . GLN B 1 92  ? -3.733  -5.175  -6.843  1.00 46.82 ? 92  GLN B C   1 
ATOM   1453 O  O   . GLN B 1 92  ? -3.945  -4.707  -7.968  1.00 44.29 ? 92  GLN B O   1 
ATOM   1454 C  CB  . GLN B 1 92  ? -4.887  -7.236  -6.059  1.00 56.49 ? 92  GLN B CB  1 
ATOM   1455 C  CG  . GLN B 1 92  ? -4.861  -8.730  -5.858  1.00 70.16 ? 92  GLN B CG  1 
ATOM   1456 C  CD  . GLN B 1 92  ? -4.680  -9.471  -7.157  1.00 74.97 ? 92  GLN B CD  1 
ATOM   1457 O  OE1 . GLN B 1 92  ? -3.722  -9.233  -7.887  1.00 74.02 ? 92  GLN B OE1 1 
ATOM   1458 N  NE2 . GLN B 1 92  ? -5.602  -10.378 -7.457  1.00 78.92 ? 92  GLN B NE2 1 
ATOM   1459 N  N   . GLU B 1 93  ? -3.628  -4.428  -5.750  1.00 47.44 ? 93  GLU B N   1 
ATOM   1460 C  CA  . GLU B 1 93  ? -3.746  -2.981  -5.805  1.00 54.31 ? 93  GLU B CA  1 
ATOM   1461 C  C   . GLU B 1 93  ? -2.716  -2.437  -4.856  1.00 53.22 ? 93  GLU B C   1 
ATOM   1462 O  O   . GLU B 1 93  ? -2.370  -3.081  -3.868  1.00 47.69 ? 93  GLU B O   1 
ATOM   1463 C  CB  . GLU B 1 93  ? -5.129  -2.516  -5.359  1.00 56.92 ? 93  GLU B CB  1 
ATOM   1464 C  CG  . GLU B 1 93  ? -6.252  -3.469  -5.689  1.00 65.65 ? 93  GLU B CG  1 
ATOM   1465 C  CD  . GLU B 1 93  ? -7.509  -2.743  -6.114  1.00 77.03 ? 93  GLU B CD  1 
ATOM   1466 O  OE1 . GLU B 1 93  ? -7.751  -1.609  -5.630  1.00 66.18 ? 93  GLU B OE1 1 
ATOM   1467 O  OE2 . GLU B 1 93  ? -8.254  -3.320  -6.934  1.00 85.32 ? 93  GLU B OE2 1 
ATOM   1468 N  N   . HIS B 1 94  ? -2.249  -1.236  -5.148  1.00 45.23 ? 94  HIS B N   1 
ATOM   1469 C  CA  . HIS B 1 94  ? -1.223  -0.615  -4.336  1.00 42.61 ? 94  HIS B CA  1 
ATOM   1470 C  C   . HIS B 1 94  ? -1.167  0.891   -4.545  1.00 46.45 ? 94  HIS B C   1 
ATOM   1471 O  O   . HIS B 1 94  ? -1.064  1.378   -5.678  1.00 35.85 ? 94  HIS B O   1 
ATOM   1472 C  CB  . HIS B 1 94  ? 0.133   -1.221  -4.699  1.00 25.92 ? 94  HIS B CB  1 
ATOM   1473 C  CG  . HIS B 1 94  ? 1.291   -0.566  -4.022  1.00 30.75 ? 94  HIS B CG  1 
ATOM   1474 N  ND1 . HIS B 1 94  ? 1.595   -0.780  -2.695  1.00 30.67 ? 94  HIS B ND1 1 
ATOM   1475 C  CD2 . HIS B 1 94  ? 2.210   0.320   -4.479  1.00 35.58 ? 94  HIS B CD2 1 
ATOM   1476 C  CE1 . HIS B 1 94  ? 2.650   -0.054  -2.362  1.00 38.26 ? 94  HIS B CE1 1 
ATOM   1477 N  NE2 . HIS B 1 94  ? 3.040   0.624   -3.429  1.00 42.33 ? 94  HIS B NE2 1 
ATOM   1478 N  N   . ILE B 1 95  ? -1.242  1.639   -3.454  1.00 40.96 ? 95  ILE B N   1 
ATOM   1479 C  CA  . ILE B 1 95  ? -1.144  3.076   -3.579  1.00 36.11 ? 95  ILE B CA  1 
ATOM   1480 C  C   . ILE B 1 95  ? 0.351   3.332   -3.732  1.00 37.47 ? 95  ILE B C   1 
ATOM   1481 O  O   . ILE B 1 95  ? 1.133   3.027   -2.835  1.00 38.18 ? 95  ILE B O   1 
ATOM   1482 C  CB  . ILE B 1 95  ? -1.673  3.765   -2.333  1.00 35.87 ? 95  ILE B CB  1 
ATOM   1483 C  CG1 . ILE B 1 95  ? -3.167  3.451   -2.181  1.00 37.12 ? 95  ILE B CG1 1 
ATOM   1484 C  CG2 . ILE B 1 95  ? -1.421  5.259   -2.431  1.00 22.71 ? 95  ILE B CG2 1 
ATOM   1485 C  CD1 . ILE B 1 95  ? -3.761  3.863   -0.842  1.00 43.41 ? 95  ILE B CD1 1 
ATOM   1486 N  N   . ILE B 1 96  ? 0.753   3.869   -4.877  1.00 43.72 ? 96  ILE B N   1 
ATOM   1487 C  CA  . ILE B 1 96  ? 2.167   4.112   -5.113  1.00 42.92 ? 96  ILE B CA  1 
ATOM   1488 C  C   . ILE B 1 96  ? 2.709   5.273   -4.301  1.00 37.17 ? 96  ILE B C   1 
ATOM   1489 O  O   . ILE B 1 96  ? 2.111   6.337   -4.235  1.00 44.67 ? 96  ILE B O   1 
ATOM   1490 C  CB  . ILE B 1 96  ? 2.455   4.367   -6.608  1.00 42.28 ? 96  ILE B CB  1 
ATOM   1491 C  CG1 . ILE B 1 96  ? 2.145   3.108   -7.422  1.00 42.25 ? 96  ILE B CG1 1 
ATOM   1492 C  CG2 . ILE B 1 96  ? 3.914   4.734   -6.801  1.00 40.98 ? 96  ILE B CG2 1 
ATOM   1493 C  CD1 . ILE B 1 96  ? 2.184   3.331   -8.925  1.00 34.60 ? 96  ILE B CD1 1 
ATOM   1494 N  N   . GLN B 1 97  ? 3.857   5.046   -3.679  1.00 28.37 ? 97  GLN B N   1 
ATOM   1495 C  CA  . GLN B 1 97  ? 4.520   6.067   -2.870  1.00 38.91 ? 97  GLN B CA  1 
ATOM   1496 C  C   . GLN B 1 97  ? 5.948   6.229   -3.381  1.00 48.57 ? 97  GLN B C   1 
ATOM   1497 O  O   . GLN B 1 97  ? 6.647   5.240   -3.582  1.00 47.59 ? 97  GLN B O   1 
ATOM   1498 C  CB  . GLN B 1 97  ? 4.519   5.639   -1.399  1.00 35.77 ? 97  GLN B CB  1 
ATOM   1499 C  CG  . GLN B 1 97  ? 5.692   6.150   -0.590  1.00 32.52 ? 97  GLN B CG  1 
ATOM   1500 C  CD  . GLN B 1 97  ? 5.541   5.862   0.892   1.00 56.10 ? 97  GLN B CD  1 
ATOM   1501 O  OE1 . GLN B 1 97  ? 6.502   5.970   1.654   1.00 67.42 ? 97  GLN B OE1 1 
ATOM   1502 N  NE2 . GLN B 1 97  ? 4.326   5.509   1.310   1.00 48.26 ? 97  GLN B NE2 1 
ATOM   1503 N  N   . THR B 1 98  ? 6.384   7.466   -3.591  1.00 59.93 ? 98  THR B N   1 
ATOM   1504 C  CA  . THR B 1 98  ? 7.729   7.701   -4.108  1.00 62.43 ? 98  THR B CA  1 
ATOM   1505 C  C   . THR B 1 98  ? 8.780   6.806   -3.475  1.00 61.32 ? 98  THR B C   1 
ATOM   1506 O  O   . THR B 1 98  ? 8.929   6.759   -2.260  1.00 50.85 ? 98  THR B O   1 
ATOM   1507 C  CB  . THR B 1 98  ? 8.163   9.156   -3.928  1.00 59.77 ? 98  THR B CB  1 
ATOM   1508 O  OG1 . THR B 1 98  ? 9.526   9.293   -4.342  1.00 61.58 ? 98  THR B OG1 1 
ATOM   1509 C  CG2 . THR B 1 98  ? 8.022   9.579   -2.482  1.00 51.66 ? 98  THR B CG2 1 
ATOM   1510 N  N   . GLY B 1 99  ? 9.509   6.085   -4.316  1.00 70.24 ? 99  GLY B N   1 
ATOM   1511 C  CA  . GLY B 1 99  ? 10.531  5.190   -3.814  1.00 78.89 ? 99  GLY B CA  1 
ATOM   1512 C  C   . GLY B 1 99  ? 10.167  3.744   -4.073  1.00 78.98 ? 99  GLY B C   1 
ATOM   1513 O  O   . GLY B 1 99  ? 11.043  2.898   -4.235  1.00 90.11 ? 99  GLY B O   1 
ATOM   1514 N  N   . ASP B 1 100 ? 8.869   3.457   -4.109  1.00 63.40 ? 100 ASP B N   1 
ATOM   1515 C  CA  . ASP B 1 100 ? 8.393   2.101   -4.357  1.00 54.41 ? 100 ASP B CA  1 
ATOM   1516 C  C   . ASP B 1 100 ? 8.901   1.592   -5.703  1.00 53.18 ? 100 ASP B C   1 
ATOM   1517 O  O   . ASP B 1 100 ? 9.191   2.376   -6.611  1.00 53.29 ? 100 ASP B O   1 
ATOM   1518 C  CB  . ASP B 1 100 ? 6.861   2.064   -4.377  1.00 47.96 ? 100 ASP B CB  1 
ATOM   1519 C  CG  . ASP B 1 100 ? 6.244   2.297   -3.012  1.00 57.29 ? 100 ASP B CG  1 
ATOM   1520 O  OD1 . ASP B 1 100 ? 6.923   2.860   -2.128  1.00 69.16 ? 100 ASP B OD1 1 
ATOM   1521 O  OD2 . ASP B 1 100 ? 5.064   1.927   -2.830  1.00 51.72 ? 100 ASP B OD2 1 
ATOM   1522 N  N   . GLU B 1 101 ? 9.022   0.272   -5.814  1.00 49.92 ? 101 GLU B N   1 
ATOM   1523 C  CA  . GLU B 1 101 ? 9.442   -0.360  -7.057  1.00 54.78 ? 101 GLU B CA  1 
ATOM   1524 C  C   . GLU B 1 101 ? 8.485   -1.512  -7.316  1.00 54.82 ? 101 GLU B C   1 
ATOM   1525 O  O   . GLU B 1 101 ? 8.197   -2.307  -6.416  1.00 38.66 ? 101 GLU B O   1 
ATOM   1526 C  CB  . GLU B 1 101 ? 10.859  -0.918  -6.979  1.00 58.57 ? 101 GLU B CB  1 
ATOM   1527 C  CG  . GLU B 1 101 ? 11.225  -1.676  -8.249  1.00 62.79 ? 101 GLU B CG  1 
ATOM   1528 C  CD  . GLU B 1 101 ? 12.531  -2.428  -8.158  1.00 63.26 ? 101 GLU B CD  1 
ATOM   1529 O  OE1 . GLU B 1 101 ? 12.633  -3.346  -7.320  1.00 65.18 ? 101 GLU B OE1 1 
ATOM   1530 O  OE2 . GLU B 1 101 ? 13.452  -2.100  -8.933  1.00 59.97 ? 101 GLU B OE2 1 
ATOM   1531 N  N   . ILE B 1 102 ? 7.992   -1.606  -8.547  1.00 58.34 ? 102 ILE B N   1 
ATOM   1532 C  CA  . ILE B 1 102 ? 7.062   -2.668  -8.896  1.00 57.02 ? 102 ILE B CA  1 
ATOM   1533 C  C   . ILE B 1 102 ? 7.618   -3.509  -10.035 1.00 55.03 ? 102 ILE B C   1 
ATOM   1534 O  O   . ILE B 1 102 ? 7.982   -2.984  -11.085 1.00 58.59 ? 102 ILE B O   1 
ATOM   1535 C  CB  . ILE B 1 102 ? 5.710   -2.076  -9.308  1.00 53.42 ? 102 ILE B CB  1 
ATOM   1536 C  CG1 . ILE B 1 102 ? 5.183   -1.178  -8.188  1.00 55.90 ? 102 ILE B CG1 1 
ATOM   1537 C  CG2 . ILE B 1 102 ? 4.726   -3.193  -9.605  1.00 45.84 ? 102 ILE B CG2 1 
ATOM   1538 C  CD1 . ILE B 1 102 ? 4.022   -0.316  -8.595  1.00 57.84 ? 102 ILE B CD1 1 
ATOM   1539 N  N   . VAL B 1 103 ? 7.695   -4.816  -9.819  1.00 56.06 ? 103 VAL B N   1 
ATOM   1540 C  CA  . VAL B 1 103 ? 8.206   -5.720  -10.842 1.00 52.23 ? 103 VAL B CA  1 
ATOM   1541 C  C   . VAL B 1 103 ? 7.051   -6.460  -11.508 1.00 48.47 ? 103 VAL B C   1 
ATOM   1542 O  O   . VAL B 1 103 ? 6.251   -7.132  -10.845 1.00 45.27 ? 103 VAL B O   1 
ATOM   1543 C  CB  . VAL B 1 103 ? 9.205   -6.733  -10.246 1.00 64.14 ? 103 VAL B CB  1 
ATOM   1544 C  CG1 . VAL B 1 103 ? 9.439   -7.879  -11.218 1.00 63.26 ? 103 VAL B CG1 1 
ATOM   1545 C  CG2 . VAL B 1 103 ? 10.522  -6.035  -9.965  1.00 68.53 ? 103 VAL B CG2 1 
HETATM 1546 N  N   . MSE B 1 104 ? 6.978   -6.327  -12.829 1.00 47.73 ? 104 MSE B N   1 
HETATM 1547 C  CA  . MSE B 1 104 ? 5.920   -6.941  -13.613 1.00 45.76 ? 104 MSE B CA  1 
HETATM 1548 C  C   . MSE B 1 104 ? 6.367   -8.201  -14.317 1.00 45.99 ? 104 MSE B C   1 
HETATM 1549 O  O   . MSE B 1 104 ? 5.591   -8.817  -15.043 1.00 56.05 ? 104 MSE B O   1 
HETATM 1550 C  CB  . MSE B 1 104 ? 5.401   -5.947  -14.638 1.00 40.59 ? 104 MSE B CB  1 
HETATM 1551 C  CG  . MSE B 1 104 ? 4.787   -4.724  -14.013 1.00 39.35 ? 104 MSE B CG  1 
HETATM 1552 SE SE  . MSE B 1 104 ? 4.689   -3.266  -15.248 1.00 69.89 ? 104 MSE B SE  1 
HETATM 1553 C  CE  . MSE B 1 104 ? 6.267   -2.331  -14.687 1.00 99.00 ? 104 MSE B CE  1 
ATOM   1554 N  N   . GLY B 1 105 ? 7.618   -8.585  -14.103 1.00 49.34 ? 105 GLY B N   1 
ATOM   1555 C  CA  . GLY B 1 105 ? 8.120   -9.792  -14.723 1.00 55.98 ? 105 GLY B CA  1 
ATOM   1556 C  C   . GLY B 1 105 ? 9.628   -9.861  -14.684 1.00 66.67 ? 105 GLY B C   1 
ATOM   1557 O  O   . GLY B 1 105 ? 10.281  -8.935  -14.204 1.00 56.62 ? 105 GLY B O   1 
ATOM   1558 N  N   . PRO B 1 106 ? 10.211  -10.960 -15.184 1.00 76.64 ? 106 PRO B N   1 
ATOM   1559 C  CA  . PRO B 1 106 ? 11.664  -11.126 -15.196 1.00 75.77 ? 106 PRO B CA  1 
ATOM   1560 C  C   . PRO B 1 106 ? 12.354  -9.979  -15.923 1.00 72.54 ? 106 PRO B C   1 
ATOM   1561 O  O   . PRO B 1 106 ? 12.086  -9.732  -17.100 1.00 85.33 ? 106 PRO B O   1 
ATOM   1562 C  CB  . PRO B 1 106 ? 11.853  -12.460 -15.923 1.00 72.44 ? 106 PRO B CB  1 
ATOM   1563 C  CG  . PRO B 1 106 ? 10.609  -13.215 -15.579 1.00 74.26 ? 106 PRO B CG  1 
ATOM   1564 C  CD  . PRO B 1 106 ? 9.544   -12.154 -15.737 1.00 75.32 ? 106 PRO B CD  1 
ATOM   1565 N  N   . GLN B 1 107 ? 13.221  -9.274  -15.205 1.00 57.81 ? 107 GLN B N   1 
ATOM   1566 C  CA  . GLN B 1 107 ? 13.995  -8.171  -15.770 1.00 62.48 ? 107 GLN B CA  1 
ATOM   1567 C  C   . GLN B 1 107 ? 13.222  -6.872  -16.043 1.00 57.22 ? 107 GLN B C   1 
ATOM   1568 O  O   . GLN B 1 107 ? 13.777  -5.923  -16.605 1.00 60.61 ? 107 GLN B O   1 
ATOM   1569 C  CB  . GLN B 1 107 ? 14.666  -8.635  -17.069 1.00 78.86 ? 107 GLN B CB  1 
ATOM   1570 C  CG  . GLN B 1 107 ? 16.004  -7.990  -17.341 1.00 80.98 ? 107 GLN B CG  1 
ATOM   1571 C  CD  . GLN B 1 107 ? 17.085  -8.551  -16.451 1.00 85.55 ? 107 GLN B CD  1 
ATOM   1572 O  OE1 . GLN B 1 107 ? 16.901  -8.673  -15.242 1.00 91.95 ? 107 GLN B OE1 1 
ATOM   1573 N  NE2 . GLN B 1 107 ? 18.223  -8.899  -17.043 1.00 87.06 ? 107 GLN B NE2 1 
ATOM   1574 N  N   . VAL B 1 108 ? 11.952  -6.808  -15.662 1.00 38.02 ? 108 VAL B N   1 
ATOM   1575 C  CA  . VAL B 1 108 ? 11.210  -5.578  -15.922 1.00 43.81 ? 108 VAL B CA  1 
ATOM   1576 C  C   . VAL B 1 108 ? 10.516  -5.025  -14.676 1.00 54.78 ? 108 VAL B C   1 
ATOM   1577 O  O   . VAL B 1 108 ? 9.882   -5.767  -13.920 1.00 50.52 ? 108 VAL B O   1 
ATOM   1578 C  CB  . VAL B 1 108 ? 10.175  -5.797  -17.051 1.00 57.51 ? 108 VAL B CB  1 
ATOM   1579 C  CG1 . VAL B 1 108 ? 9.165   -6.865  -16.638 1.00 66.43 ? 108 VAL B CG1 1 
ATOM   1580 C  CG2 . VAL B 1 108 ? 9.494   -4.480  -17.389 1.00 60.50 ? 108 VAL B CG2 1 
ATOM   1581 N  N   . SER B 1 109 ? 10.640  -3.717  -14.465 1.00 52.22 ? 109 SER B N   1 
ATOM   1582 C  CA  . SER B 1 109 ? 10.027  -3.078  -13.308 1.00 50.00 ? 109 SER B CA  1 
ATOM   1583 C  C   . SER B 1 109 ? 9.886   -1.564  -13.473 1.00 48.93 ? 109 SER B C   1 
ATOM   1584 O  O   . SER B 1 109 ? 10.497  -0.967  -14.364 1.00 46.33 ? 109 SER B O   1 
ATOM   1585 C  CB  . SER B 1 109 ? 10.862  -3.359  -12.059 1.00 58.60 ? 109 SER B CB  1 
ATOM   1586 O  OG  . SER B 1 109 ? 12.111  -2.690  -12.130 1.00 53.99 ? 109 SER B OG  1 
ATOM   1587 N  N   . VAL B 1 110 ? 9.071   -0.954  -12.613 1.00 51.53 ? 110 VAL B N   1 
ATOM   1588 C  CA  . VAL B 1 110 ? 8.866   0.494   -12.625 1.00 51.95 ? 110 VAL B CA  1 
ATOM   1589 C  C   . VAL B 1 110 ? 9.103   1.054   -11.221 1.00 49.22 ? 110 VAL B C   1 
ATOM   1590 O  O   . VAL B 1 110 ? 8.763   0.422   -10.211 1.00 50.61 ? 110 VAL B O   1 
ATOM   1591 C  CB  . VAL B 1 110 ? 7.418   0.904   -13.092 1.00 33.99 ? 110 VAL B CB  1 
ATOM   1592 C  CG1 . VAL B 1 110 ? 7.246   0.648   -14.573 1.00 30.64 ? 110 VAL B CG1 1 
ATOM   1593 C  CG2 . VAL B 1 110 ? 6.369   0.141   -12.298 1.00 49.84 ? 110 VAL B CG2 1 
ATOM   1594 N  N   . ARG B 1 111 ? 9.701   2.238   -11.169 1.00 35.27 ? 111 ARG B N   1 
ATOM   1595 C  CA  . ARG B 1 111 ? 9.983   2.911   -9.906  1.00 37.48 ? 111 ARG B CA  1 
ATOM   1596 C  C   . ARG B 1 111 ? 9.276   4.255   -9.977  1.00 44.56 ? 111 ARG B C   1 
ATOM   1597 O  O   . ARG B 1 111 ? 9.169   4.854   -11.043 1.00 31.27 ? 111 ARG B O   1 
ATOM   1598 C  CB  . ARG B 1 111 ? 11.485  3.115   -9.733  1.00 29.96 ? 111 ARG B CB  1 
ATOM   1599 N  N   . TYR B 1 112 ? 8.787   4.740   -8.850  1.00 41.78 ? 112 TYR B N   1 
ATOM   1600 C  CA  . TYR B 1 112 ? 8.088   6.003   -8.879  1.00 36.02 ? 112 TYR B CA  1 
ATOM   1601 C  C   . TYR B 1 112 ? 8.756   7.043   -8.004  1.00 38.63 ? 112 TYR B C   1 
ATOM   1602 O  O   . TYR B 1 112 ? 9.326   6.730   -6.964  1.00 44.23 ? 112 TYR B O   1 
ATOM   1603 C  CB  . TYR B 1 112 ? 6.636   5.784   -8.459  1.00 37.34 ? 112 TYR B CB  1 
ATOM   1604 C  CG  . TYR B 1 112 ? 5.872   7.046   -8.166  1.00 32.74 ? 112 TYR B CG  1 
ATOM   1605 C  CD1 . TYR B 1 112 ? 5.682   7.470   -6.850  1.00 37.23 ? 112 TYR B CD1 1 
ATOM   1606 C  CD2 . TYR B 1 112 ? 5.350   7.824   -9.192  1.00 29.44 ? 112 TYR B CD2 1 
ATOM   1607 C  CE1 . TYR B 1 112 ? 4.993   8.633   -6.563  1.00 42.86 ? 112 TYR B CE1 1 
ATOM   1608 C  CE2 . TYR B 1 112 ? 4.655   8.999   -8.911  1.00 36.72 ? 112 TYR B CE2 1 
ATOM   1609 C  CZ  . TYR B 1 112 ? 4.482   9.396   -7.595  1.00 32.52 ? 112 TYR B CZ  1 
ATOM   1610 O  OH  . TYR B 1 112 ? 3.815   10.567  -7.298  1.00 31.80 ? 112 TYR B OH  1 
ATOM   1611 N  N   . GLU B 1 113 ? 8.685   8.290   -8.447  1.00 41.57 ? 113 GLU B N   1 
ATOM   1612 C  CA  . GLU B 1 113 ? 9.268   9.400   -7.722  1.00 42.30 ? 113 GLU B CA  1 
ATOM   1613 C  C   . GLU B 1 113 ? 8.392   10.643  -7.906  1.00 42.65 ? 113 GLU B C   1 
ATOM   1614 O  O   . GLU B 1 113 ? 7.707   10.786  -8.910  1.00 31.82 ? 113 GLU B O   1 
ATOM   1615 C  CB  . GLU B 1 113 ? 10.686  9.683   -8.246  1.00 44.11 ? 113 GLU B CB  1 
ATOM   1616 C  CG  . GLU B 1 113 ? 11.741  8.649   -7.863  1.00 49.02 ? 113 GLU B CG  1 
ATOM   1617 C  CD  . GLU B 1 113 ? 13.138  9.030   -8.341  1.00 53.86 ? 113 GLU B CD  1 
ATOM   1618 O  OE1 . GLU B 1 113 ? 13.423  10.240  -8.410  1.00 61.15 ? 113 GLU B OE1 1 
ATOM   1619 O  OE2 . GLU B 1 113 ? 13.957  8.131   -8.632  1.00 48.39 ? 113 GLU B OE2 1 
ATOM   1620 N  N   . TYR B 1 114 ? 8.387   11.526  -6.920  1.00 56.76 ? 114 TYR B N   1 
ATOM   1621 C  CA  . TYR B 1 114 ? 7.639   12.767  -7.030  1.00 53.69 ? 114 TYR B CA  1 
ATOM   1622 C  C   . TYR B 1 114 ? 8.751   13.819  -7.047  1.00 61.34 ? 114 TYR B C   1 
ATOM   1623 O  O   . TYR B 1 114 ? 9.228   14.258  -6.000  1.00 54.33 ? 114 TYR B O   1 
ATOM   1624 C  CB  . TYR B 1 114 ? 6.716   12.951  -5.826  1.00 49.79 ? 114 TYR B CB  1 
ATOM   1625 C  CG  . TYR B 1 114 ? 5.807   14.154  -5.947  1.00 64.11 ? 114 TYR B CG  1 
ATOM   1626 C  CD1 . TYR B 1 114 ? 4.845   14.225  -6.957  1.00 71.42 ? 114 TYR B CD1 1 
ATOM   1627 C  CD2 . TYR B 1 114 ? 5.922   15.234  -5.070  1.00 63.69 ? 114 TYR B CD2 1 
ATOM   1628 C  CE1 . TYR B 1 114 ? 4.028   15.344  -7.098  1.00 73.67 ? 114 TYR B CE1 1 
ATOM   1629 C  CE2 . TYR B 1 114 ? 5.110   16.363  -5.202  1.00 66.08 ? 114 TYR B CE2 1 
ATOM   1630 C  CZ  . TYR B 1 114 ? 4.165   16.408  -6.217  1.00 72.64 ? 114 TYR B CZ  1 
ATOM   1631 O  OH  . TYR B 1 114 ? 3.368   17.522  -6.370  1.00 77.96 ? 114 TYR B OH  1 
ATOM   1632 N  N   . ARG B 1 115 ? 9.163   14.193  -8.256  1.00 69.67 ? 115 ARG B N   1 
ATOM   1633 C  CA  . ARG B 1 115 ? 10.265  15.129  -8.500  1.00 71.46 ? 115 ARG B CA  1 
ATOM   1634 C  C   . ARG B 1 115 ? 10.014  16.618  -8.381  1.00 74.55 ? 115 ARG B C   1 
ATOM   1635 O  O   . ARG B 1 115 ? 8.979   17.063  -7.896  1.00 82.52 ? 115 ARG B O   1 
ATOM   1636 C  CB  . ARG B 1 115 ? 10.842  14.865  -9.889  1.00 67.69 ? 115 ARG B CB  1 
ATOM   1637 C  CG  . ARG B 1 115 ? 12.274  14.398  -9.908  1.00 68.48 ? 115 ARG B CG  1 
ATOM   1638 C  CD  . ARG B 1 115 ? 12.612  13.748  -11.245 1.00 71.16 ? 115 ARG B CD  1 
ATOM   1639 N  NE  . ARG B 1 115 ? 14.022  13.375  -11.340 1.00 81.05 ? 115 ARG B NE  1 
ATOM   1640 C  CZ  . ARG B 1 115 ? 14.706  12.755  -10.380 1.00 88.40 ? 115 ARG B CZ  1 
ATOM   1641 N  NH1 . ARG B 1 115 ? 14.120  12.433  -9.233  1.00 90.96 ? 115 ARG B NH1 1 
ATOM   1642 N  NH2 . ARG B 1 115 ? 15.979  12.446  -10.569 1.00 86.52 ? 115 ARG B NH2 1 
ATOM   1643 N  N   . ARG B 1 116 ? 11.006  17.373  -8.850  1.00 82.99 ? 116 ARG B N   1 
ATOM   1644 C  CA  . ARG B 1 116 ? 10.994  18.830  -8.847  1.00 89.49 ? 116 ARG B CA  1 
ATOM   1645 C  C   . ARG B 1 116 ? 11.693  19.320  -10.112 1.00 98.52 ? 116 ARG B C   1 
ATOM   1646 O  O   . ARG B 1 116 ? 12.682  20.074  -9.987  1.00 99.00 ? 116 ARG B O   1 
ATOM   1647 C  CB  . ARG B 1 116 ? 11.725  19.356  -7.618  1.00 85.74 ? 116 ARG B CB  1 
HETATM 1648 O  O   . HOH C 2 .   ? -2.546  -3.611  2.064   1.00 40.55 ? 203 HOH A O   1 
HETATM 1649 O  O   . HOH C 2 .   ? -5.525  -3.987  -0.907  1.00 31.14 ? 206 HOH A O   1 
HETATM 1650 O  O   . HOH C 2 .   ? 7.373   -4.863  16.078  1.00 62.65 ? 207 HOH A O   1 
HETATM 1651 O  O   . HOH C 2 .   ? -3.795  13.957  15.770  1.00 56.04 ? 208 HOH A O   1 
HETATM 1652 O  O   . HOH C 2 .   ? 1.714   -7.019  25.476  1.00 78.47 ? 209 HOH A O   1 
HETATM 1653 O  O   . HOH C 2 .   ? 9.370   -18.875 15.863  1.00 58.13 ? 210 HOH A O   1 
HETATM 1654 O  O   . HOH C 2 .   ? -10.258 -11.433 4.878   1.00 46.87 ? 211 HOH A O   1 
HETATM 1655 O  O   . HOH C 2 .   ? -15.192 -5.856  17.792  1.00 74.53 ? 214 HOH A O   1 
HETATM 1656 O  O   . HOH C 2 .   ? -2.999  -2.980  -0.514  1.00 36.19 ? 215 HOH A O   1 
HETATM 1657 O  O   . HOH C 2 .   ? -13.076 22.558  -1.086  1.00 43.49 ? 216 HOH A O   1 
HETATM 1658 O  O   . HOH C 2 .   ? -4.098  -7.349  24.379  1.00 44.22 ? 217 HOH A O   1 
HETATM 1659 O  O   . HOH C 2 .   ? -4.279  -0.412  -2.291  1.00 27.85 ? 218 HOH A O   1 
HETATM 1660 O  O   . HOH C 2 .   ? 4.615   -12.658 5.317   1.00 49.68 ? 219 HOH A O   1 
HETATM 1661 O  O   . HOH C 2 .   ? -1.189  -11.283 20.175  1.00 46.66 ? 222 HOH A O   1 
HETATM 1662 O  O   . HOH C 2 .   ? -6.893  16.878  6.788   1.00 54.29 ? 223 HOH A O   1 
HETATM 1663 O  O   . HOH C 2 .   ? -1.421  -26.547 25.297  1.00 60.31 ? 224 HOH A O   1 
HETATM 1664 O  O   . HOH C 2 .   ? -8.575  -11.964 19.899  1.00 33.38 ? 225 HOH A O   1 
HETATM 1665 O  O   . HOH C 2 .   ? -16.585 10.524  18.729  1.00 42.56 ? 226 HOH A O   1 
HETATM 1666 O  O   . HOH C 2 .   ? -18.500 0.842   8.670   1.00 68.73 ? 228 HOH A O   1 
HETATM 1667 O  O   . HOH C 2 .   ? -0.519  -15.749 15.781  1.00 46.56 ? 229 HOH A O   1 
HETATM 1668 O  O   . HOH C 2 .   ? -13.735 8.178   10.634  1.00 50.25 ? 230 HOH A O   1 
HETATM 1669 O  O   . HOH C 2 .   ? -0.988  13.645  9.508   1.00 69.63 ? 231 HOH A O   1 
HETATM 1670 O  O   . HOH C 2 .   ? 6.069   -17.587 13.369  1.00 52.87 ? 232 HOH A O   1 
HETATM 1671 O  O   . HOH C 2 .   ? -1.165  6.659   1.631   1.00 50.57 ? 233 HOH A O   1 
HETATM 1672 O  O   . HOH C 2 .   ? -12.410 -3.209  8.946   1.00 59.22 ? 237 HOH A O   1 
HETATM 1673 O  O   . HOH C 2 .   ? 7.991   -3.696  24.805  1.00 59.74 ? 240 HOH A O   1 
HETATM 1674 O  O   . HOH C 2 .   ? -2.766  -14.148 17.616  1.00 43.62 ? 243 HOH A O   1 
HETATM 1675 O  O   . HOH C 2 .   ? -15.430 -3.166  14.461  1.00 38.51 ? 246 HOH A O   1 
HETATM 1676 O  O   . HOH C 2 .   ? 0.992   -13.212 3.338   1.00 57.54 ? 247 HOH A O   1 
HETATM 1677 O  O   . HOH D 2 .   ? 13.721  5.391   -8.019  1.00 41.64 ? 201 HOH B O   1 
HETATM 1678 O  O   . HOH D 2 .   ? 13.679  5.479   -5.067  1.00 55.82 ? 213 HOH B O   1 
HETATM 1679 O  O   . HOH D 2 .   ? 2.217   22.394  -12.025 1.00 84.45 ? 220 HOH B O   1 
HETATM 1680 O  O   . HOH D 2 .   ? 14.806  22.037  -10.861 1.00 64.29 ? 221 HOH B O   1 
HETATM 1681 O  O   . HOH D 2 .   ? 4.635   4.608   -23.539 1.00 37.73 ? 227 HOH B O   1 
HETATM 1682 O  O   . HOH D 2 .   ? 16.442  12.567  -14.455 1.00 50.66 ? 234 HOH B O   1 
HETATM 1683 O  O   . HOH D 2 .   ? -3.542  -8.057  -21.567 1.00 44.28 ? 235 HOH B O   1 
HETATM 1684 O  O   . HOH D 2 .   ? -1.326  -10.334 -22.789 1.00 39.25 ? 236 HOH B O   1 
HETATM 1685 O  O   . HOH D 2 .   ? -7.053  12.763  -17.119 1.00 43.40 ? 238 HOH B O   1 
HETATM 1686 O  O   . HOH D 2 .   ? 3.581   -12.765 -2.984  1.00 63.90 ? 239 HOH B O   1 
HETATM 1687 O  O   . HOH D 2 .   ? 1.442   8.049   -6.290  1.00 61.47 ? 241 HOH B O   1 
HETATM 1688 O  O   . HOH D 2 .   ? 5.744   -2.647  -26.990 1.00 61.54 ? 245 HOH B O   1 
HETATM 1689 O  O   . HOH D 2 .   ? 20.438  3.750   -14.335 1.00 38.39 ? 249 HOH B O   1 
HETATM 1690 O  O   . HOH D 2 .   ? -1.519  -11.338 -25.843 1.00 51.92 ? 251 HOH B O   1 
HETATM 1691 O  O   . HOH D 2 .   ? -1.369  8.816   -22.031 1.00 49.90 ? 252 HOH B O   1 
HETATM 1692 O  O   . HOH D 2 .   ? -12.726 13.013  -20.244 1.00 57.47 ? 253 HOH B O   1 
HETATM 1693 O  O   . HOH D 2 .   ? -10.501 7.852   -14.599 1.00 69.25 ? 254 HOH B O   1 
# 
